data_1Q46
# 
_entry.id   1Q46 
# 
_audit_conform.dict_name       mmcif_pdbx.dic 
_audit_conform.dict_version    5.389 
_audit_conform.dict_location   http://mmcif.pdb.org/dictionaries/ascii/mmcif_pdbx.dic 
# 
loop_
_database_2.database_id 
_database_2.database_code 
_database_2.pdbx_database_accession 
_database_2.pdbx_DOI 
PDB   1Q46         pdb_00001q46 10.2210/pdb1q46/pdb 
RCSB  RCSB019893   ?            ?                   
WWPDB D_1000019893 ?            ?                   
# 
loop_
_pdbx_audit_revision_history.ordinal 
_pdbx_audit_revision_history.data_content_type 
_pdbx_audit_revision_history.major_revision 
_pdbx_audit_revision_history.minor_revision 
_pdbx_audit_revision_history.revision_date 
1 'Structure model' 1 0 2003-10-28 
2 'Structure model' 1 1 2008-04-29 
3 'Structure model' 1 2 2011-07-13 
4 'Structure model' 1 3 2024-02-14 
5 'Structure model' 1 4 2024-04-03 
# 
_pdbx_audit_revision_details.ordinal             1 
_pdbx_audit_revision_details.revision_ordinal    1 
_pdbx_audit_revision_details.data_content_type   'Structure model' 
_pdbx_audit_revision_details.provider            repository 
_pdbx_audit_revision_details.type                'Initial release' 
_pdbx_audit_revision_details.description         ? 
_pdbx_audit_revision_details.details             ? 
# 
loop_
_pdbx_audit_revision_group.ordinal 
_pdbx_audit_revision_group.revision_ordinal 
_pdbx_audit_revision_group.data_content_type 
_pdbx_audit_revision_group.group 
1 2 'Structure model' 'Version format compliance' 
2 3 'Structure model' 'Version format compliance' 
3 4 'Structure model' 'Data collection'           
4 4 'Structure model' 'Database references'       
5 5 'Structure model' 'Refinement description'    
# 
loop_
_pdbx_audit_revision_category.ordinal 
_pdbx_audit_revision_category.revision_ordinal 
_pdbx_audit_revision_category.data_content_type 
_pdbx_audit_revision_category.category 
1 4 'Structure model' chem_comp_atom                
2 4 'Structure model' chem_comp_bond                
3 4 'Structure model' database_2                    
4 5 'Structure model' pdbx_initial_refinement_model 
# 
loop_
_pdbx_audit_revision_item.ordinal 
_pdbx_audit_revision_item.revision_ordinal 
_pdbx_audit_revision_item.data_content_type 
_pdbx_audit_revision_item.item 
1 4 'Structure model' '_database_2.pdbx_DOI'                
2 4 'Structure model' '_database_2.pdbx_database_accession' 
# 
_pdbx_database_status.status_code                     REL 
_pdbx_database_status.entry_id                        1Q46 
_pdbx_database_status.recvd_initial_deposition_date   2003-08-01 
_pdbx_database_status.deposit_site                    RCSB 
_pdbx_database_status.process_site                    RCSB 
_pdbx_database_status.status_code_sf                  REL 
_pdbx_database_status.SG_entry                        . 
_pdbx_database_status.pdb_format_compatible           Y 
_pdbx_database_status.status_code_mr                  ? 
_pdbx_database_status.status_code_cs                  ? 
_pdbx_database_status.status_code_nmr_data            ? 
_pdbx_database_status.methods_development_category    ? 
# 
loop_
_audit_author.name 
_audit_author.pdbx_ordinal 
'Dhaliwal, S.'  1 
'Hoffman, D.W.' 2 
# 
_citation.id                        primary 
_citation.title                     
;The crystal structure of the N-terminal region of the alpha subunit of translation initiation factor 2 (eIF2alpha) from Saccharomyces cerevisiae provides a view of the loop containing serine 51, the target of the eIF2alpha-specific kinases.
;
_citation.journal_abbrev            J.Mol.Biol. 
_citation.journal_volume            334 
_citation.page_first                187 
_citation.page_last                 195 
_citation.year                      2003 
_citation.journal_id_ASTM           JMOBAK 
_citation.country                   UK 
_citation.journal_id_ISSN           0022-2836 
_citation.journal_id_CSD            0070 
_citation.book_publisher            ? 
_citation.pdbx_database_id_PubMed   14607111 
_citation.pdbx_database_id_DOI      10.1016/j.jmb.2003.09.045 
# 
loop_
_citation_author.citation_id 
_citation_author.name 
_citation_author.ordinal 
_citation_author.identifier_ORCID 
primary 'Dhaliwal, S.'  1 ? 
primary 'Hoffman, D.W.' 2 ? 
# 
_entity.id                         1 
_entity.type                       polymer 
_entity.src_method                 nat 
_entity.pdbx_description           'translation initiation factor 2 alpha subunit' 
_entity.formula_weight             20597.834 
_entity.pdbx_number_of_molecules   1 
_entity.pdbx_ec                    ? 
_entity.pdbx_mutation              ? 
_entity.pdbx_fragment              'N-terminal two thirds of eIF2a' 
_entity.details                    ? 
# 
_entity_name_com.entity_id   1 
_entity_name_com.name        'eIF-2- alpha' 
# 
_entity_poly.entity_id                      1 
_entity_poly.type                           'polypeptide(L)' 
_entity_poly.nstd_linkage                   no 
_entity_poly.nstd_monomer                   no 
_entity_poly.pdbx_seq_one_letter_code       
;STSHCRFYENKYPEIDDIVMVNVQQIAEMGAYVKLLEYDNIEGMILLSELSRRRIRSIQKLIRVGKNDVAVVLRVDKEKG
YIDLSKRRVSSEDIIKCEEKYQKSKTVHSILRYCAEKFQIPLEELYKTIAWPLSRKFGHAYEAFKLSIIDETVWEGIEPP
SKDVLDELKNYISKR
;
_entity_poly.pdbx_seq_one_letter_code_can   
;STSHCRFYENKYPEIDDIVMVNVQQIAEMGAYVKLLEYDNIEGMILLSELSRRRIRSIQKLIRVGKNDVAVVLRVDKEKG
YIDLSKRRVSSEDIIKCEEKYQKSKTVHSILRYCAEKFQIPLEELYKTIAWPLSRKFGHAYEAFKLSIIDETVWEGIEPP
SKDVLDELKNYISKR
;
_entity_poly.pdbx_strand_id                 A 
_entity_poly.pdbx_target_identifier         ? 
# 
loop_
_entity_poly_seq.entity_id 
_entity_poly_seq.num 
_entity_poly_seq.mon_id 
_entity_poly_seq.hetero 
1 1   SER n 
1 2   THR n 
1 3   SER n 
1 4   HIS n 
1 5   CYS n 
1 6   ARG n 
1 7   PHE n 
1 8   TYR n 
1 9   GLU n 
1 10  ASN n 
1 11  LYS n 
1 12  TYR n 
1 13  PRO n 
1 14  GLU n 
1 15  ILE n 
1 16  ASP n 
1 17  ASP n 
1 18  ILE n 
1 19  VAL n 
1 20  MET n 
1 21  VAL n 
1 22  ASN n 
1 23  VAL n 
1 24  GLN n 
1 25  GLN n 
1 26  ILE n 
1 27  ALA n 
1 28  GLU n 
1 29  MET n 
1 30  GLY n 
1 31  ALA n 
1 32  TYR n 
1 33  VAL n 
1 34  LYS n 
1 35  LEU n 
1 36  LEU n 
1 37  GLU n 
1 38  TYR n 
1 39  ASP n 
1 40  ASN n 
1 41  ILE n 
1 42  GLU n 
1 43  GLY n 
1 44  MET n 
1 45  ILE n 
1 46  LEU n 
1 47  LEU n 
1 48  SER n 
1 49  GLU n 
1 50  LEU n 
1 51  SER n 
1 52  ARG n 
1 53  ARG n 
1 54  ARG n 
1 55  ILE n 
1 56  ARG n 
1 57  SER n 
1 58  ILE n 
1 59  GLN n 
1 60  LYS n 
1 61  LEU n 
1 62  ILE n 
1 63  ARG n 
1 64  VAL n 
1 65  GLY n 
1 66  LYS n 
1 67  ASN n 
1 68  ASP n 
1 69  VAL n 
1 70  ALA n 
1 71  VAL n 
1 72  VAL n 
1 73  LEU n 
1 74  ARG n 
1 75  VAL n 
1 76  ASP n 
1 77  LYS n 
1 78  GLU n 
1 79  LYS n 
1 80  GLY n 
1 81  TYR n 
1 82  ILE n 
1 83  ASP n 
1 84  LEU n 
1 85  SER n 
1 86  LYS n 
1 87  ARG n 
1 88  ARG n 
1 89  VAL n 
1 90  SER n 
1 91  SER n 
1 92  GLU n 
1 93  ASP n 
1 94  ILE n 
1 95  ILE n 
1 96  LYS n 
1 97  CYS n 
1 98  GLU n 
1 99  GLU n 
1 100 LYS n 
1 101 TYR n 
1 102 GLN n 
1 103 LYS n 
1 104 SER n 
1 105 LYS n 
1 106 THR n 
1 107 VAL n 
1 108 HIS n 
1 109 SER n 
1 110 ILE n 
1 111 LEU n 
1 112 ARG n 
1 113 TYR n 
1 114 CYS n 
1 115 ALA n 
1 116 GLU n 
1 117 LYS n 
1 118 PHE n 
1 119 GLN n 
1 120 ILE n 
1 121 PRO n 
1 122 LEU n 
1 123 GLU n 
1 124 GLU n 
1 125 LEU n 
1 126 TYR n 
1 127 LYS n 
1 128 THR n 
1 129 ILE n 
1 130 ALA n 
1 131 TRP n 
1 132 PRO n 
1 133 LEU n 
1 134 SER n 
1 135 ARG n 
1 136 LYS n 
1 137 PHE n 
1 138 GLY n 
1 139 HIS n 
1 140 ALA n 
1 141 TYR n 
1 142 GLU n 
1 143 ALA n 
1 144 PHE n 
1 145 LYS n 
1 146 LEU n 
1 147 SER n 
1 148 ILE n 
1 149 ILE n 
1 150 ASP n 
1 151 GLU n 
1 152 THR n 
1 153 VAL n 
1 154 TRP n 
1 155 GLU n 
1 156 GLY n 
1 157 ILE n 
1 158 GLU n 
1 159 PRO n 
1 160 PRO n 
1 161 SER n 
1 162 LYS n 
1 163 ASP n 
1 164 VAL n 
1 165 LEU n 
1 166 ASP n 
1 167 GLU n 
1 168 LEU n 
1 169 LYS n 
1 170 ASN n 
1 171 TYR n 
1 172 ILE n 
1 173 SER n 
1 174 LYS n 
1 175 ARG n 
# 
_entity_src_nat.entity_id                  1 
_entity_src_nat.pdbx_src_id                1 
_entity_src_nat.pdbx_alt_source_flag       sample 
_entity_src_nat.pdbx_beg_seq_num           ? 
_entity_src_nat.pdbx_end_seq_num           ? 
_entity_src_nat.common_name                
;baker's yeast
;
_entity_src_nat.pdbx_organism_scientific   'Saccharomyces cerevisiae' 
_entity_src_nat.pdbx_ncbi_taxonomy_id      4932 
_entity_src_nat.genus                      Saccharomyces 
_entity_src_nat.species                    ? 
_entity_src_nat.strain                     ? 
_entity_src_nat.tissue                     ? 
_entity_src_nat.tissue_fraction            ? 
_entity_src_nat.pdbx_secretion             ? 
_entity_src_nat.pdbx_fragment              ? 
_entity_src_nat.pdbx_variant               ? 
_entity_src_nat.pdbx_cell_line             ? 
_entity_src_nat.pdbx_atcc                  ? 
_entity_src_nat.pdbx_cellular_location     ? 
_entity_src_nat.pdbx_organ                 ? 
_entity_src_nat.pdbx_organelle             ? 
_entity_src_nat.pdbx_cell                  ? 
_entity_src_nat.pdbx_plasmid_name          ? 
_entity_src_nat.pdbx_plasmid_details       ? 
_entity_src_nat.details                    ? 
# 
loop_
_chem_comp.id 
_chem_comp.type 
_chem_comp.mon_nstd_flag 
_chem_comp.name 
_chem_comp.pdbx_synonyms 
_chem_comp.formula 
_chem_comp.formula_weight 
ALA 'L-peptide linking' y ALANINE         ? 'C3 H7 N O2'     89.093  
ARG 'L-peptide linking' y ARGININE        ? 'C6 H15 N4 O2 1' 175.209 
ASN 'L-peptide linking' y ASPARAGINE      ? 'C4 H8 N2 O3'    132.118 
ASP 'L-peptide linking' y 'ASPARTIC ACID' ? 'C4 H7 N O4'     133.103 
CYS 'L-peptide linking' y CYSTEINE        ? 'C3 H7 N O2 S'   121.158 
GLN 'L-peptide linking' y GLUTAMINE       ? 'C5 H10 N2 O3'   146.144 
GLU 'L-peptide linking' y 'GLUTAMIC ACID' ? 'C5 H9 N O4'     147.129 
GLY 'peptide linking'   y GLYCINE         ? 'C2 H5 N O2'     75.067  
HIS 'L-peptide linking' y HISTIDINE       ? 'C6 H10 N3 O2 1' 156.162 
ILE 'L-peptide linking' y ISOLEUCINE      ? 'C6 H13 N O2'    131.173 
LEU 'L-peptide linking' y LEUCINE         ? 'C6 H13 N O2'    131.173 
LYS 'L-peptide linking' y LYSINE          ? 'C6 H15 N2 O2 1' 147.195 
MET 'L-peptide linking' y METHIONINE      ? 'C5 H11 N O2 S'  149.211 
PHE 'L-peptide linking' y PHENYLALANINE   ? 'C9 H11 N O2'    165.189 
PRO 'L-peptide linking' y PROLINE         ? 'C5 H9 N O2'     115.130 
SER 'L-peptide linking' y SERINE          ? 'C3 H7 N O3'     105.093 
THR 'L-peptide linking' y THREONINE       ? 'C4 H9 N O3'     119.119 
TRP 'L-peptide linking' y TRYPTOPHAN      ? 'C11 H12 N2 O2'  204.225 
TYR 'L-peptide linking' y TYROSINE        ? 'C9 H11 N O3'    181.189 
VAL 'L-peptide linking' y VALINE          ? 'C5 H11 N O2'    117.146 
# 
loop_
_pdbx_poly_seq_scheme.asym_id 
_pdbx_poly_seq_scheme.entity_id 
_pdbx_poly_seq_scheme.seq_id 
_pdbx_poly_seq_scheme.mon_id 
_pdbx_poly_seq_scheme.ndb_seq_num 
_pdbx_poly_seq_scheme.pdb_seq_num 
_pdbx_poly_seq_scheme.auth_seq_num 
_pdbx_poly_seq_scheme.pdb_mon_id 
_pdbx_poly_seq_scheme.auth_mon_id 
_pdbx_poly_seq_scheme.pdb_strand_id 
_pdbx_poly_seq_scheme.pdb_ins_code 
_pdbx_poly_seq_scheme.hetero 
A 1 1   SER 1   1   ?   ?   ?   A . n 
A 1 2   THR 2   2   2   THR THR A . n 
A 1 3   SER 3   3   3   SER SER A . n 
A 1 4   HIS 4   4   4   HIS HIS A . n 
A 1 5   CYS 5   5   5   CYS CYS A . n 
A 1 6   ARG 6   6   6   ARG ARG A . n 
A 1 7   PHE 7   7   7   PHE PHE A . n 
A 1 8   TYR 8   8   8   TYR TYR A . n 
A 1 9   GLU 9   9   9   GLU GLU A . n 
A 1 10  ASN 10  10  10  ASN ASN A . n 
A 1 11  LYS 11  11  11  LYS LYS A . n 
A 1 12  TYR 12  12  12  TYR TYR A . n 
A 1 13  PRO 13  13  13  PRO PRO A . n 
A 1 14  GLU 14  14  14  GLU GLU A . n 
A 1 15  ILE 15  15  15  ILE ILE A . n 
A 1 16  ASP 16  16  16  ASP ASP A . n 
A 1 17  ASP 17  17  17  ASP ASP A . n 
A 1 18  ILE 18  18  18  ILE ILE A . n 
A 1 19  VAL 19  19  19  VAL VAL A . n 
A 1 20  MET 20  20  20  MET MET A . n 
A 1 21  VAL 21  21  21  VAL VAL A . n 
A 1 22  ASN 22  22  22  ASN ASN A . n 
A 1 23  VAL 23  23  23  VAL VAL A . n 
A 1 24  GLN 24  24  24  GLN GLN A . n 
A 1 25  GLN 25  25  25  GLN GLN A . n 
A 1 26  ILE 26  26  26  ILE ILE A . n 
A 1 27  ALA 27  27  27  ALA ALA A . n 
A 1 28  GLU 28  28  28  GLU GLU A . n 
A 1 29  MET 29  29  29  MET MET A . n 
A 1 30  GLY 30  30  30  GLY GLY A . n 
A 1 31  ALA 31  31  31  ALA ALA A . n 
A 1 32  TYR 32  32  32  TYR TYR A . n 
A 1 33  VAL 33  33  33  VAL VAL A . n 
A 1 34  LYS 34  34  34  LYS LYS A . n 
A 1 35  LEU 35  35  35  LEU LEU A . n 
A 1 36  LEU 36  36  36  LEU LEU A . n 
A 1 37  GLU 37  37  37  GLU GLU A . n 
A 1 38  TYR 38  38  38  TYR TYR A . n 
A 1 39  ASP 39  39  39  ASP ASP A . n 
A 1 40  ASN 40  40  40  ASN ASN A . n 
A 1 41  ILE 41  41  41  ILE ILE A . n 
A 1 42  GLU 42  42  42  GLU GLU A . n 
A 1 43  GLY 43  43  43  GLY GLY A . n 
A 1 44  MET 44  44  44  MET MET A . n 
A 1 45  ILE 45  45  45  ILE ILE A . n 
A 1 46  LEU 46  46  46  LEU LEU A . n 
A 1 47  LEU 47  47  47  LEU LEU A . n 
A 1 48  SER 48  48  48  SER SER A . n 
A 1 49  GLU 49  49  49  GLU GLU A . n 
A 1 50  LEU 50  50  50  LEU LEU A . n 
A 1 51  SER 51  51  51  SER SER A . n 
A 1 52  ARG 52  52  52  ARG ARG A . n 
A 1 53  ARG 53  53  53  ARG ARG A . n 
A 1 54  ARG 54  54  54  ARG ARG A . n 
A 1 55  ILE 55  55  55  ILE ILE A . n 
A 1 56  ARG 56  56  56  ARG ARG A . n 
A 1 57  SER 57  57  57  SER SER A . n 
A 1 58  ILE 58  58  58  ILE ILE A . n 
A 1 59  GLN 59  59  59  GLN GLN A . n 
A 1 60  LYS 60  60  60  LYS LYS A . n 
A 1 61  LEU 61  61  61  LEU LEU A . n 
A 1 62  ILE 62  62  62  ILE ILE A . n 
A 1 63  ARG 63  63  63  ARG ARG A . n 
A 1 64  VAL 64  64  64  VAL VAL A . n 
A 1 65  GLY 65  65  65  GLY GLY A . n 
A 1 66  LYS 66  66  66  LYS LYS A . n 
A 1 67  ASN 67  67  67  ASN ASN A . n 
A 1 68  ASP 68  68  68  ASP ASP A . n 
A 1 69  VAL 69  69  69  VAL VAL A . n 
A 1 70  ALA 70  70  70  ALA ALA A . n 
A 1 71  VAL 71  71  71  VAL VAL A . n 
A 1 72  VAL 72  72  72  VAL VAL A . n 
A 1 73  LEU 73  73  73  LEU LEU A . n 
A 1 74  ARG 74  74  74  ARG ARG A . n 
A 1 75  VAL 75  75  75  VAL VAL A . n 
A 1 76  ASP 76  76  76  ASP ASP A . n 
A 1 77  LYS 77  77  77  LYS LYS A . n 
A 1 78  GLU 78  78  78  GLU GLU A . n 
A 1 79  LYS 79  79  79  LYS LYS A . n 
A 1 80  GLY 80  80  80  GLY GLY A . n 
A 1 81  TYR 81  81  81  TYR TYR A . n 
A 1 82  ILE 82  82  82  ILE ILE A . n 
A 1 83  ASP 83  83  83  ASP ASP A . n 
A 1 84  LEU 84  84  84  LEU LEU A . n 
A 1 85  SER 85  85  85  SER SER A . n 
A 1 86  LYS 86  86  86  LYS LYS A . n 
A 1 87  ARG 87  87  87  ARG ARG A . n 
A 1 88  ARG 88  88  88  ARG ARG A . n 
A 1 89  VAL 89  89  89  VAL VAL A . n 
A 1 90  SER 90  90  90  SER SER A . n 
A 1 91  SER 91  91  91  SER SER A . n 
A 1 92  GLU 92  92  92  GLU GLU A . n 
A 1 93  ASP 93  93  93  ASP ASP A . n 
A 1 94  ILE 94  94  94  ILE ILE A . n 
A 1 95  ILE 95  95  95  ILE ILE A . n 
A 1 96  LYS 96  96  96  LYS LYS A . n 
A 1 97  CYS 97  97  97  CYS CYS A . n 
A 1 98  GLU 98  98  98  GLU GLU A . n 
A 1 99  GLU 99  99  99  GLU GLU A . n 
A 1 100 LYS 100 100 100 LYS LYS A . n 
A 1 101 TYR 101 101 101 TYR TYR A . n 
A 1 102 GLN 102 102 102 GLN GLN A . n 
A 1 103 LYS 103 103 103 LYS LYS A . n 
A 1 104 SER 104 104 104 SER SER A . n 
A 1 105 LYS 105 105 105 LYS LYS A . n 
A 1 106 THR 106 106 106 THR THR A . n 
A 1 107 VAL 107 107 107 VAL VAL A . n 
A 1 108 HIS 108 108 108 HIS HIS A . n 
A 1 109 SER 109 109 109 SER SER A . n 
A 1 110 ILE 110 110 110 ILE ILE A . n 
A 1 111 LEU 111 111 111 LEU LEU A . n 
A 1 112 ARG 112 112 112 ARG ARG A . n 
A 1 113 TYR 113 113 113 TYR TYR A . n 
A 1 114 CYS 114 114 114 CYS CYS A . n 
A 1 115 ALA 115 115 115 ALA ALA A . n 
A 1 116 GLU 116 116 116 GLU GLU A . n 
A 1 117 LYS 117 117 117 LYS LYS A . n 
A 1 118 PHE 118 118 118 PHE PHE A . n 
A 1 119 GLN 119 119 119 GLN GLN A . n 
A 1 120 ILE 120 120 120 ILE ILE A . n 
A 1 121 PRO 121 121 121 PRO PRO A . n 
A 1 122 LEU 122 122 122 LEU LEU A . n 
A 1 123 GLU 123 123 123 GLU GLU A . n 
A 1 124 GLU 124 124 124 GLU GLU A . n 
A 1 125 LEU 125 125 125 LEU LEU A . n 
A 1 126 TYR 126 126 126 TYR TYR A . n 
A 1 127 LYS 127 127 127 LYS LYS A . n 
A 1 128 THR 128 128 128 THR THR A . n 
A 1 129 ILE 129 129 129 ILE ILE A . n 
A 1 130 ALA 130 130 130 ALA ALA A . n 
A 1 131 TRP 131 131 131 TRP TRP A . n 
A 1 132 PRO 132 132 132 PRO PRO A . n 
A 1 133 LEU 133 133 133 LEU LEU A . n 
A 1 134 SER 134 134 134 SER SER A . n 
A 1 135 ARG 135 135 135 ARG ARG A . n 
A 1 136 LYS 136 136 136 LYS LYS A . n 
A 1 137 PHE 137 137 137 PHE PHE A . n 
A 1 138 GLY 138 138 138 GLY GLY A . n 
A 1 139 HIS 139 139 139 HIS HIS A . n 
A 1 140 ALA 140 140 140 ALA ALA A . n 
A 1 141 TYR 141 141 141 TYR TYR A . n 
A 1 142 GLU 142 142 142 GLU GLU A . n 
A 1 143 ALA 143 143 143 ALA ALA A . n 
A 1 144 PHE 144 144 144 PHE PHE A . n 
A 1 145 LYS 145 145 145 LYS LYS A . n 
A 1 146 LEU 146 146 146 LEU LEU A . n 
A 1 147 SER 147 147 147 SER SER A . n 
A 1 148 ILE 148 148 148 ILE ILE A . n 
A 1 149 ILE 149 149 149 ILE ILE A . n 
A 1 150 ASP 150 150 150 ASP ASP A . n 
A 1 151 GLU 151 151 151 GLU GLU A . n 
A 1 152 THR 152 152 152 THR THR A . n 
A 1 153 VAL 153 153 153 VAL VAL A . n 
A 1 154 TRP 154 154 154 TRP TRP A . n 
A 1 155 GLU 155 155 155 GLU GLU A . n 
A 1 156 GLY 156 156 156 GLY GLY A . n 
A 1 157 ILE 157 157 157 ILE ILE A . n 
A 1 158 GLU 158 158 158 GLU GLU A . n 
A 1 159 PRO 159 159 159 PRO PRO A . n 
A 1 160 PRO 160 160 160 PRO PRO A . n 
A 1 161 SER 161 161 161 SER SER A . n 
A 1 162 LYS 162 162 162 LYS LYS A . n 
A 1 163 ASP 163 163 163 ASP ASP A . n 
A 1 164 VAL 164 164 164 VAL VAL A . n 
A 1 165 LEU 165 165 165 LEU LEU A . n 
A 1 166 ASP 166 166 166 ASP ASP A . n 
A 1 167 GLU 167 167 167 GLU GLU A . n 
A 1 168 LEU 168 168 168 LEU LEU A . n 
A 1 169 LYS 169 169 169 LYS LYS A . n 
A 1 170 ASN 170 170 170 ASN ASN A . n 
A 1 171 TYR 171 171 171 TYR TYR A . n 
A 1 172 ILE 172 172 172 ILE ILE A . n 
A 1 173 SER 173 173 173 SER SER A . n 
A 1 174 LYS 174 174 174 LYS LYS A . n 
A 1 175 ARG 175 175 175 ARG ARG A . n 
# 
loop_
_software.name 
_software.classification 
_software.version 
_software.citation_id 
_software.pdbx_ordinal 
DENZO     'data reduction' . ? 1 
SCALEPACK 'data scaling'   . ? 2 
CCP4      'model building' . ? 3 
CNS       refinement       . ? 4 
CCP4      phasing          . ? 5 
# 
_cell.entry_id           1Q46 
_cell.length_a           94.009 
_cell.length_b           94.009 
_cell.length_c           81.198 
_cell.angle_alpha        90.00 
_cell.angle_beta         90.00 
_cell.angle_gamma        90.00 
_cell.Z_PDB              8 
_cell.pdbx_unique_axis   ? 
# 
_symmetry.entry_id                         1Q46 
_symmetry.space_group_name_H-M             'P 43 21 2' 
_symmetry.pdbx_full_space_group_name_H-M   ? 
_symmetry.cell_setting                     tetragonal 
_symmetry.Int_Tables_number                96 
# 
_exptl.entry_id          1Q46 
_exptl.method            'X-RAY DIFFRACTION' 
_exptl.crystals_number   1 
# 
_exptl_crystal.id                    1 
_exptl_crystal.density_meas          ? 
_exptl_crystal.density_Matthews      4.35 
_exptl_crystal.density_percent_sol   71.75 
_exptl_crystal.description           ? 
# 
_exptl_crystal_grow.crystal_id      1 
_exptl_crystal_grow.method          'VAPOR DIFFUSION, HANGING DROP' 
_exptl_crystal_grow.temp            293 
_exptl_crystal_grow.temp_details    ? 
_exptl_crystal_grow.pH              4.6 
_exptl_crystal_grow.pdbx_details    
'0.1 M sodium acetate (pH=4.6), 1.8-2.5 M sodium formate, VAPOR DIFFUSION, HANGING DROP, temperature 293K' 
_exptl_crystal_grow.pdbx_pH_range   . 
# 
_diffrn.id                     1 
_diffrn.ambient_temp           293 
_diffrn.ambient_temp_details   ? 
_diffrn.crystal_id             1 
# 
_diffrn_detector.diffrn_id              1 
_diffrn_detector.detector               'IMAGE PLATE' 
_diffrn_detector.type                   MARRESEARCH 
_diffrn_detector.pdbx_collection_date   2003-03-20 
_diffrn_detector.details                'osmium mirror' 
# 
_diffrn_radiation.diffrn_id                        1 
_diffrn_radiation.wavelength_id                    1 
_diffrn_radiation.pdbx_monochromatic_or_laue_m_l   M 
_diffrn_radiation.monochromator                    ? 
_diffrn_radiation.pdbx_diffrn_protocol             'SINGLE WAVELENGTH' 
_diffrn_radiation.pdbx_scattering_type             x-ray 
# 
_diffrn_radiation_wavelength.id           1 
_diffrn_radiation_wavelength.wavelength   1.54 
_diffrn_radiation_wavelength.wt           1.0 
# 
_diffrn_source.diffrn_id                   1 
_diffrn_source.source                      'ROTATING ANODE' 
_diffrn_source.type                        'RIGAKU RU200' 
_diffrn_source.pdbx_synchrotron_site       ? 
_diffrn_source.pdbx_synchrotron_beamline   ? 
_diffrn_source.pdbx_wavelength             ? 
_diffrn_source.pdbx_wavelength_list        1.54 
# 
_reflns.entry_id                     1Q46 
_reflns.number_all                   8830 
_reflns.number_obs                   8830 
_reflns.percent_possible_obs         99.8 
_reflns.observed_criterion_sigma_F   2.0 
_reflns.observed_criterion_sigma_I   ? 
_reflns.d_resolution_high            2.86 
_reflns.d_resolution_low             20.00 
_reflns.pdbx_Rmerge_I_obs            ? 
_reflns.pdbx_Rsym_value              ? 
_reflns.pdbx_netI_over_sigmaI        ? 
_reflns.B_iso_Wilson_estimate        ? 
_reflns.pdbx_redundancy              ? 
_reflns.R_free_details               ? 
_reflns.limit_h_max                  ? 
_reflns.limit_h_min                  ? 
_reflns.limit_k_max                  ? 
_reflns.limit_k_min                  ? 
_reflns.limit_l_max                  ? 
_reflns.limit_l_min                  ? 
_reflns.observed_criterion_F_max     ? 
_reflns.observed_criterion_F_min     ? 
_reflns.pdbx_diffrn_id               1 
_reflns.pdbx_ordinal                 1 
# 
_reflns_shell.d_res_high             2.86 
_reflns_shell.d_res_low              2.96 
_reflns_shell.percent_possible_all   99.9 
_reflns_shell.Rmerge_I_obs           ? 
_reflns_shell.pdbx_Rsym_value        0.583 
_reflns_shell.meanI_over_sigI_obs    1.3 
_reflns_shell.pdbx_redundancy        ? 
_reflns_shell.percent_possible_obs   ? 
_reflns_shell.number_unique_all      ? 
_reflns_shell.pdbx_diffrn_id         ? 
_reflns_shell.pdbx_ordinal           1 
# 
_refine.entry_id                                 1Q46 
_refine.ls_d_res_high                            2.86 
_refine.ls_d_res_low                             20 
_refine.pdbx_ls_sigma_F                          0 
_refine.pdbx_ls_sigma_I                          ? 
_refine.ls_number_reflns_all                     8830 
_refine.ls_number_reflns_obs                     8830 
_refine.ls_number_reflns_R_free                  471 
_refine.ls_percent_reflns_obs                    ? 
_refine.ls_R_factor_all                          0.222 
_refine.ls_R_factor_obs                          0.222 
_refine.ls_R_factor_R_work                       0.2181 
_refine.ls_R_factor_R_free                       0.2362 
_refine.ls_redundancy_reflns_obs                 ? 
_refine.pdbx_data_cutoff_high_absF               ? 
_refine.pdbx_data_cutoff_low_absF                ? 
_refine.ls_number_parameters                     ? 
_refine.ls_number_restraints                     ? 
_refine.ls_percent_reflns_R_free                 ? 
_refine.ls_R_factor_R_free_error                 ? 
_refine.ls_R_factor_R_free_error_details         ? 
_refine.pdbx_method_to_determine_struct          'MOLECULAR REPLACEMENT' 
_refine.pdbx_starting_model                      'human eIF2 alpha subunit' 
_refine.pdbx_ls_cross_valid_method               ? 
_refine.pdbx_R_Free_selection_details            random 
_refine.pdbx_stereochem_target_val_spec_case     ? 
_refine.pdbx_stereochemistry_target_values       'Engh & Huber' 
_refine.solvent_model_details                    ? 
_refine.solvent_model_param_bsol                 ? 
_refine.solvent_model_param_ksol                 ? 
_refine.occupancy_max                            ? 
_refine.occupancy_min                            ? 
_refine.pdbx_isotropic_thermal_model             ? 
_refine.B_iso_mean                               ? 
_refine.aniso_B[1][1]                            ? 
_refine.aniso_B[1][2]                            ? 
_refine.aniso_B[1][3]                            ? 
_refine.aniso_B[2][2]                            ? 
_refine.aniso_B[2][3]                            ? 
_refine.aniso_B[3][3]                            ? 
_refine.details                                  ? 
_refine.B_iso_min                                ? 
_refine.B_iso_max                                ? 
_refine.correlation_coeff_Fo_to_Fc               ? 
_refine.correlation_coeff_Fo_to_Fc_free          ? 
_refine.pdbx_solvent_vdw_probe_radii             ? 
_refine.pdbx_solvent_ion_probe_radii             ? 
_refine.pdbx_solvent_shrinkage_radii             ? 
_refine.overall_SU_R_Cruickshank_DPI             ? 
_refine.overall_SU_R_free                        ? 
_refine.overall_SU_B                             ? 
_refine.overall_SU_ML                            ? 
_refine.pdbx_overall_ESU_R                       ? 
_refine.pdbx_overall_ESU_R_Free                  ? 
_refine.pdbx_data_cutoff_high_rms_absF           ? 
_refine.pdbx_refine_id                           'X-RAY DIFFRACTION' 
_refine.pdbx_diffrn_id                           1 
_refine.pdbx_TLS_residual_ADP_flag               ? 
_refine.pdbx_overall_phase_error                 ? 
_refine.pdbx_overall_SU_R_free_Cruickshank_DPI   ? 
_refine.pdbx_overall_SU_R_Blow_DPI               ? 
_refine.pdbx_overall_SU_R_free_Blow_DPI          ? 
# 
_refine_hist.pdbx_refine_id                   'X-RAY DIFFRACTION' 
_refine_hist.cycle_id                         LAST 
_refine_hist.pdbx_number_atoms_protein        1441 
_refine_hist.pdbx_number_atoms_nucleic_acid   0 
_refine_hist.pdbx_number_atoms_ligand         0 
_refine_hist.number_atoms_solvent             0 
_refine_hist.number_atoms_total               1441 
_refine_hist.d_res_high                       2.86 
_refine_hist.d_res_low                        20 
# 
loop_
_refine_ls_restr.type 
_refine_ls_restr.dev_ideal 
_refine_ls_restr.dev_ideal_target 
_refine_ls_restr.weight 
_refine_ls_restr.number 
_refine_ls_restr.pdbx_refine_id 
_refine_ls_restr.pdbx_restraint_function 
c_bond_d    0.0066 ? ? ? 'X-RAY DIFFRACTION' ? 
c_angle_deg 1.2159 ? ? ? 'X-RAY DIFFRACTION' ? 
# 
_refine_ls_shell.pdbx_total_number_of_bins_used   ? 
_refine_ls_shell.d_res_high                       2.86 
_refine_ls_shell.d_res_low                        2.96 
_refine_ls_shell.number_reflns_R_work             ? 
_refine_ls_shell.R_factor_R_work                  ? 
_refine_ls_shell.percent_reflns_obs               ? 
_refine_ls_shell.R_factor_R_free                  ? 
_refine_ls_shell.R_factor_R_free_error            ? 
_refine_ls_shell.percent_reflns_R_free            ? 
_refine_ls_shell.number_reflns_R_free             ? 
_refine_ls_shell.number_reflns_obs                ? 
_refine_ls_shell.redundancy_reflns_obs            ? 
_refine_ls_shell.number_reflns_all                ? 
_refine_ls_shell.pdbx_refine_id                   'X-RAY DIFFRACTION' 
_refine_ls_shell.R_factor_all                     ? 
# 
_struct.entry_id                  1Q46 
_struct.title                     'crystal structure of the eIF2 alpha subunit from saccharomyces cerevisia' 
_struct.pdbx_model_details        ? 
_struct.pdbx_CASP_flag            ? 
_struct.pdbx_model_type_details   ? 
# 
_struct_keywords.entry_id        1Q46 
_struct_keywords.pdbx_keywords   TRANSLATION 
_struct_keywords.text            'initiation factor, eIF2, translation, phosphorylation site' 
# 
_struct_asym.id                            A 
_struct_asym.pdbx_blank_PDB_chainid_flag   N 
_struct_asym.pdbx_modified                 N 
_struct_asym.entity_id                     1 
_struct_asym.details                       ? 
# 
_struct_ref.id                         1 
_struct_ref.db_name                    UNP 
_struct_ref.db_code                    IF2A_YEAST 
_struct_ref.pdbx_db_accession          P20459 
_struct_ref.entity_id                  1 
_struct_ref.pdbx_seq_one_letter_code   
;STSHCRFYENKYPEIDDIVMVNVQQIAEMGAYVKLLEYDNIEGMILLSELSRRRIRSIQKLIRVGKNDVAVVLRVDKEKG
YIDLSKRRVSSEDIIKCEEKYQKSKTVHSILRYCAEKFQIPLEELYKTIAWPLSRKFGHAYEAFKLSIIDETVWEGIEPP
SKDVLDELKNYISKR
;
_struct_ref.pdbx_align_begin           2 
_struct_ref.pdbx_db_isoform            ? 
# 
_struct_ref_seq.align_id                      1 
_struct_ref_seq.ref_id                        1 
_struct_ref_seq.pdbx_PDB_id_code              1Q46 
_struct_ref_seq.pdbx_strand_id                A 
_struct_ref_seq.seq_align_beg                 1 
_struct_ref_seq.pdbx_seq_align_beg_ins_code   ? 
_struct_ref_seq.seq_align_end                 175 
_struct_ref_seq.pdbx_seq_align_end_ins_code   ? 
_struct_ref_seq.pdbx_db_accession             P20459 
_struct_ref_seq.db_align_beg                  2 
_struct_ref_seq.pdbx_db_align_beg_ins_code    ? 
_struct_ref_seq.db_align_end                  176 
_struct_ref_seq.pdbx_db_align_end_ins_code    ? 
_struct_ref_seq.pdbx_auth_seq_align_beg       1 
_struct_ref_seq.pdbx_auth_seq_align_end       175 
# 
_pdbx_struct_assembly.id                   1 
_pdbx_struct_assembly.details              author_defined_assembly 
_pdbx_struct_assembly.method_details       ? 
_pdbx_struct_assembly.oligomeric_details   monomeric 
_pdbx_struct_assembly.oligomeric_count     1 
# 
_pdbx_struct_assembly_gen.assembly_id       1 
_pdbx_struct_assembly_gen.oper_expression   1 
_pdbx_struct_assembly_gen.asym_id_list      A 
# 
_pdbx_struct_oper_list.id                   1 
_pdbx_struct_oper_list.type                 'identity operation' 
_pdbx_struct_oper_list.name                 1_555 
_pdbx_struct_oper_list.symmetry_operation   x,y,z 
_pdbx_struct_oper_list.matrix[1][1]         1.0000000000 
_pdbx_struct_oper_list.matrix[1][2]         0.0000000000 
_pdbx_struct_oper_list.matrix[1][3]         0.0000000000 
_pdbx_struct_oper_list.vector[1]            0.0000000000 
_pdbx_struct_oper_list.matrix[2][1]         0.0000000000 
_pdbx_struct_oper_list.matrix[2][2]         1.0000000000 
_pdbx_struct_oper_list.matrix[2][3]         0.0000000000 
_pdbx_struct_oper_list.vector[2]            0.0000000000 
_pdbx_struct_oper_list.matrix[3][1]         0.0000000000 
_pdbx_struct_oper_list.matrix[3][2]         0.0000000000 
_pdbx_struct_oper_list.matrix[3][3]         1.0000000000 
_pdbx_struct_oper_list.vector[3]            0.0000000000 
# 
_struct_biol.id                    1 
_struct_biol.pdbx_parent_biol_id   ? 
_struct_biol.details               ? 
# 
loop_
_struct_conf.conf_type_id 
_struct_conf.id 
_struct_conf.pdbx_PDB_helix_id 
_struct_conf.beg_label_comp_id 
_struct_conf.beg_label_asym_id 
_struct_conf.beg_label_seq_id 
_struct_conf.pdbx_beg_PDB_ins_code 
_struct_conf.end_label_comp_id 
_struct_conf.end_label_asym_id 
_struct_conf.end_label_seq_id 
_struct_conf.pdbx_end_PDB_ins_code 
_struct_conf.beg_auth_comp_id 
_struct_conf.beg_auth_asym_id 
_struct_conf.beg_auth_seq_id 
_struct_conf.end_auth_comp_id 
_struct_conf.end_auth_asym_id 
_struct_conf.end_auth_seq_id 
_struct_conf.pdbx_PDB_helix_class 
_struct_conf.details 
_struct_conf.pdbx_PDB_helix_length 
HELX_P HELX_P1 1 SER A 48  ? LEU A 50  ? SER A 48  LEU A 50  5 ? 3  
HELX_P HELX_P2 2 SER A 57  ? LEU A 61  ? SER A 57  LEU A 61  5 ? 5  
HELX_P HELX_P3 3 SER A 90  ? PHE A 118 ? SER A 90  PHE A 118 1 ? 29 
HELX_P HELX_P4 4 PRO A 121 ? ILE A 129 ? PRO A 121 ILE A 129 1 ? 9  
HELX_P HELX_P5 5 ILE A 129 ? GLY A 138 ? ILE A 129 GLY A 138 1 ? 10 
HELX_P HELX_P6 6 HIS A 139 ? ASP A 150 ? HIS A 139 ASP A 150 1 ? 12 
HELX_P HELX_P7 7 GLU A 151 ? GLU A 155 ? GLU A 151 GLU A 155 5 ? 5  
HELX_P HELX_P8 8 SER A 161 ? LYS A 174 ? SER A 161 LYS A 174 1 ? 14 
# 
_struct_conf_type.id          HELX_P 
_struct_conf_type.criteria    ? 
_struct_conf_type.reference   ? 
# 
_struct_sheet.id               A 
_struct_sheet.type             ? 
_struct_sheet.number_strands   6 
_struct_sheet.details          ? 
# 
loop_
_struct_sheet_order.sheet_id 
_struct_sheet_order.range_id_1 
_struct_sheet_order.range_id_2 
_struct_sheet_order.offset 
_struct_sheet_order.sense 
A 1 2 ? anti-parallel 
A 2 3 ? anti-parallel 
A 3 4 ? parallel      
A 4 5 ? anti-parallel 
A 5 6 ? anti-parallel 
# 
loop_
_struct_sheet_range.sheet_id 
_struct_sheet_range.id 
_struct_sheet_range.beg_label_comp_id 
_struct_sheet_range.beg_label_asym_id 
_struct_sheet_range.beg_label_seq_id 
_struct_sheet_range.pdbx_beg_PDB_ins_code 
_struct_sheet_range.end_label_comp_id 
_struct_sheet_range.end_label_asym_id 
_struct_sheet_range.end_label_seq_id 
_struct_sheet_range.pdbx_end_PDB_ins_code 
_struct_sheet_range.beg_auth_comp_id 
_struct_sheet_range.beg_auth_asym_id 
_struct_sheet_range.beg_auth_seq_id 
_struct_sheet_range.end_auth_comp_id 
_struct_sheet_range.end_auth_asym_id 
_struct_sheet_range.end_auth_seq_id 
A 1 ILE A 18 ? ILE A 26 ? ILE A 18 ILE A 26 
A 2 GLY A 30 ? LEU A 35 ? GLY A 30 LEU A 35 
A 3 GLU A 42 ? LEU A 46 ? GLU A 42 LEU A 46 
A 4 TYR A 81 ? SER A 85 ? TYR A 81 SER A 85 
A 5 ASN A 67 ? ASP A 76 ? ASN A 67 ASP A 76 
A 6 ILE A 18 ? ILE A 26 ? ILE A 18 ILE A 26 
# 
loop_
_pdbx_struct_sheet_hbond.sheet_id 
_pdbx_struct_sheet_hbond.range_id_1 
_pdbx_struct_sheet_hbond.range_id_2 
_pdbx_struct_sheet_hbond.range_1_label_atom_id 
_pdbx_struct_sheet_hbond.range_1_label_comp_id 
_pdbx_struct_sheet_hbond.range_1_label_asym_id 
_pdbx_struct_sheet_hbond.range_1_label_seq_id 
_pdbx_struct_sheet_hbond.range_1_PDB_ins_code 
_pdbx_struct_sheet_hbond.range_1_auth_atom_id 
_pdbx_struct_sheet_hbond.range_1_auth_comp_id 
_pdbx_struct_sheet_hbond.range_1_auth_asym_id 
_pdbx_struct_sheet_hbond.range_1_auth_seq_id 
_pdbx_struct_sheet_hbond.range_2_label_atom_id 
_pdbx_struct_sheet_hbond.range_2_label_comp_id 
_pdbx_struct_sheet_hbond.range_2_label_asym_id 
_pdbx_struct_sheet_hbond.range_2_label_seq_id 
_pdbx_struct_sheet_hbond.range_2_PDB_ins_code 
_pdbx_struct_sheet_hbond.range_2_auth_atom_id 
_pdbx_struct_sheet_hbond.range_2_auth_comp_id 
_pdbx_struct_sheet_hbond.range_2_auth_asym_id 
_pdbx_struct_sheet_hbond.range_2_auth_seq_id 
A 1 2 N GLN A 25 ? N GLN A 25 O TYR A 32 ? O TYR A 32 
A 2 3 N VAL A 33 ? N VAL A 33 O GLY A 43 ? O GLY A 43 
A 3 4 N MET A 44 ? N MET A 44 O ILE A 82 ? O ILE A 82 
A 4 5 O TYR A 81 ? O TYR A 81 N ASP A 76 ? N ASP A 76 
A 5 6 O ASP A 68 ? O ASP A 68 N VAL A 21 ? N VAL A 21 
# 
loop_
_pdbx_validate_torsion.id 
_pdbx_validate_torsion.PDB_model_num 
_pdbx_validate_torsion.auth_comp_id 
_pdbx_validate_torsion.auth_asym_id 
_pdbx_validate_torsion.auth_seq_id 
_pdbx_validate_torsion.PDB_ins_code 
_pdbx_validate_torsion.label_alt_id 
_pdbx_validate_torsion.phi 
_pdbx_validate_torsion.psi 
1 1 ASP A 16  ? ? 80.25   -0.17  
2 1 SER A 57  ? ? 165.79  58.09  
3 1 GLN A 59  ? ? -49.36  -5.98  
4 1 ILE A 129 ? ? -119.44 -78.08 
5 1 ASP A 150 ? ? -161.77 111.34 
# 
_pdbx_unobs_or_zero_occ_residues.id               1 
_pdbx_unobs_or_zero_occ_residues.PDB_model_num    1 
_pdbx_unobs_or_zero_occ_residues.polymer_flag     Y 
_pdbx_unobs_or_zero_occ_residues.occupancy_flag   1 
_pdbx_unobs_or_zero_occ_residues.auth_asym_id     A 
_pdbx_unobs_or_zero_occ_residues.auth_comp_id     SER 
_pdbx_unobs_or_zero_occ_residues.auth_seq_id      1 
_pdbx_unobs_or_zero_occ_residues.PDB_ins_code     ? 
_pdbx_unobs_or_zero_occ_residues.label_asym_id    A 
_pdbx_unobs_or_zero_occ_residues.label_comp_id    SER 
_pdbx_unobs_or_zero_occ_residues.label_seq_id     1 
# 
loop_
_chem_comp_atom.comp_id 
_chem_comp_atom.atom_id 
_chem_comp_atom.type_symbol 
_chem_comp_atom.pdbx_aromatic_flag 
_chem_comp_atom.pdbx_stereo_config 
_chem_comp_atom.pdbx_ordinal 
ALA N    N N N 1   
ALA CA   C N S 2   
ALA C    C N N 3   
ALA O    O N N 4   
ALA CB   C N N 5   
ALA OXT  O N N 6   
ALA H    H N N 7   
ALA H2   H N N 8   
ALA HA   H N N 9   
ALA HB1  H N N 10  
ALA HB2  H N N 11  
ALA HB3  H N N 12  
ALA HXT  H N N 13  
ARG N    N N N 14  
ARG CA   C N S 15  
ARG C    C N N 16  
ARG O    O N N 17  
ARG CB   C N N 18  
ARG CG   C N N 19  
ARG CD   C N N 20  
ARG NE   N N N 21  
ARG CZ   C N N 22  
ARG NH1  N N N 23  
ARG NH2  N N N 24  
ARG OXT  O N N 25  
ARG H    H N N 26  
ARG H2   H N N 27  
ARG HA   H N N 28  
ARG HB2  H N N 29  
ARG HB3  H N N 30  
ARG HG2  H N N 31  
ARG HG3  H N N 32  
ARG HD2  H N N 33  
ARG HD3  H N N 34  
ARG HE   H N N 35  
ARG HH11 H N N 36  
ARG HH12 H N N 37  
ARG HH21 H N N 38  
ARG HH22 H N N 39  
ARG HXT  H N N 40  
ASN N    N N N 41  
ASN CA   C N S 42  
ASN C    C N N 43  
ASN O    O N N 44  
ASN CB   C N N 45  
ASN CG   C N N 46  
ASN OD1  O N N 47  
ASN ND2  N N N 48  
ASN OXT  O N N 49  
ASN H    H N N 50  
ASN H2   H N N 51  
ASN HA   H N N 52  
ASN HB2  H N N 53  
ASN HB3  H N N 54  
ASN HD21 H N N 55  
ASN HD22 H N N 56  
ASN HXT  H N N 57  
ASP N    N N N 58  
ASP CA   C N S 59  
ASP C    C N N 60  
ASP O    O N N 61  
ASP CB   C N N 62  
ASP CG   C N N 63  
ASP OD1  O N N 64  
ASP OD2  O N N 65  
ASP OXT  O N N 66  
ASP H    H N N 67  
ASP H2   H N N 68  
ASP HA   H N N 69  
ASP HB2  H N N 70  
ASP HB3  H N N 71  
ASP HD2  H N N 72  
ASP HXT  H N N 73  
CYS N    N N N 74  
CYS CA   C N R 75  
CYS C    C N N 76  
CYS O    O N N 77  
CYS CB   C N N 78  
CYS SG   S N N 79  
CYS OXT  O N N 80  
CYS H    H N N 81  
CYS H2   H N N 82  
CYS HA   H N N 83  
CYS HB2  H N N 84  
CYS HB3  H N N 85  
CYS HG   H N N 86  
CYS HXT  H N N 87  
GLN N    N N N 88  
GLN CA   C N S 89  
GLN C    C N N 90  
GLN O    O N N 91  
GLN CB   C N N 92  
GLN CG   C N N 93  
GLN CD   C N N 94  
GLN OE1  O N N 95  
GLN NE2  N N N 96  
GLN OXT  O N N 97  
GLN H    H N N 98  
GLN H2   H N N 99  
GLN HA   H N N 100 
GLN HB2  H N N 101 
GLN HB3  H N N 102 
GLN HG2  H N N 103 
GLN HG3  H N N 104 
GLN HE21 H N N 105 
GLN HE22 H N N 106 
GLN HXT  H N N 107 
GLU N    N N N 108 
GLU CA   C N S 109 
GLU C    C N N 110 
GLU O    O N N 111 
GLU CB   C N N 112 
GLU CG   C N N 113 
GLU CD   C N N 114 
GLU OE1  O N N 115 
GLU OE2  O N N 116 
GLU OXT  O N N 117 
GLU H    H N N 118 
GLU H2   H N N 119 
GLU HA   H N N 120 
GLU HB2  H N N 121 
GLU HB3  H N N 122 
GLU HG2  H N N 123 
GLU HG3  H N N 124 
GLU HE2  H N N 125 
GLU HXT  H N N 126 
GLY N    N N N 127 
GLY CA   C N N 128 
GLY C    C N N 129 
GLY O    O N N 130 
GLY OXT  O N N 131 
GLY H    H N N 132 
GLY H2   H N N 133 
GLY HA2  H N N 134 
GLY HA3  H N N 135 
GLY HXT  H N N 136 
HIS N    N N N 137 
HIS CA   C N S 138 
HIS C    C N N 139 
HIS O    O N N 140 
HIS CB   C N N 141 
HIS CG   C Y N 142 
HIS ND1  N Y N 143 
HIS CD2  C Y N 144 
HIS CE1  C Y N 145 
HIS NE2  N Y N 146 
HIS OXT  O N N 147 
HIS H    H N N 148 
HIS H2   H N N 149 
HIS HA   H N N 150 
HIS HB2  H N N 151 
HIS HB3  H N N 152 
HIS HD1  H N N 153 
HIS HD2  H N N 154 
HIS HE1  H N N 155 
HIS HE2  H N N 156 
HIS HXT  H N N 157 
ILE N    N N N 158 
ILE CA   C N S 159 
ILE C    C N N 160 
ILE O    O N N 161 
ILE CB   C N S 162 
ILE CG1  C N N 163 
ILE CG2  C N N 164 
ILE CD1  C N N 165 
ILE OXT  O N N 166 
ILE H    H N N 167 
ILE H2   H N N 168 
ILE HA   H N N 169 
ILE HB   H N N 170 
ILE HG12 H N N 171 
ILE HG13 H N N 172 
ILE HG21 H N N 173 
ILE HG22 H N N 174 
ILE HG23 H N N 175 
ILE HD11 H N N 176 
ILE HD12 H N N 177 
ILE HD13 H N N 178 
ILE HXT  H N N 179 
LEU N    N N N 180 
LEU CA   C N S 181 
LEU C    C N N 182 
LEU O    O N N 183 
LEU CB   C N N 184 
LEU CG   C N N 185 
LEU CD1  C N N 186 
LEU CD2  C N N 187 
LEU OXT  O N N 188 
LEU H    H N N 189 
LEU H2   H N N 190 
LEU HA   H N N 191 
LEU HB2  H N N 192 
LEU HB3  H N N 193 
LEU HG   H N N 194 
LEU HD11 H N N 195 
LEU HD12 H N N 196 
LEU HD13 H N N 197 
LEU HD21 H N N 198 
LEU HD22 H N N 199 
LEU HD23 H N N 200 
LEU HXT  H N N 201 
LYS N    N N N 202 
LYS CA   C N S 203 
LYS C    C N N 204 
LYS O    O N N 205 
LYS CB   C N N 206 
LYS CG   C N N 207 
LYS CD   C N N 208 
LYS CE   C N N 209 
LYS NZ   N N N 210 
LYS OXT  O N N 211 
LYS H    H N N 212 
LYS H2   H N N 213 
LYS HA   H N N 214 
LYS HB2  H N N 215 
LYS HB3  H N N 216 
LYS HG2  H N N 217 
LYS HG3  H N N 218 
LYS HD2  H N N 219 
LYS HD3  H N N 220 
LYS HE2  H N N 221 
LYS HE3  H N N 222 
LYS HZ1  H N N 223 
LYS HZ2  H N N 224 
LYS HZ3  H N N 225 
LYS HXT  H N N 226 
MET N    N N N 227 
MET CA   C N S 228 
MET C    C N N 229 
MET O    O N N 230 
MET CB   C N N 231 
MET CG   C N N 232 
MET SD   S N N 233 
MET CE   C N N 234 
MET OXT  O N N 235 
MET H    H N N 236 
MET H2   H N N 237 
MET HA   H N N 238 
MET HB2  H N N 239 
MET HB3  H N N 240 
MET HG2  H N N 241 
MET HG3  H N N 242 
MET HE1  H N N 243 
MET HE2  H N N 244 
MET HE3  H N N 245 
MET HXT  H N N 246 
PHE N    N N N 247 
PHE CA   C N S 248 
PHE C    C N N 249 
PHE O    O N N 250 
PHE CB   C N N 251 
PHE CG   C Y N 252 
PHE CD1  C Y N 253 
PHE CD2  C Y N 254 
PHE CE1  C Y N 255 
PHE CE2  C Y N 256 
PHE CZ   C Y N 257 
PHE OXT  O N N 258 
PHE H    H N N 259 
PHE H2   H N N 260 
PHE HA   H N N 261 
PHE HB2  H N N 262 
PHE HB3  H N N 263 
PHE HD1  H N N 264 
PHE HD2  H N N 265 
PHE HE1  H N N 266 
PHE HE2  H N N 267 
PHE HZ   H N N 268 
PHE HXT  H N N 269 
PRO N    N N N 270 
PRO CA   C N S 271 
PRO C    C N N 272 
PRO O    O N N 273 
PRO CB   C N N 274 
PRO CG   C N N 275 
PRO CD   C N N 276 
PRO OXT  O N N 277 
PRO H    H N N 278 
PRO HA   H N N 279 
PRO HB2  H N N 280 
PRO HB3  H N N 281 
PRO HG2  H N N 282 
PRO HG3  H N N 283 
PRO HD2  H N N 284 
PRO HD3  H N N 285 
PRO HXT  H N N 286 
SER N    N N N 287 
SER CA   C N S 288 
SER C    C N N 289 
SER O    O N N 290 
SER CB   C N N 291 
SER OG   O N N 292 
SER OXT  O N N 293 
SER H    H N N 294 
SER H2   H N N 295 
SER HA   H N N 296 
SER HB2  H N N 297 
SER HB3  H N N 298 
SER HG   H N N 299 
SER HXT  H N N 300 
THR N    N N N 301 
THR CA   C N S 302 
THR C    C N N 303 
THR O    O N N 304 
THR CB   C N R 305 
THR OG1  O N N 306 
THR CG2  C N N 307 
THR OXT  O N N 308 
THR H    H N N 309 
THR H2   H N N 310 
THR HA   H N N 311 
THR HB   H N N 312 
THR HG1  H N N 313 
THR HG21 H N N 314 
THR HG22 H N N 315 
THR HG23 H N N 316 
THR HXT  H N N 317 
TRP N    N N N 318 
TRP CA   C N S 319 
TRP C    C N N 320 
TRP O    O N N 321 
TRP CB   C N N 322 
TRP CG   C Y N 323 
TRP CD1  C Y N 324 
TRP CD2  C Y N 325 
TRP NE1  N Y N 326 
TRP CE2  C Y N 327 
TRP CE3  C Y N 328 
TRP CZ2  C Y N 329 
TRP CZ3  C Y N 330 
TRP CH2  C Y N 331 
TRP OXT  O N N 332 
TRP H    H N N 333 
TRP H2   H N N 334 
TRP HA   H N N 335 
TRP HB2  H N N 336 
TRP HB3  H N N 337 
TRP HD1  H N N 338 
TRP HE1  H N N 339 
TRP HE3  H N N 340 
TRP HZ2  H N N 341 
TRP HZ3  H N N 342 
TRP HH2  H N N 343 
TRP HXT  H N N 344 
TYR N    N N N 345 
TYR CA   C N S 346 
TYR C    C N N 347 
TYR O    O N N 348 
TYR CB   C N N 349 
TYR CG   C Y N 350 
TYR CD1  C Y N 351 
TYR CD2  C Y N 352 
TYR CE1  C Y N 353 
TYR CE2  C Y N 354 
TYR CZ   C Y N 355 
TYR OH   O N N 356 
TYR OXT  O N N 357 
TYR H    H N N 358 
TYR H2   H N N 359 
TYR HA   H N N 360 
TYR HB2  H N N 361 
TYR HB3  H N N 362 
TYR HD1  H N N 363 
TYR HD2  H N N 364 
TYR HE1  H N N 365 
TYR HE2  H N N 366 
TYR HH   H N N 367 
TYR HXT  H N N 368 
VAL N    N N N 369 
VAL CA   C N S 370 
VAL C    C N N 371 
VAL O    O N N 372 
VAL CB   C N N 373 
VAL CG1  C N N 374 
VAL CG2  C N N 375 
VAL OXT  O N N 376 
VAL H    H N N 377 
VAL H2   H N N 378 
VAL HA   H N N 379 
VAL HB   H N N 380 
VAL HG11 H N N 381 
VAL HG12 H N N 382 
VAL HG13 H N N 383 
VAL HG21 H N N 384 
VAL HG22 H N N 385 
VAL HG23 H N N 386 
VAL HXT  H N N 387 
# 
loop_
_chem_comp_bond.comp_id 
_chem_comp_bond.atom_id_1 
_chem_comp_bond.atom_id_2 
_chem_comp_bond.value_order 
_chem_comp_bond.pdbx_aromatic_flag 
_chem_comp_bond.pdbx_stereo_config 
_chem_comp_bond.pdbx_ordinal 
ALA N   CA   sing N N 1   
ALA N   H    sing N N 2   
ALA N   H2   sing N N 3   
ALA CA  C    sing N N 4   
ALA CA  CB   sing N N 5   
ALA CA  HA   sing N N 6   
ALA C   O    doub N N 7   
ALA C   OXT  sing N N 8   
ALA CB  HB1  sing N N 9   
ALA CB  HB2  sing N N 10  
ALA CB  HB3  sing N N 11  
ALA OXT HXT  sing N N 12  
ARG N   CA   sing N N 13  
ARG N   H    sing N N 14  
ARG N   H2   sing N N 15  
ARG CA  C    sing N N 16  
ARG CA  CB   sing N N 17  
ARG CA  HA   sing N N 18  
ARG C   O    doub N N 19  
ARG C   OXT  sing N N 20  
ARG CB  CG   sing N N 21  
ARG CB  HB2  sing N N 22  
ARG CB  HB3  sing N N 23  
ARG CG  CD   sing N N 24  
ARG CG  HG2  sing N N 25  
ARG CG  HG3  sing N N 26  
ARG CD  NE   sing N N 27  
ARG CD  HD2  sing N N 28  
ARG CD  HD3  sing N N 29  
ARG NE  CZ   sing N N 30  
ARG NE  HE   sing N N 31  
ARG CZ  NH1  sing N N 32  
ARG CZ  NH2  doub N N 33  
ARG NH1 HH11 sing N N 34  
ARG NH1 HH12 sing N N 35  
ARG NH2 HH21 sing N N 36  
ARG NH2 HH22 sing N N 37  
ARG OXT HXT  sing N N 38  
ASN N   CA   sing N N 39  
ASN N   H    sing N N 40  
ASN N   H2   sing N N 41  
ASN CA  C    sing N N 42  
ASN CA  CB   sing N N 43  
ASN CA  HA   sing N N 44  
ASN C   O    doub N N 45  
ASN C   OXT  sing N N 46  
ASN CB  CG   sing N N 47  
ASN CB  HB2  sing N N 48  
ASN CB  HB3  sing N N 49  
ASN CG  OD1  doub N N 50  
ASN CG  ND2  sing N N 51  
ASN ND2 HD21 sing N N 52  
ASN ND2 HD22 sing N N 53  
ASN OXT HXT  sing N N 54  
ASP N   CA   sing N N 55  
ASP N   H    sing N N 56  
ASP N   H2   sing N N 57  
ASP CA  C    sing N N 58  
ASP CA  CB   sing N N 59  
ASP CA  HA   sing N N 60  
ASP C   O    doub N N 61  
ASP C   OXT  sing N N 62  
ASP CB  CG   sing N N 63  
ASP CB  HB2  sing N N 64  
ASP CB  HB3  sing N N 65  
ASP CG  OD1  doub N N 66  
ASP CG  OD2  sing N N 67  
ASP OD2 HD2  sing N N 68  
ASP OXT HXT  sing N N 69  
CYS N   CA   sing N N 70  
CYS N   H    sing N N 71  
CYS N   H2   sing N N 72  
CYS CA  C    sing N N 73  
CYS CA  CB   sing N N 74  
CYS CA  HA   sing N N 75  
CYS C   O    doub N N 76  
CYS C   OXT  sing N N 77  
CYS CB  SG   sing N N 78  
CYS CB  HB2  sing N N 79  
CYS CB  HB3  sing N N 80  
CYS SG  HG   sing N N 81  
CYS OXT HXT  sing N N 82  
GLN N   CA   sing N N 83  
GLN N   H    sing N N 84  
GLN N   H2   sing N N 85  
GLN CA  C    sing N N 86  
GLN CA  CB   sing N N 87  
GLN CA  HA   sing N N 88  
GLN C   O    doub N N 89  
GLN C   OXT  sing N N 90  
GLN CB  CG   sing N N 91  
GLN CB  HB2  sing N N 92  
GLN CB  HB3  sing N N 93  
GLN CG  CD   sing N N 94  
GLN CG  HG2  sing N N 95  
GLN CG  HG3  sing N N 96  
GLN CD  OE1  doub N N 97  
GLN CD  NE2  sing N N 98  
GLN NE2 HE21 sing N N 99  
GLN NE2 HE22 sing N N 100 
GLN OXT HXT  sing N N 101 
GLU N   CA   sing N N 102 
GLU N   H    sing N N 103 
GLU N   H2   sing N N 104 
GLU CA  C    sing N N 105 
GLU CA  CB   sing N N 106 
GLU CA  HA   sing N N 107 
GLU C   O    doub N N 108 
GLU C   OXT  sing N N 109 
GLU CB  CG   sing N N 110 
GLU CB  HB2  sing N N 111 
GLU CB  HB3  sing N N 112 
GLU CG  CD   sing N N 113 
GLU CG  HG2  sing N N 114 
GLU CG  HG3  sing N N 115 
GLU CD  OE1  doub N N 116 
GLU CD  OE2  sing N N 117 
GLU OE2 HE2  sing N N 118 
GLU OXT HXT  sing N N 119 
GLY N   CA   sing N N 120 
GLY N   H    sing N N 121 
GLY N   H2   sing N N 122 
GLY CA  C    sing N N 123 
GLY CA  HA2  sing N N 124 
GLY CA  HA3  sing N N 125 
GLY C   O    doub N N 126 
GLY C   OXT  sing N N 127 
GLY OXT HXT  sing N N 128 
HIS N   CA   sing N N 129 
HIS N   H    sing N N 130 
HIS N   H2   sing N N 131 
HIS CA  C    sing N N 132 
HIS CA  CB   sing N N 133 
HIS CA  HA   sing N N 134 
HIS C   O    doub N N 135 
HIS C   OXT  sing N N 136 
HIS CB  CG   sing N N 137 
HIS CB  HB2  sing N N 138 
HIS CB  HB3  sing N N 139 
HIS CG  ND1  sing Y N 140 
HIS CG  CD2  doub Y N 141 
HIS ND1 CE1  doub Y N 142 
HIS ND1 HD1  sing N N 143 
HIS CD2 NE2  sing Y N 144 
HIS CD2 HD2  sing N N 145 
HIS CE1 NE2  sing Y N 146 
HIS CE1 HE1  sing N N 147 
HIS NE2 HE2  sing N N 148 
HIS OXT HXT  sing N N 149 
ILE N   CA   sing N N 150 
ILE N   H    sing N N 151 
ILE N   H2   sing N N 152 
ILE CA  C    sing N N 153 
ILE CA  CB   sing N N 154 
ILE CA  HA   sing N N 155 
ILE C   O    doub N N 156 
ILE C   OXT  sing N N 157 
ILE CB  CG1  sing N N 158 
ILE CB  CG2  sing N N 159 
ILE CB  HB   sing N N 160 
ILE CG1 CD1  sing N N 161 
ILE CG1 HG12 sing N N 162 
ILE CG1 HG13 sing N N 163 
ILE CG2 HG21 sing N N 164 
ILE CG2 HG22 sing N N 165 
ILE CG2 HG23 sing N N 166 
ILE CD1 HD11 sing N N 167 
ILE CD1 HD12 sing N N 168 
ILE CD1 HD13 sing N N 169 
ILE OXT HXT  sing N N 170 
LEU N   CA   sing N N 171 
LEU N   H    sing N N 172 
LEU N   H2   sing N N 173 
LEU CA  C    sing N N 174 
LEU CA  CB   sing N N 175 
LEU CA  HA   sing N N 176 
LEU C   O    doub N N 177 
LEU C   OXT  sing N N 178 
LEU CB  CG   sing N N 179 
LEU CB  HB2  sing N N 180 
LEU CB  HB3  sing N N 181 
LEU CG  CD1  sing N N 182 
LEU CG  CD2  sing N N 183 
LEU CG  HG   sing N N 184 
LEU CD1 HD11 sing N N 185 
LEU CD1 HD12 sing N N 186 
LEU CD1 HD13 sing N N 187 
LEU CD2 HD21 sing N N 188 
LEU CD2 HD22 sing N N 189 
LEU CD2 HD23 sing N N 190 
LEU OXT HXT  sing N N 191 
LYS N   CA   sing N N 192 
LYS N   H    sing N N 193 
LYS N   H2   sing N N 194 
LYS CA  C    sing N N 195 
LYS CA  CB   sing N N 196 
LYS CA  HA   sing N N 197 
LYS C   O    doub N N 198 
LYS C   OXT  sing N N 199 
LYS CB  CG   sing N N 200 
LYS CB  HB2  sing N N 201 
LYS CB  HB3  sing N N 202 
LYS CG  CD   sing N N 203 
LYS CG  HG2  sing N N 204 
LYS CG  HG3  sing N N 205 
LYS CD  CE   sing N N 206 
LYS CD  HD2  sing N N 207 
LYS CD  HD3  sing N N 208 
LYS CE  NZ   sing N N 209 
LYS CE  HE2  sing N N 210 
LYS CE  HE3  sing N N 211 
LYS NZ  HZ1  sing N N 212 
LYS NZ  HZ2  sing N N 213 
LYS NZ  HZ3  sing N N 214 
LYS OXT HXT  sing N N 215 
MET N   CA   sing N N 216 
MET N   H    sing N N 217 
MET N   H2   sing N N 218 
MET CA  C    sing N N 219 
MET CA  CB   sing N N 220 
MET CA  HA   sing N N 221 
MET C   O    doub N N 222 
MET C   OXT  sing N N 223 
MET CB  CG   sing N N 224 
MET CB  HB2  sing N N 225 
MET CB  HB3  sing N N 226 
MET CG  SD   sing N N 227 
MET CG  HG2  sing N N 228 
MET CG  HG3  sing N N 229 
MET SD  CE   sing N N 230 
MET CE  HE1  sing N N 231 
MET CE  HE2  sing N N 232 
MET CE  HE3  sing N N 233 
MET OXT HXT  sing N N 234 
PHE N   CA   sing N N 235 
PHE N   H    sing N N 236 
PHE N   H2   sing N N 237 
PHE CA  C    sing N N 238 
PHE CA  CB   sing N N 239 
PHE CA  HA   sing N N 240 
PHE C   O    doub N N 241 
PHE C   OXT  sing N N 242 
PHE CB  CG   sing N N 243 
PHE CB  HB2  sing N N 244 
PHE CB  HB3  sing N N 245 
PHE CG  CD1  doub Y N 246 
PHE CG  CD2  sing Y N 247 
PHE CD1 CE1  sing Y N 248 
PHE CD1 HD1  sing N N 249 
PHE CD2 CE2  doub Y N 250 
PHE CD2 HD2  sing N N 251 
PHE CE1 CZ   doub Y N 252 
PHE CE1 HE1  sing N N 253 
PHE CE2 CZ   sing Y N 254 
PHE CE2 HE2  sing N N 255 
PHE CZ  HZ   sing N N 256 
PHE OXT HXT  sing N N 257 
PRO N   CA   sing N N 258 
PRO N   CD   sing N N 259 
PRO N   H    sing N N 260 
PRO CA  C    sing N N 261 
PRO CA  CB   sing N N 262 
PRO CA  HA   sing N N 263 
PRO C   O    doub N N 264 
PRO C   OXT  sing N N 265 
PRO CB  CG   sing N N 266 
PRO CB  HB2  sing N N 267 
PRO CB  HB3  sing N N 268 
PRO CG  CD   sing N N 269 
PRO CG  HG2  sing N N 270 
PRO CG  HG3  sing N N 271 
PRO CD  HD2  sing N N 272 
PRO CD  HD3  sing N N 273 
PRO OXT HXT  sing N N 274 
SER N   CA   sing N N 275 
SER N   H    sing N N 276 
SER N   H2   sing N N 277 
SER CA  C    sing N N 278 
SER CA  CB   sing N N 279 
SER CA  HA   sing N N 280 
SER C   O    doub N N 281 
SER C   OXT  sing N N 282 
SER CB  OG   sing N N 283 
SER CB  HB2  sing N N 284 
SER CB  HB3  sing N N 285 
SER OG  HG   sing N N 286 
SER OXT HXT  sing N N 287 
THR N   CA   sing N N 288 
THR N   H    sing N N 289 
THR N   H2   sing N N 290 
THR CA  C    sing N N 291 
THR CA  CB   sing N N 292 
THR CA  HA   sing N N 293 
THR C   O    doub N N 294 
THR C   OXT  sing N N 295 
THR CB  OG1  sing N N 296 
THR CB  CG2  sing N N 297 
THR CB  HB   sing N N 298 
THR OG1 HG1  sing N N 299 
THR CG2 HG21 sing N N 300 
THR CG2 HG22 sing N N 301 
THR CG2 HG23 sing N N 302 
THR OXT HXT  sing N N 303 
TRP N   CA   sing N N 304 
TRP N   H    sing N N 305 
TRP N   H2   sing N N 306 
TRP CA  C    sing N N 307 
TRP CA  CB   sing N N 308 
TRP CA  HA   sing N N 309 
TRP C   O    doub N N 310 
TRP C   OXT  sing N N 311 
TRP CB  CG   sing N N 312 
TRP CB  HB2  sing N N 313 
TRP CB  HB3  sing N N 314 
TRP CG  CD1  doub Y N 315 
TRP CG  CD2  sing Y N 316 
TRP CD1 NE1  sing Y N 317 
TRP CD1 HD1  sing N N 318 
TRP CD2 CE2  doub Y N 319 
TRP CD2 CE3  sing Y N 320 
TRP NE1 CE2  sing Y N 321 
TRP NE1 HE1  sing N N 322 
TRP CE2 CZ2  sing Y N 323 
TRP CE3 CZ3  doub Y N 324 
TRP CE3 HE3  sing N N 325 
TRP CZ2 CH2  doub Y N 326 
TRP CZ2 HZ2  sing N N 327 
TRP CZ3 CH2  sing Y N 328 
TRP CZ3 HZ3  sing N N 329 
TRP CH2 HH2  sing N N 330 
TRP OXT HXT  sing N N 331 
TYR N   CA   sing N N 332 
TYR N   H    sing N N 333 
TYR N   H2   sing N N 334 
TYR CA  C    sing N N 335 
TYR CA  CB   sing N N 336 
TYR CA  HA   sing N N 337 
TYR C   O    doub N N 338 
TYR C   OXT  sing N N 339 
TYR CB  CG   sing N N 340 
TYR CB  HB2  sing N N 341 
TYR CB  HB3  sing N N 342 
TYR CG  CD1  doub Y N 343 
TYR CG  CD2  sing Y N 344 
TYR CD1 CE1  sing Y N 345 
TYR CD1 HD1  sing N N 346 
TYR CD2 CE2  doub Y N 347 
TYR CD2 HD2  sing N N 348 
TYR CE1 CZ   doub Y N 349 
TYR CE1 HE1  sing N N 350 
TYR CE2 CZ   sing Y N 351 
TYR CE2 HE2  sing N N 352 
TYR CZ  OH   sing N N 353 
TYR OH  HH   sing N N 354 
TYR OXT HXT  sing N N 355 
VAL N   CA   sing N N 356 
VAL N   H    sing N N 357 
VAL N   H2   sing N N 358 
VAL CA  C    sing N N 359 
VAL CA  CB   sing N N 360 
VAL CA  HA   sing N N 361 
VAL C   O    doub N N 362 
VAL C   OXT  sing N N 363 
VAL CB  CG1  sing N N 364 
VAL CB  CG2  sing N N 365 
VAL CB  HB   sing N N 366 
VAL CG1 HG11 sing N N 367 
VAL CG1 HG12 sing N N 368 
VAL CG1 HG13 sing N N 369 
VAL CG2 HG21 sing N N 370 
VAL CG2 HG22 sing N N 371 
VAL CG2 HG23 sing N N 372 
VAL OXT HXT  sing N N 373 
# 
_pdbx_initial_refinement_model.accession_code   1KL9 
_pdbx_initial_refinement_model.id               1 
_pdbx_initial_refinement_model.entity_id_list   ? 
_pdbx_initial_refinement_model.type             'experimental model' 
_pdbx_initial_refinement_model.source_name      PDB 
_pdbx_initial_refinement_model.details          'human eIF2 alpha subunit' 
# 
_atom_sites.entry_id                    1Q46 
_atom_sites.fract_transf_matrix[1][1]   -0.00203653 
_atom_sites.fract_transf_matrix[1][2]   0.00896739 
_atom_sites.fract_transf_matrix[1][3]   -0.00534642 
_atom_sites.fract_transf_matrix[2][1]   -0.00475969 
_atom_sites.fract_transf_matrix[2][2]   -0.00564564 
_atom_sites.fract_transf_matrix[2][3]   -0.00765623 
_atom_sites.fract_transf_matrix[3][1]   -0.01075885 
_atom_sites.fract_transf_matrix[3][2]   0.00107274 
_atom_sites.fract_transf_matrix[3][3]   0.00589748 
_atom_sites.fract_transf_vector[1]      0.306521 
_atom_sites.fract_transf_vector[2]      0.076177 
_atom_sites.fract_transf_vector[3]      0.429299 
# 
loop_
_atom_type.symbol 
C 
N 
O 
S 
# 
loop_
_atom_site.group_PDB 
_atom_site.id 
_atom_site.type_symbol 
_atom_site.label_atom_id 
_atom_site.label_alt_id 
_atom_site.label_comp_id 
_atom_site.label_asym_id 
_atom_site.label_entity_id 
_atom_site.label_seq_id 
_atom_site.pdbx_PDB_ins_code 
_atom_site.Cartn_x 
_atom_site.Cartn_y 
_atom_site.Cartn_z 
_atom_site.occupancy 
_atom_site.B_iso_or_equiv 
_atom_site.pdbx_formal_charge 
_atom_site.auth_seq_id 
_atom_site.auth_comp_id 
_atom_site.auth_asym_id 
_atom_site.auth_atom_id 
_atom_site.pdbx_PDB_model_num 
ATOM 1    N N   . THR A 1 2   ? 15.797  1.285   -0.014  1.00 66.60  ? 2   THR A N   1 
ATOM 2    C CA  . THR A 1 2   ? 16.289  1.575   1.364   1.00 67.10  ? 2   THR A CA  1 
ATOM 3    C C   . THR A 1 2   ? 15.452  0.856   2.426   1.00 66.48  ? 2   THR A C   1 
ATOM 4    O O   . THR A 1 2   ? 15.525  -0.371  2.558   1.00 67.05  ? 2   THR A O   1 
ATOM 5    C CB  . THR A 1 2   ? 16.287  3.110   1.653   1.00 68.12  ? 2   THR A CB  1 
ATOM 6    O OG1 . THR A 1 2   ? 14.980  3.654   1.413   1.00 67.66  ? 2   THR A OG1 1 
ATOM 7    C CG2 . THR A 1 2   ? 17.307  3.823   0.764   1.00 68.10  ? 2   THR A CG2 1 
ATOM 8    N N   . SER A 1 3   ? 14.658  1.616   3.177   1.00 64.86  ? 3   SER A N   1 
ATOM 9    C CA  . SER A 1 3   ? 13.821  1.046   4.228   1.00 62.30  ? 3   SER A CA  1 
ATOM 10   C C   . SER A 1 3   ? 12.336  1.340   4.011   1.00 60.28  ? 3   SER A C   1 
ATOM 11   O O   . SER A 1 3   ? 11.486  0.941   4.820   1.00 60.59  ? 3   SER A O   1 
ATOM 12   C CB  . SER A 1 3   ? 14.256  1.594   5.587   1.00 62.70  ? 3   SER A CB  1 
ATOM 13   O OG  . SER A 1 3   ? 14.251  3.009   5.574   1.00 64.01  ? 3   SER A OG  1 
ATOM 14   N N   . HIS A 1 4   ? 12.025  2.039   2.922   1.00 55.89  ? 4   HIS A N   1 
ATOM 15   C CA  . HIS A 1 4   ? 10.646  2.374   2.613   1.00 51.94  ? 4   HIS A CA  1 
ATOM 16   C C   . HIS A 1 4   ? 10.506  2.623   1.122   1.00 51.05  ? 4   HIS A C   1 
ATOM 17   O O   . HIS A 1 4   ? 11.441  3.083   0.472   1.00 53.12  ? 4   HIS A O   1 
ATOM 18   C CB  . HIS A 1 4   ? 10.223  3.626   3.363   1.00 48.68  ? 4   HIS A CB  1 
ATOM 19   C CG  . HIS A 1 4   ? 10.789  4.879   2.785   1.00 47.61  ? 4   HIS A CG  1 
ATOM 20   N ND1 . HIS A 1 4   ? 12.064  5.318   3.064   1.00 45.42  ? 4   HIS A ND1 1 
ATOM 21   C CD2 . HIS A 1 4   ? 10.286  5.744   1.875   1.00 46.34  ? 4   HIS A CD2 1 
ATOM 22   C CE1 . HIS A 1 4   ? 12.322  6.398   2.351   1.00 44.38  ? 4   HIS A CE1 1 
ATOM 23   N NE2 . HIS A 1 4   ? 11.259  6.677   1.620   1.00 44.70  ? 4   HIS A NE2 1 
ATOM 24   N N   . CYS A 1 5   ? 9.324   2.332   0.590   1.00 48.74  ? 5   CYS A N   1 
ATOM 25   C CA  . CYS A 1 5   ? 9.039   2.506   -0.833  1.00 45.01  ? 5   CYS A CA  1 
ATOM 26   C C   . CYS A 1 5   ? 7.546   2.269   -1.027  1.00 43.14  ? 5   CYS A C   1 
ATOM 27   O O   . CYS A 1 5   ? 6.919   1.588   -0.224  1.00 43.34  ? 5   CYS A O   1 
ATOM 28   C CB  . CYS A 1 5   ? 9.854   1.500   -1.645  1.00 43.39  ? 5   CYS A CB  1 
ATOM 29   S SG  . CYS A 1 5   ? 9.475   1.435   -3.400  1.00 45.83  ? 5   CYS A SG  1 
ATOM 30   N N   . ARG A 1 6   ? 6.964   2.844   -2.070  1.00 40.02  ? 6   ARG A N   1 
ATOM 31   C CA  . ARG A 1 6   ? 5.544   2.647   -2.293  1.00 38.66  ? 6   ARG A CA  1 
ATOM 32   C C   . ARG A 1 6   ? 5.253   1.200   -2.691  1.00 38.82  ? 6   ARG A C   1 
ATOM 33   O O   . ARG A 1 6   ? 6.094   0.532   -3.287  1.00 39.98  ? 6   ARG A O   1 
ATOM 34   C CB  . ARG A 1 6   ? 5.036   3.598   -3.370  1.00 36.93  ? 6   ARG A CB  1 
ATOM 35   C CG  . ARG A 1 6   ? 5.628   3.386   -4.746  1.00 35.75  ? 6   ARG A CG  1 
ATOM 36   C CD  . ARG A 1 6   ? 4.942   4.298   -5.744  1.00 36.95  ? 6   ARG A CD  1 
ATOM 37   N NE  . ARG A 1 6   ? 5.290   3.959   -7.114  1.00 39.08  ? 6   ARG A NE  1 
ATOM 38   C CZ  . ARG A 1 6   ? 6.422   4.313   -7.708  1.00 40.23  ? 6   ARG A CZ  1 
ATOM 39   N NH1 . ARG A 1 6   ? 7.319   5.031   -7.046  1.00 40.83  ? 6   ARG A NH1 1 
ATOM 40   N NH2 . ARG A 1 6   ? 6.662   3.931   -8.957  1.00 39.17  ? 6   ARG A NH2 1 
ATOM 41   N N   . PHE A 1 7   ? 4.056   0.726   -2.358  1.00 36.66  ? 7   PHE A N   1 
ATOM 42   C CA  . PHE A 1 7   ? 3.638   -0.638  -2.667  1.00 34.29  ? 7   PHE A CA  1 
ATOM 43   C C   . PHE A 1 7   ? 3.340   -0.899  -4.139  1.00 35.10  ? 7   PHE A C   1 
ATOM 44   O O   . PHE A 1 7   ? 3.596   -1.986  -4.637  1.00 34.48  ? 7   PHE A O   1 
ATOM 45   C CB  . PHE A 1 7   ? 2.386   -0.999  -1.867  1.00 31.98  ? 7   PHE A CB  1 
ATOM 46   C CG  . PHE A 1 7   ? 2.625   -1.160  -0.391  1.00 31.29  ? 7   PHE A CG  1 
ATOM 47   C CD1 . PHE A 1 7   ? 3.855   -0.839  0.177   1.00 29.45  ? 7   PHE A CD1 1 
ATOM 48   C CD2 . PHE A 1 7   ? 1.602   -1.605  0.439   1.00 29.33  ? 7   PHE A CD2 1 
ATOM 49   C CE1 . PHE A 1 7   ? 4.059   -0.953  1.542   1.00 27.72  ? 7   PHE A CE1 1 
ATOM 50   C CE2 . PHE A 1 7   ? 1.796   -1.720  1.799   1.00 28.48  ? 7   PHE A CE2 1 
ATOM 51   C CZ  . PHE A 1 7   ? 3.026   -1.392  2.354   1.00 28.88  ? 7   PHE A CZ  1 
ATOM 52   N N   . TYR A 1 8   ? 2.800   0.090   -4.839  1.00 36.79  ? 8   TYR A N   1 
ATOM 53   C CA  . TYR A 1 8   ? 2.440   -0.113  -6.235  1.00 36.31  ? 8   TYR A CA  1 
ATOM 54   C C   . TYR A 1 8   ? 3.237   0.726   -7.212  1.00 38.16  ? 8   TYR A C   1 
ATOM 55   O O   . TYR A 1 8   ? 3.942   1.658   -6.829  1.00 38.69  ? 8   TYR A O   1 
ATOM 56   C CB  . TYR A 1 8   ? 0.940   0.134   -6.400  1.00 34.52  ? 8   TYR A CB  1 
ATOM 57   C CG  . TYR A 1 8   ? 0.157   -0.498  -5.276  1.00 32.71  ? 8   TYR A CG  1 
ATOM 58   C CD1 . TYR A 1 8   ? -0.674  0.264   -4.454  1.00 32.05  ? 8   TYR A CD1 1 
ATOM 59   C CD2 . TYR A 1 8   ? 0.323   -1.849  -4.973  1.00 33.28  ? 8   TYR A CD2 1 
ATOM 60   C CE1 . TYR A 1 8   ? -1.315  -0.310  -3.351  1.00 33.95  ? 8   TYR A CE1 1 
ATOM 61   C CE2 . TYR A 1 8   ? -0.311  -2.433  -3.875  1.00 33.53  ? 8   TYR A CE2 1 
ATOM 62   C CZ  . TYR A 1 8   ? -1.123  -1.662  -3.070  1.00 33.54  ? 8   TYR A CZ  1 
ATOM 63   O OH  . TYR A 1 8   ? -1.717  -2.248  -1.982  1.00 33.33  ? 8   TYR A OH  1 
ATOM 64   N N   . GLU A 1 9   ? 3.109   0.375   -8.486  1.00 40.50  ? 9   GLU A N   1 
ATOM 65   C CA  . GLU A 1 9   ? 3.825   1.036   -9.565  1.00 43.17  ? 9   GLU A CA  1 
ATOM 66   C C   . GLU A 1 9   ? 3.480   2.511   -9.723  1.00 42.60  ? 9   GLU A C   1 
ATOM 67   O O   . GLU A 1 9   ? 4.364   3.357   -9.852  1.00 43.24  ? 9   GLU A O   1 
ATOM 68   C CB  . GLU A 1 9   ? 3.556   0.292   -10.871 1.00 45.09  ? 9   GLU A CB  1 
ATOM 69   C CG  . GLU A 1 9   ? 4.552   0.604   -11.961 1.00 51.42  ? 9   GLU A CG  1 
ATOM 70   C CD  . GLU A 1 9   ? 4.640   -0.502  -12.989 1.00 55.29  ? 9   GLU A CD  1 
ATOM 71   O OE1 . GLU A 1 9   ? 5.581   -0.458  -13.814 1.00 57.31  ? 9   GLU A OE1 1 
ATOM 72   O OE2 . GLU A 1 9   ? 3.772   -1.411  -12.971 1.00 56.61  ? 9   GLU A OE2 1 
ATOM 73   N N   . ASN A 1 10  ? 2.190   2.813   -9.725  1.00 41.87  ? 10  ASN A N   1 
ATOM 74   C CA  . ASN A 1 10  ? 1.724   4.176   -9.860  1.00 40.19  ? 10  ASN A CA  1 
ATOM 75   C C   . ASN A 1 10  ? 2.026   4.952   -8.571  1.00 39.69  ? 10  ASN A C   1 
ATOM 76   O O   . ASN A 1 10  ? 1.803   4.447   -7.471  1.00 39.02  ? 10  ASN A O   1 
ATOM 77   C CB  . ASN A 1 10  ? 0.224   4.165   -10.161 1.00 40.65  ? 10  ASN A CB  1 
ATOM 78   C CG  . ASN A 1 10  ? -0.541  3.198   -9.273  0.50 42.44  ? 10  ASN A CG  1 
ATOM 79   O OD1 . ASN A 1 10  ? -0.265  2.003   -9.266  1.00 43.00  ? 10  ASN A OD1 1 
ATOM 80   N ND2 . ASN A 1 10  ? -1.507  3.712   -8.521  1.00 45.17  ? 10  ASN A ND2 1 
ATOM 81   N N   . LYS A 1 11  ? 2.556   6.167   -8.718  1.00 39.47  ? 11  LYS A N   1 
ATOM 82   C CA  . LYS A 1 11  ? 2.887   7.015   -7.578  1.00 38.79  ? 11  LYS A CA  1 
ATOM 83   C C   . LYS A 1 11  ? 1.632   7.434   -6.848  1.00 37.04  ? 11  LYS A C   1 
ATOM 84   O O   . LYS A 1 11  ? 1.580   7.421   -5.618  1.00 36.65  ? 11  LYS A O   1 
ATOM 85   C CB  . LYS A 1 11  ? 3.626   8.271   -8.033  1.00 41.01  ? 11  LYS A CB  1 
ATOM 86   C CG  . LYS A 1 11  ? 5.005   7.997   -8.579  1.00 47.84  ? 11  LYS A CG  1 
ATOM 87   C CD  . LYS A 1 11  ? 5.870   9.244   -8.507  1.00 53.15  ? 11  LYS A CD  1 
ATOM 88   C CE  . LYS A 1 11  ? 7.352   8.904   -8.725  1.00 55.73  ? 11  LYS A CE  1 
ATOM 89   N NZ  . LYS A 1 11  ? 8.223   10.115  -8.605  1.00 56.92  ? 11  LYS A NZ  1 
ATOM 90   N N   . TYR A 1 12  ? 0.616   7.811   -7.616  1.00 35.80  ? 12  TYR A N   1 
ATOM 91   C CA  . TYR A 1 12  ? -0.653  8.238   -7.044  1.00 33.75  ? 12  TYR A CA  1 
ATOM 92   C C   . TYR A 1 12  ? -1.752  7.235   -7.253  1.00 32.18  ? 12  TYR A C   1 
ATOM 93   O O   . TYR A 1 12  ? -1.738  6.476   -8.218  1.00 31.46  ? 12  TYR A O   1 
ATOM 94   C CB  . TYR A 1 12  ? -1.113  9.559   -7.651  1.00 31.46  ? 12  TYR A CB  1 
ATOM 95   C CG  . TYR A 1 12  ? -0.239  10.710  -7.279  1.00 32.60  ? 12  TYR A CG  1 
ATOM 96   C CD1 . TYR A 1 12  ? 0.755   11.165  -8.144  1.00 32.80  ? 12  TYR A CD1 1 
ATOM 97   C CD2 . TYR A 1 12  ? -0.377  11.335  -6.039  1.00 32.12  ? 12  TYR A CD2 1 
ATOM 98   C CE1 . TYR A 1 12  ? 1.589   12.215  -7.779  1.00 32.28  ? 12  TYR A CE1 1 
ATOM 99   C CE2 . TYR A 1 12  ? 0.448   12.380  -5.674  1.00 33.02  ? 12  TYR A CE2 1 
ATOM 100  C CZ  . TYR A 1 12  ? 1.424   12.812  -6.545  1.00 31.49  ? 12  TYR A CZ  1 
ATOM 101  O OH  . TYR A 1 12  ? 2.243   13.835  -6.177  1.00 35.18  ? 12  TYR A OH  1 
ATOM 102  N N   . PRO A 1 13  ? -2.715  7.206   -6.329  1.00 32.62  ? 13  PRO A N   1 
ATOM 103  C CA  . PRO A 1 13  ? -3.823  6.268   -6.482  1.00 33.80  ? 13  PRO A CA  1 
ATOM 104  C C   . PRO A 1 13  ? -4.758  6.821   -7.556  1.00 35.00  ? 13  PRO A C   1 
ATOM 105  O O   . PRO A 1 13  ? -4.668  7.994   -7.934  1.00 33.26  ? 13  PRO A O   1 
ATOM 106  C CB  . PRO A 1 13  ? -4.466  6.259   -5.097  1.00 33.57  ? 13  PRO A CB  1 
ATOM 107  C CG  . PRO A 1 13  ? -4.158  7.641   -4.574  1.00 34.10  ? 13  PRO A CG  1 
ATOM 108  C CD  . PRO A 1 13  ? -2.732  7.840   -4.999  1.00 31.92  ? 13  PRO A CD  1 
ATOM 109  N N   . GLU A 1 14  ? -5.637  5.966   -8.057  1.00 37.51  ? 14  GLU A N   1 
ATOM 110  C CA  . GLU A 1 14  ? -6.601  6.357   -9.071  1.00 39.02  ? 14  GLU A CA  1 
ATOM 111  C C   . GLU A 1 14  ? -7.854  6.842   -8.335  1.00 38.23  ? 14  GLU A C   1 
ATOM 112  O O   . GLU A 1 14  ? -8.034  6.565   -7.144  1.00 38.46  ? 14  GLU A O   1 
ATOM 113  C CB  . GLU A 1 14  ? -6.956  5.141   -9.919  1.00 42.09  ? 14  GLU A CB  1 
ATOM 114  C CG  . GLU A 1 14  ? -7.029  5.400   -11.404 1.00 49.84  ? 14  GLU A CG  1 
ATOM 115  C CD  . GLU A 1 14  ? -5.678  5.264   -12.072 1.00 54.38  ? 14  GLU A CD  1 
ATOM 116  O OE1 . GLU A 1 14  ? -5.105  4.150   -12.012 1.00 56.04  ? 14  GLU A OE1 1 
ATOM 117  O OE2 . GLU A 1 14  ? -5.190  6.265   -12.653 1.00 57.81  ? 14  GLU A OE2 1 
ATOM 118  N N   . ILE A 1 15  ? -8.724  7.567   -9.022  1.00 36.72  ? 15  ILE A N   1 
ATOM 119  C CA  . ILE A 1 15  ? -9.953  8.005   -8.377  1.00 36.43  ? 15  ILE A CA  1 
ATOM 120  C C   . ILE A 1 15  ? -10.837 6.777   -8.170  1.00 35.12  ? 15  ILE A C   1 
ATOM 121  O O   . ILE A 1 15  ? -10.846 5.872   -8.987  1.00 37.44  ? 15  ILE A O   1 
ATOM 122  C CB  . ILE A 1 15  ? -10.681 9.039   -9.238  1.00 37.40  ? 15  ILE A CB  1 
ATOM 123  C CG1 . ILE A 1 15  ? -9.826  10.302  -9.319  1.00 37.85  ? 15  ILE A CG1 1 
ATOM 124  C CG2 . ILE A 1 15  ? -12.063 9.330   -8.669  1.00 36.36  ? 15  ILE A CG2 1 
ATOM 125  C CD1 . ILE A 1 15  ? -10.539 11.473  -9.934  1.00 41.13  ? 15  ILE A CD1 1 
ATOM 126  N N   . ASP A 1 16  ? -11.573 6.742   -7.072  1.00 35.99  ? 16  ASP A N   1 
ATOM 127  C CA  . ASP A 1 16  ? -12.446 5.611   -6.744  1.00 37.05  ? 16  ASP A CA  1 
ATOM 128  C C   . ASP A 1 16  ? -11.694 4.436   -6.133  1.00 37.81  ? 16  ASP A C   1 
ATOM 129  O O   . ASP A 1 16  ? -12.298 3.417   -5.790  1.00 38.35  ? 16  ASP A O   1 
ATOM 130  C CB  . ASP A 1 16  ? -13.235 5.154   -7.965  1.00 37.72  ? 16  ASP A CB  1 
ATOM 131  C CG  . ASP A 1 16  ? -14.294 6.161   -8.370  1.00 39.99  ? 16  ASP A CG  1 
ATOM 132  O OD1 . ASP A 1 16  ? -15.070 6.577   -7.483  1.00 40.33  ? 16  ASP A OD1 1 
ATOM 133  O OD2 . ASP A 1 16  ? -14.353 6.536   -9.563  1.00 40.21  ? 16  ASP A OD2 1 
ATOM 134  N N   . ASP A 1 17  ? -10.377 4.591   -5.986  1.00 37.13  ? 17  ASP A N   1 
ATOM 135  C CA  . ASP A 1 17  ? -9.540  3.567   -5.372  1.00 35.55  ? 17  ASP A CA  1 
ATOM 136  C C   . ASP A 1 17  ? -9.803  3.576   -3.871  1.00 35.90  ? 17  ASP A C   1 
ATOM 137  O O   . ASP A 1 17  ? -10.103 4.618   -3.284  1.00 36.08  ? 17  ASP A O   1 
ATOM 138  C CB  . ASP A 1 17  ? -8.059  3.859   -5.607  1.00 37.24  ? 17  ASP A CB  1 
ATOM 139  C CG  . ASP A 1 17  ? -7.540  3.307   -6.927  1.00 39.44  ? 17  ASP A CG  1 
ATOM 140  O OD1 . ASP A 1 17  ? -8.347  2.829   -7.752  1.00 42.52  ? 17  ASP A OD1 1 
ATOM 141  O OD2 . ASP A 1 17  ? -6.308  3.361   -7.143  1.00 38.76  ? 17  ASP A OD2 1 
ATOM 142  N N   . ILE A 1 18  ? -9.699  2.410   -3.251  1.00 34.86  ? 18  ILE A N   1 
ATOM 143  C CA  . ILE A 1 18  ? -9.901  2.304   -1.813  1.00 34.52  ? 18  ILE A CA  1 
ATOM 144  C C   . ILE A 1 18  ? -8.510  2.142   -1.215  1.00 33.63  ? 18  ILE A C   1 
ATOM 145  O O   . ILE A 1 18  ? -7.854  1.130   -1.427  1.00 34.67  ? 18  ILE A O   1 
ATOM 146  C CB  . ILE A 1 18  ? -10.756 1.074   -1.451  1.00 35.56  ? 18  ILE A CB  1 
ATOM 147  C CG1 . ILE A 1 18  ? -12.057 1.089   -2.247  1.00 34.47  ? 18  ILE A CG1 1 
ATOM 148  C CG2 . ILE A 1 18  ? -11.074 1.088   0.037   1.00 35.57  ? 18  ILE A CG2 1 
ATOM 149  C CD1 . ILE A 1 18  ? -12.955 2.233   -1.897  1.00 35.34  ? 18  ILE A CD1 1 
ATOM 150  N N   . VAL A 1 19  ? -8.057  3.142   -0.475  1.00 32.05  ? 19  VAL A N   1 
ATOM 151  C CA  . VAL A 1 19  ? -6.730  3.095   0.113   1.00 29.05  ? 19  VAL A CA  1 
ATOM 152  C C   . VAL A 1 19  ? -6.777  2.991   1.623   1.00 30.81  ? 19  VAL A C   1 
ATOM 153  O O   . VAL A 1 19  ? -7.759  3.382   2.257   1.00 31.54  ? 19  VAL A O   1 
ATOM 154  C CB  . VAL A 1 19  ? -5.913  4.349   -0.261  1.00 27.68  ? 19  VAL A CB  1 
ATOM 155  C CG1 . VAL A 1 19  ? -5.787  4.455   -1.775  1.00 25.35  ? 19  VAL A CG1 1 
ATOM 156  C CG2 . VAL A 1 19  ? -6.566  5.590   0.317   1.00 24.74  ? 19  VAL A CG2 1 
ATOM 157  N N   . MET A 1 20  ? -5.705  2.449   2.189   1.00 31.11  ? 20  MET A N   1 
ATOM 158  C CA  . MET A 1 20  ? -5.573  2.297   3.628   1.00 32.77  ? 20  MET A CA  1 
ATOM 159  C C   . MET A 1 20  ? -4.853  3.556   4.103   1.00 32.71  ? 20  MET A C   1 
ATOM 160  O O   . MET A 1 20  ? -3.862  3.962   3.496   1.00 34.96  ? 20  MET A O   1 
ATOM 161  C CB  . MET A 1 20  ? -4.728  1.058   3.930   1.00 34.67  ? 20  MET A CB  1 
ATOM 162  C CG  . MET A 1 20  ? -4.512  0.772   5.407   1.00 38.78  ? 20  MET A CG  1 
ATOM 163  S SD  . MET A 1 20  ? -6.017  0.206   6.232   1.00 42.17  ? 20  MET A SD  1 
ATOM 164  C CE  . MET A 1 20  ? -6.187  -1.383  5.495   1.00 40.95  ? 20  MET A CE  1 
ATOM 165  N N   . VAL A 1 21  ? -5.339  4.189   5.165   1.00 32.23  ? 21  VAL A N   1 
ATOM 166  C CA  . VAL A 1 21  ? -4.689  5.404   5.646   1.00 33.56  ? 21  VAL A CA  1 
ATOM 167  C C   . VAL A 1 21  ? -4.512  5.444   7.154   1.00 35.86  ? 21  VAL A C   1 
ATOM 168  O O   . VAL A 1 21  ? -5.164  4.709   7.887   1.00 37.62  ? 21  VAL A O   1 
ATOM 169  C CB  . VAL A 1 21  ? -5.481  6.678   5.258   1.00 32.56  ? 21  VAL A CB  1 
ATOM 170  C CG1 . VAL A 1 21  ? -5.864  6.636   3.789   1.00 30.65  ? 21  VAL A CG1 1 
ATOM 171  C CG2 . VAL A 1 21  ? -6.712  6.829   6.155   1.00 29.19  ? 21  VAL A CG2 1 
ATOM 172  N N   . ASN A 1 22  ? -3.621  6.317   7.607   1.00 36.98  ? 22  ASN A N   1 
ATOM 173  C CA  . ASN A 1 22  ? -3.388  6.498   9.030   1.00 38.46  ? 22  ASN A CA  1 
ATOM 174  C C   . ASN A 1 22  ? -3.715  7.952   9.330   1.00 37.92  ? 22  ASN A C   1 
ATOM 175  O O   . ASN A 1 22  ? -3.220  8.848   8.642   1.00 36.79  ? 22  ASN A O   1 
ATOM 176  C CB  . ASN A 1 22  ? -1.932  6.236   9.388   1.00 40.70  ? 22  ASN A CB  1 
ATOM 177  C CG  . ASN A 1 22  ? -1.699  6.298   10.876  1.00 43.14  ? 22  ASN A CG  1 
ATOM 178  O OD1 . ASN A 1 22  ? -2.099  5.395   11.611  1.00 45.16  ? 22  ASN A OD1 1 
ATOM 179  N ND2 . ASN A 1 22  ? -1.080  7.378   11.338  1.00 44.88  ? 22  ASN A ND2 1 
ATOM 180  N N   . VAL A 1 23  ? -4.539  8.191   10.345  1.00 38.12  ? 23  VAL A N   1 
ATOM 181  C CA  . VAL A 1 23  ? -4.936  9.556   10.689  1.00 39.82  ? 23  VAL A CA  1 
ATOM 182  C C   . VAL A 1 23  ? -3.870  10.290  11.496  1.00 41.98  ? 23  VAL A C   1 
ATOM 183  O O   . VAL A 1 23  ? -3.636  9.971   12.656  1.00 42.65  ? 23  VAL A O   1 
ATOM 184  C CB  . VAL A 1 23  ? -6.261  9.558   11.473  1.00 37.65  ? 23  VAL A CB  1 
ATOM 185  C CG1 . VAL A 1 23  ? -6.693  10.975  11.761  1.00 37.87  ? 23  VAL A CG1 1 
ATOM 186  C CG2 . VAL A 1 23  ? -7.334  8.840   10.674  1.00 37.23  ? 23  VAL A CG2 1 
ATOM 187  N N   . GLN A 1 24  ? -3.231  11.277  10.873  1.00 43.93  ? 24  GLN A N   1 
ATOM 188  C CA  . GLN A 1 24  ? -2.174  12.047  11.522  1.00 46.50  ? 24  GLN A CA  1 
ATOM 189  C C   . GLN A 1 24  ? -2.709  13.064  12.533  1.00 47.69  ? 24  GLN A C   1 
ATOM 190  O O   . GLN A 1 24  ? -2.153  13.212  13.622  1.00 47.26  ? 24  GLN A O   1 
ATOM 191  C CB  . GLN A 1 24  ? -1.327  12.771  10.473  1.00 46.90  ? 24  GLN A CB  1 
ATOM 192  C CG  . GLN A 1 24  ? -0.722  11.862  9.419   1.00 49.96  ? 24  GLN A CG  1 
ATOM 193  C CD  . GLN A 1 24  ? -0.031  12.637  8.292   1.00 52.10  ? 24  GLN A CD  1 
ATOM 194  O OE1 . GLN A 1 24  ? -0.558  13.631  7.794   1.00 51.57  ? 24  GLN A OE1 1 
ATOM 195  N NE2 . GLN A 1 24  ? 1.143   12.169  7.879   1.00 51.79  ? 24  GLN A NE2 1 
ATOM 196  N N   . GLN A 1 25  ? -3.772  13.776  12.171  1.00 49.54  ? 25  GLN A N   1 
ATOM 197  C CA  . GLN A 1 25  ? -4.352  14.766  13.071  1.00 51.61  ? 25  GLN A CA  1 
ATOM 198  C C   . GLN A 1 25  ? -5.727  15.201  12.589  1.00 52.32  ? 25  GLN A C   1 
ATOM 199  O O   . GLN A 1 25  ? -6.109  14.901  11.461  1.00 52.21  ? 25  GLN A O   1 
ATOM 200  C CB  . GLN A 1 25  ? -3.424  15.983  13.205  1.00 51.94  ? 25  GLN A CB  1 
ATOM 201  C CG  . GLN A 1 25  ? -3.398  16.940  12.022  1.00 53.21  ? 25  GLN A CG  1 
ATOM 202  C CD  . GLN A 1 25  ? -2.433  18.114  12.237  1.00 55.39  ? 25  GLN A CD  1 
ATOM 203  O OE1 . GLN A 1 25  ? -1.211  17.941  12.225  1.00 54.18  ? 25  GLN A OE1 1 
ATOM 204  N NE2 . GLN A 1 25  ? -2.987  19.308  12.447  1.00 55.32  ? 25  GLN A NE2 1 
ATOM 205  N N   . ILE A 1 26  ? -6.469  15.899  13.445  1.00 53.67  ? 26  ILE A N   1 
ATOM 206  C CA  . ILE A 1 26  ? -7.809  16.361  13.089  1.00 55.34  ? 26  ILE A CA  1 
ATOM 207  C C   . ILE A 1 26  ? -7.923  17.878  13.173  1.00 55.35  ? 26  ILE A C   1 
ATOM 208  O O   . ILE A 1 26  ? -8.075  18.423  14.262  1.00 56.38  ? 26  ILE A O   1 
ATOM 209  C CB  . ILE A 1 26  ? -8.875  15.788  14.034  1.00 56.60  ? 26  ILE A CB  1 
ATOM 210  C CG1 . ILE A 1 26  ? -8.456  14.403  14.532  1.00 58.23  ? 26  ILE A CG1 1 
ATOM 211  C CG2 . ILE A 1 26  ? -10.215 15.747  13.315  1.00 56.28  ? 26  ILE A CG2 1 
ATOM 212  C CD1 . ILE A 1 26  ? -8.291  13.376  13.439  1.00 61.37  ? 26  ILE A CD1 1 
ATOM 213  N N   . ALA A 1 27  ? -7.863  18.557  12.033  1.00 54.89  ? 27  ALA A N   1 
ATOM 214  C CA  . ALA A 1 27  ? -7.968  20.009  12.014  1.00 54.78  ? 27  ALA A CA  1 
ATOM 215  C C   . ALA A 1 27  ? -9.424  20.443  11.991  1.00 55.76  ? 27  ALA A C   1 
ATOM 216  O O   . ALA A 1 27  ? -10.325 19.622  12.087  1.00 57.16  ? 27  ALA A O   1 
ATOM 217  C CB  . ALA A 1 27  ? -7.240  20.574  10.810  1.00 54.23  ? 27  ALA A CB  1 
ATOM 218  N N   . GLU A 1 28  ? -9.653  21.741  11.853  1.00 57.34  ? 28  GLU A N   1 
ATOM 219  C CA  . GLU A 1 28  ? -11.009 22.271  11.833  1.00 58.88  ? 28  GLU A CA  1 
ATOM 220  C C   . GLU A 1 28  ? -11.689 22.031  10.477  1.00 57.98  ? 28  GLU A C   1 
ATOM 221  O O   . GLU A 1 28  ? -12.918 21.992  10.389  1.00 57.70  ? 28  GLU A O   1 
ATOM 222  C CB  . GLU A 1 28  ? -10.976 23.766  12.155  1.00 61.90  ? 28  GLU A CB  1 
ATOM 223  C CG  . GLU A 1 28  ? -12.325 24.359  12.506  1.00 66.99  ? 28  GLU A CG  1 
ATOM 224  C CD  . GLU A 1 28  ? -12.287 25.879  12.608  1.00 69.92  ? 28  GLU A CD  1 
ATOM 225  O OE1 . GLU A 1 28  ? -13.364 26.486  12.823  1.00 71.22  ? 28  GLU A OE1 1 
ATOM 226  O OE2 . GLU A 1 28  ? -11.185 26.466  12.471  1.00 70.46  ? 28  GLU A OE2 1 
ATOM 227  N N   . MET A 1 29  ? -10.890 21.879  9.422   1.00 56.80  ? 29  MET A N   1 
ATOM 228  C CA  . MET A 1 29  ? -11.421 21.627  8.083   1.00 55.22  ? 29  MET A CA  1 
ATOM 229  C C   . MET A 1 29  ? -11.744 20.142  7.915   1.00 52.26  ? 29  MET A C   1 
ATOM 230  O O   . MET A 1 29  ? -12.685 19.772  7.214   1.00 50.20  ? 29  MET A O   1 
ATOM 231  C CB  . MET A 1 29  ? -10.399 21.993  7.009   1.00 59.72  ? 29  MET A CB  1 
ATOM 232  C CG  . MET A 1 29  ? -9.932  23.429  6.978   1.00 62.62  ? 29  MET A CG  1 
ATOM 233  S SD  . MET A 1 29  ? -9.096  23.743  5.373   1.00 70.63  ? 29  MET A SD  1 
ATOM 234  C CE  . MET A 1 29  ? -7.513  22.796  5.578   1.00 67.24  ? 29  MET A CE  1 
ATOM 235  N N   . GLY A 1 30  ? -10.941 19.294  8.549   1.00 48.59  ? 30  GLY A N   1 
ATOM 236  C CA  . GLY A 1 30  ? -11.147 17.866  8.431   1.00 45.79  ? 30  GLY A CA  1 
ATOM 237  C C   . GLY A 1 30  ? -9.982  17.081  8.993   1.00 43.15  ? 30  GLY A C   1 
ATOM 238  O O   . GLY A 1 30  ? -9.305  17.544  9.906   1.00 43.80  ? 30  GLY A O   1 
ATOM 239  N N   . ALA A 1 31  ? -9.737  15.893  8.451   1.00 40.40  ? 31  ALA A N   1 
ATOM 240  C CA  . ALA A 1 31  ? -8.648  15.060  8.944   1.00 37.26  ? 31  ALA A CA  1 
ATOM 241  C C   . ALA A 1 31  ? -7.490  14.972  7.973   1.00 35.57  ? 31  ALA A C   1 
ATOM 242  O O   . ALA A 1 31  ? -7.685  14.906  6.765   1.00 35.59  ? 31  ALA A O   1 
ATOM 243  C CB  . ALA A 1 31  ? -9.163  13.663  9.258   1.00 36.87  ? 31  ALA A CB  1 
ATOM 244  N N   . TYR A 1 32  ? -6.278  14.993  8.507   1.00 33.49  ? 32  TYR A N   1 
ATOM 245  C CA  . TYR A 1 32  ? -5.092  14.876  7.677   1.00 34.91  ? 32  TYR A CA  1 
ATOM 246  C C   . TYR A 1 32  ? -4.620  13.442  7.874   1.00 34.34  ? 32  TYR A C   1 
ATOM 247  O O   . TYR A 1 32  ? -4.500  12.967  9.006   1.00 33.79  ? 32  TYR A O   1 
ATOM 248  C CB  . TYR A 1 32  ? -4.015  15.863  8.128   1.00 36.34  ? 32  TYR A CB  1 
ATOM 249  C CG  . TYR A 1 32  ? -4.387  17.313  7.926   1.00 38.19  ? 32  TYR A CG  1 
ATOM 250  C CD1 . TYR A 1 32  ? -4.443  18.197  9.006   1.00 39.15  ? 32  TYR A CD1 1 
ATOM 251  C CD2 . TYR A 1 32  ? -4.683  17.806  6.651   1.00 39.06  ? 32  TYR A CD2 1 
ATOM 252  C CE1 . TYR A 1 32  ? -4.785  19.545  8.823   1.00 40.37  ? 32  TYR A CE1 1 
ATOM 253  C CE2 . TYR A 1 32  ? -5.030  19.145  6.455   1.00 39.65  ? 32  TYR A CE2 1 
ATOM 254  C CZ  . TYR A 1 32  ? -5.076  20.011  7.544   1.00 40.83  ? 32  TYR A CZ  1 
ATOM 255  O OH  . TYR A 1 32  ? -5.394  21.343  7.353   1.00 42.07  ? 32  TYR A OH  1 
ATOM 256  N N   . VAL A 1 33  ? -4.360  12.750  6.774   1.00 32.87  ? 33  VAL A N   1 
ATOM 257  C CA  . VAL A 1 33  ? -3.948  11.360  6.858   1.00 32.10  ? 33  VAL A CA  1 
ATOM 258  C C   . VAL A 1 33  ? -2.821  11.092  5.896   1.00 32.08  ? 33  VAL A C   1 
ATOM 259  O O   . VAL A 1 33  ? -2.528  11.919  5.040   1.00 32.35  ? 33  VAL A O   1 
ATOM 260  C CB  . VAL A 1 33  ? -5.103  10.424  6.465   1.00 31.30  ? 33  VAL A CB  1 
ATOM 261  C CG1 . VAL A 1 33  ? -6.314  10.669  7.361   1.00 29.37  ? 33  VAL A CG1 1 
ATOM 262  C CG2 . VAL A 1 33  ? -5.465  10.653  5.000   1.00 29.61  ? 33  VAL A CG2 1 
ATOM 263  N N   . LYS A 1 34  ? -2.195  9.930   6.036   1.00 31.53  ? 34  LYS A N   1 
ATOM 264  C CA  . LYS A 1 34  ? -1.131  9.545   5.127   1.00 31.94  ? 34  LYS A CA  1 
ATOM 265  C C   . LYS A 1 34  ? -1.498  8.212   4.465   1.00 32.23  ? 34  LYS A C   1 
ATOM 266  O O   . LYS A 1 34  ? -2.135  7.348   5.087   1.00 30.22  ? 34  LYS A O   1 
ATOM 267  C CB  . LYS A 1 34  ? 0.201   9.447   5.870   1.00 32.97  ? 34  LYS A CB  1 
ATOM 268  C CG  . LYS A 1 34  ? 0.230   8.469   7.014   1.00 35.54  ? 34  LYS A CG  1 
ATOM 269  C CD  . LYS A 1 34  ? 1.597   8.511   7.679   1.00 37.55  ? 34  LYS A CD  1 
ATOM 270  C CE  . LYS A 1 34  ? 1.687   7.559   8.863   1.00 40.22  ? 34  LYS A CE  1 
ATOM 271  N NZ  . LYS A 1 34  ? 2.947   7.766   9.638   1.00 40.67  ? 34  LYS A NZ  1 
ATOM 272  N N   . LEU A 1 35  ? -1.126  8.055   3.196   1.00 31.03  ? 35  LEU A N   1 
ATOM 273  C CA  . LEU A 1 35  ? -1.446  6.831   2.480   1.00 29.52  ? 35  LEU A CA  1 
ATOM 274  C C   . LEU A 1 35  ? -0.373  5.772   2.706   1.00 30.39  ? 35  LEU A C   1 
ATOM 275  O O   . LEU A 1 35  ? 0.681   5.788   2.060   1.00 29.71  ? 35  LEU A O   1 
ATOM 276  C CB  . LEU A 1 35  ? -1.617  7.112   0.981   1.00 27.51  ? 35  LEU A CB  1 
ATOM 277  C CG  . LEU A 1 35  ? -2.614  8.200   0.557   1.00 26.00  ? 35  LEU A CG  1 
ATOM 278  C CD1 . LEU A 1 35  ? -3.289  7.770   -0.727  1.00 25.93  ? 35  LEU A CD1 1 
ATOM 279  C CD2 . LEU A 1 35  ? -3.661  8.415   1.615   1.00 24.58  ? 35  LEU A CD2 1 
ATOM 280  N N   . LEU A 1 36  ? -0.663  4.846   3.621   1.00 28.86  ? 36  LEU A N   1 
ATOM 281  C CA  . LEU A 1 36  ? 0.254   3.772   3.968   1.00 27.99  ? 36  LEU A CA  1 
ATOM 282  C C   . LEU A 1 36  ? 0.783   2.978   2.789   1.00 28.62  ? 36  LEU A C   1 
ATOM 283  O O   . LEU A 1 36  ? 1.891   2.432   2.851   1.00 32.02  ? 36  LEU A O   1 
ATOM 284  C CB  . LEU A 1 36  ? -0.414  2.812   4.939   1.00 27.30  ? 36  LEU A CB  1 
ATOM 285  C CG  . LEU A 1 36  ? -0.812  3.451   6.262   1.00 28.21  ? 36  LEU A CG  1 
ATOM 286  C CD1 . LEU A 1 36  ? -1.440  2.413   7.166   1.00 26.76  ? 36  LEU A CD1 1 
ATOM 287  C CD2 . LEU A 1 36  ? 0.414   4.066   6.911   1.00 26.53  ? 36  LEU A CD2 1 
ATOM 288  N N   . GLU A 1 37  ? 0.007   2.909   1.715   1.00 28.42  ? 37  GLU A N   1 
ATOM 289  C CA  . GLU A 1 37  ? 0.420   2.144   0.544   1.00 28.18  ? 37  GLU A CA  1 
ATOM 290  C C   . GLU A 1 37  ? 1.149   2.951   -0.510  1.00 27.29  ? 37  GLU A C   1 
ATOM 291  O O   . GLU A 1 37  ? 1.681   2.370   -1.454  1.00 25.47  ? 37  GLU A O   1 
ATOM 292  C CB  . GLU A 1 37  ? -0.788  1.506   -0.123  1.00 31.66  ? 37  GLU A CB  1 
ATOM 293  C CG  . GLU A 1 37  ? -1.588  0.587   0.757   1.00 33.27  ? 37  GLU A CG  1 
ATOM 294  C CD  . GLU A 1 37  ? -2.952  0.344   0.179   1.00 34.52  ? 37  GLU A CD  1 
ATOM 295  O OE1 . GLU A 1 37  ? -3.765  1.298   0.174   1.00 35.18  ? 37  GLU A OE1 1 
ATOM 296  O OE2 . GLU A 1 37  ? -3.200  -0.787  -0.283  1.00 36.48  ? 37  GLU A OE2 1 
ATOM 297  N N   . TYR A 1 38  ? 1.160   4.274   -0.381  1.00 26.07  ? 38  TYR A N   1 
ATOM 298  C CA  . TYR A 1 38  ? 1.839   5.094   -1.374  1.00 26.41  ? 38  TYR A CA  1 
ATOM 299  C C   . TYR A 1 38  ? 2.951   5.919   -0.736  1.00 28.90  ? 38  TYR A C   1 
ATOM 300  O O   . TYR A 1 38  ? 3.058   7.126   -0.955  1.00 29.80  ? 38  TYR A O   1 
ATOM 301  C CB  . TYR A 1 38  ? 0.833   6.002   -2.100  1.00 25.42  ? 38  TYR A CB  1 
ATOM 302  C CG  . TYR A 1 38  ? -0.167  5.240   -2.947  1.00 22.88  ? 38  TYR A CG  1 
ATOM 303  C CD1 . TYR A 1 38  ? -1.194  4.496   -2.355  1.00 22.84  ? 38  TYR A CD1 1 
ATOM 304  C CD2 . TYR A 1 38  ? -0.058  5.222   -4.339  1.00 23.99  ? 38  TYR A CD2 1 
ATOM 305  C CE1 . TYR A 1 38  ? -2.083  3.750   -3.126  1.00 23.91  ? 38  TYR A CE1 1 
ATOM 306  C CE2 . TYR A 1 38  ? -0.947  4.479   -5.132  1.00 24.04  ? 38  TYR A CE2 1 
ATOM 307  C CZ  . TYR A 1 38  ? -1.955  3.745   -4.520  1.00 27.19  ? 38  TYR A CZ  1 
ATOM 308  O OH  . TYR A 1 38  ? -2.831  3.001   -5.295  1.00 28.47  ? 38  TYR A OH  1 
ATOM 309  N N   . ASP A 1 39  ? 3.774   5.235   0.054   1.00 30.54  ? 39  ASP A N   1 
ATOM 310  C CA  . ASP A 1 39  ? 4.903   5.820   0.768   1.00 31.14  ? 39  ASP A CA  1 
ATOM 311  C C   . ASP A 1 39  ? 4.570   7.021   1.639   1.00 32.06  ? 39  ASP A C   1 
ATOM 312  O O   . ASP A 1 39  ? 5.317   8.001   1.689   1.00 32.94  ? 39  ASP A O   1 
ATOM 313  C CB  . ASP A 1 39  ? 6.018   6.191   -0.198  1.00 31.29  ? 39  ASP A CB  1 
ATOM 314  C CG  . ASP A 1 39  ? 7.397   6.064   0.439   1.00 34.32  ? 39  ASP A CG  1 
ATOM 315  O OD1 . ASP A 1 39  ? 7.484   5.671   1.633   1.00 31.77  ? 39  ASP A OD1 1 
ATOM 316  O OD2 . ASP A 1 39  ? 8.392   6.354   -0.257  1.00 37.01  ? 39  ASP A OD2 1 
ATOM 317  N N   . ASN A 1 40  ? 3.437   6.937   2.323   1.00 32.81  ? 40  ASN A N   1 
ATOM 318  C CA  . ASN A 1 40  ? 2.996   7.975   3.237   1.00 32.91  ? 40  ASN A CA  1 
ATOM 319  C C   . ASN A 1 40  ? 2.805   9.379   2.703   1.00 31.95  ? 40  ASN A C   1 
ATOM 320  O O   . ASN A 1 40  ? 3.066   10.349  3.410   1.00 31.80  ? 40  ASN A O   1 
ATOM 321  C CB  . ASN A 1 40  ? 3.940   8.015   4.426   1.00 34.23  ? 40  ASN A CB  1 
ATOM 322  C CG  . ASN A 1 40  ? 4.036   6.681   5.105   1.00 36.80  ? 40  ASN A CG  1 
ATOM 323  O OD1 . ASN A 1 40  ? 3.027   6.123   5.527   1.00 38.19  ? 40  ASN A OD1 1 
ATOM 324  N ND2 . ASN A 1 40  ? 5.244   6.147   5.202   1.00 38.57  ? 40  ASN A ND2 1 
ATOM 325  N N   . ILE A 1 41  ? 2.354   9.504   1.462   1.00 31.62  ? 41  ILE A N   1 
ATOM 326  C CA  . ILE A 1 41  ? 2.107   10.830  0.932   1.00 30.49  ? 41  ILE A CA  1 
ATOM 327  C C   . ILE A 1 41  ? 0.848   11.351  1.634   1.00 30.05  ? 41  ILE A C   1 
ATOM 328  O O   . ILE A 1 41  ? 0.025   10.576  2.120   1.00 30.81  ? 41  ILE A O   1 
ATOM 329  C CB  . ILE A 1 41  ? 1.937   10.812  -0.602  1.00 29.87  ? 41  ILE A CB  1 
ATOM 330  C CG1 . ILE A 1 41  ? 0.789   9.895   -1.023  1.00 29.33  ? 41  ILE A CG1 1 
ATOM 331  C CG2 . ILE A 1 41  ? 3.221   10.337  -1.235  1.00 24.91  ? 41  ILE A CG2 1 
ATOM 332  C CD1 . ILE A 1 41  ? 0.582   9.867   -2.531  1.00 30.22  ? 41  ILE A CD1 1 
ATOM 333  N N   . GLU A 1 42  ? 0.729   12.670  1.698   1.00 30.66  ? 42  GLU A N   1 
ATOM 334  C CA  . GLU A 1 42  ? -0.373  13.355  2.376   1.00 29.78  ? 42  GLU A CA  1 
ATOM 335  C C   . GLU A 1 42  ? -1.726  13.306  1.678   1.00 29.27  ? 42  GLU A C   1 
ATOM 336  O O   . GLU A 1 42  ? -1.808  13.411  0.451   1.00 29.98  ? 42  GLU A O   1 
ATOM 337  C CB  . GLU A 1 42  ? 0.018   14.822  2.581   1.00 31.01  ? 42  GLU A CB  1 
ATOM 338  C CG  . GLU A 1 42  ? -0.732  15.539  3.669   1.00 34.02  ? 42  GLU A CG  1 
ATOM 339  C CD  . GLU A 1 42  ? -0.560  14.876  5.021   1.00 38.06  ? 42  GLU A CD  1 
ATOM 340  O OE1 . GLU A 1 42  ? 0.450   14.159  5.235   1.00 40.02  ? 42  GLU A OE1 1 
ATOM 341  O OE2 . GLU A 1 42  ? -1.440  15.081  5.880   1.00 43.15  ? 42  GLU A OE2 1 
ATOM 342  N N   . GLY A 1 43  ? -2.783  13.166  2.472   1.00 27.50  ? 43  GLY A N   1 
ATOM 343  C CA  . GLY A 1 43  ? -4.129  13.142  1.932   1.00 27.61  ? 43  GLY A CA  1 
ATOM 344  C C   . GLY A 1 43  ? -5.079  13.830  2.902   1.00 28.74  ? 43  GLY A C   1 
ATOM 345  O O   . GLY A 1 43  ? -4.796  13.903  4.104   1.00 31.01  ? 43  GLY A O   1 
ATOM 346  N N   . MET A 1 44  ? -6.195  14.357  2.411   1.00 28.27  ? 44  MET A N   1 
ATOM 347  C CA  . MET A 1 44  ? -7.138  14.994  3.317   1.00 28.21  ? 44  MET A CA  1 
ATOM 348  C C   . MET A 1 44  ? -8.566  14.455  3.188   1.00 26.28  ? 44  MET A C   1 
ATOM 349  O O   . MET A 1 44  ? -8.944  13.919  2.147   1.00 26.42  ? 44  MET A O   1 
ATOM 350  C CB  . MET A 1 44  ? -7.146  16.505  3.112   1.00 29.60  ? 44  MET A CB  1 
ATOM 351  C CG  . MET A 1 44  ? -7.963  17.226  4.180   1.00 35.00  ? 44  MET A CG  1 
ATOM 352  S SD  . MET A 1 44  ? -7.886  19.011  4.073   1.00 41.38  ? 44  MET A SD  1 
ATOM 353  C CE  . MET A 1 44  ? -9.286  19.330  2.986   1.00 41.23  ? 44  MET A CE  1 
ATOM 354  N N   . ILE A 1 45  ? -9.338  14.573  4.265   1.00 24.06  ? 45  ILE A N   1 
ATOM 355  C CA  . ILE A 1 45  ? -10.734 14.143  4.285   1.00 25.13  ? 45  ILE A CA  1 
ATOM 356  C C   . ILE A 1 45  ? -11.488 15.298  4.912   1.00 26.58  ? 45  ILE A C   1 
ATOM 357  O O   . ILE A 1 45  ? -11.436 15.456  6.131   1.00 25.66  ? 45  ILE A O   1 
ATOM 358  C CB  . ILE A 1 45  ? -10.981 12.917  5.195   1.00 24.53  ? 45  ILE A CB  1 
ATOM 359  C CG1 . ILE A 1 45  ? -10.185 11.705  4.722   1.00 25.41  ? 45  ILE A CG1 1 
ATOM 360  C CG2 . ILE A 1 45  ? -12.460 12.553  5.163   1.00 24.43  ? 45  ILE A CG2 1 
ATOM 361  C CD1 . ILE A 1 45  ? -10.281 10.527  5.674   1.00 23.70  ? 45  ILE A CD1 1 
ATOM 362  N N   . LEU A 1 46  ? -12.191 16.114  4.126   1.00 28.50  ? 46  LEU A N   1 
ATOM 363  C CA  . LEU A 1 46  ? -12.867 17.213  4.792   1.00 32.25  ? 46  LEU A CA  1 
ATOM 364  C C   . LEU A 1 46  ? -14.015 16.697  5.627   1.00 31.00  ? 46  LEU A C   1 
ATOM 365  O O   . LEU A 1 46  ? -14.502 15.587  5.419   1.00 31.69  ? 46  LEU A O   1 
ATOM 366  C CB  . LEU A 1 46  ? -13.315 18.324  3.822   1.00 35.84  ? 46  LEU A CB  1 
ATOM 367  C CG  . LEU A 1 46  ? -14.338 18.094  2.729   1.00 40.18  ? 46  LEU A CG  1 
ATOM 368  C CD1 . LEU A 1 46  ? -14.701 19.437  2.113   1.00 37.43  ? 46  LEU A CD1 1 
ATOM 369  C CD2 . LEU A 1 46  ? -13.755 17.118  1.686   1.00 45.91  ? 46  LEU A CD2 1 
ATOM 370  N N   . LEU A 1 47  ? -14.406 17.506  6.603   1.00 30.66  ? 47  LEU A N   1 
ATOM 371  C CA  . LEU A 1 47  ? -15.454 17.173  7.548   1.00 31.97  ? 47  LEU A CA  1 
ATOM 372  C C   . LEU A 1 47  ? -16.695 16.465  7.009   1.00 31.65  ? 47  LEU A C   1 
ATOM 373  O O   . LEU A 1 47  ? -17.094 15.428  7.532   1.00 32.73  ? 47  LEU A O   1 
ATOM 374  C CB  . LEU A 1 47  ? -15.861 18.443  8.297   1.00 34.57  ? 47  LEU A CB  1 
ATOM 375  C CG  . LEU A 1 47  ? -15.816 18.366  9.824   1.00 37.47  ? 47  LEU A CG  1 
ATOM 376  C CD1 . LEU A 1 47  ? -14.460 17.863  10.271  1.00 38.43  ? 47  LEU A CD1 1 
ATOM 377  C CD2 . LEU A 1 47  ? -16.090 19.740  10.402  1.00 38.87  ? 47  LEU A CD2 1 
ATOM 378  N N   . SER A 1 48  ? -17.305 17.018  5.970   1.00 29.54  ? 48  SER A N   1 
ATOM 379  C CA  . SER A 1 48  ? -18.517 16.435  5.414   1.00 29.30  ? 48  SER A CA  1 
ATOM 380  C C   . SER A 1 48  ? -18.313 15.054  4.811   1.00 31.14  ? 48  SER A C   1 
ATOM 381  O O   . SER A 1 48  ? -19.280 14.372  4.460   1.00 32.18  ? 48  SER A O   1 
ATOM 382  C CB  . SER A 1 48  ? -19.103 17.368  4.364   1.00 28.28  ? 48  SER A CB  1 
ATOM 383  O OG  . SER A 1 48  ? -18.155 17.585  3.340   1.00 30.01  ? 48  SER A OG  1 
ATOM 384  N N   . GLU A 1 49  ? -17.059 14.639  4.683   1.00 32.02  ? 49  GLU A N   1 
ATOM 385  C CA  . GLU A 1 49  ? -16.758 13.327  4.126   1.00 32.03  ? 49  GLU A CA  1 
ATOM 386  C C   . GLU A 1 49  ? -16.333 12.323  5.211   1.00 34.29  ? 49  GLU A C   1 
ATOM 387  O O   . GLU A 1 49  ? -16.071 11.147  4.910   1.00 33.33  ? 49  GLU A O   1 
ATOM 388  C CB  . GLU A 1 49  ? -15.671 13.451  3.067   1.00 30.14  ? 49  GLU A CB  1 
ATOM 389  C CG  . GLU A 1 49  ? -16.071 14.259  1.846   1.00 29.39  ? 49  GLU A CG  1 
ATOM 390  C CD  . GLU A 1 49  ? -17.112 13.559  0.991   1.00 32.61  ? 49  GLU A CD  1 
ATOM 391  O OE1 . GLU A 1 49  ? -17.204 12.317  1.060   1.00 34.09  ? 49  GLU A OE1 1 
ATOM 392  O OE2 . GLU A 1 49  ? -17.837 14.242  0.232   1.00 35.11  ? 49  GLU A OE2 1 
ATOM 393  N N   . LEU A 1 50  ? -16.266 12.782  6.463   1.00 35.14  ? 50  LEU A N   1 
ATOM 394  C CA  . LEU A 1 50  ? -15.891 11.907  7.568   1.00 38.08  ? 50  LEU A CA  1 
ATOM 395  C C   . LEU A 1 50  ? -17.058 11.057  8.022   1.00 40.23  ? 50  LEU A C   1 
ATOM 396  O O   . LEU A 1 50  ? -16.870 9.950   8.519   1.00 40.61  ? 50  LEU A O   1 
ATOM 397  C CB  . LEU A 1 50  ? -15.369 12.706  8.764   1.00 38.73  ? 50  LEU A CB  1 
ATOM 398  C CG  . LEU A 1 50  ? -13.866 12.976  8.785   1.00 39.76  ? 50  LEU A CG  1 
ATOM 399  C CD1 . LEU A 1 50  ? -13.500 13.641  10.097  1.00 41.77  ? 50  LEU A CD1 1 
ATOM 400  C CD2 . LEU A 1 50  ? -13.097 11.668  8.625   1.00 40.59  ? 50  LEU A CD2 1 
ATOM 401  N N   . SER A 1 51  ? -18.267 11.586  7.865   1.00 42.42  ? 51  SER A N   1 
ATOM 402  C CA  . SER A 1 51  ? -19.479 10.864  8.245   1.00 45.15  ? 51  SER A CA  1 
ATOM 403  C C   . SER A 1 51  ? -20.674 11.713  7.867   1.00 46.80  ? 51  SER A C   1 
ATOM 404  O O   . SER A 1 51  ? -20.511 12.866  7.481   1.00 46.76  ? 51  SER A O   1 
ATOM 405  C CB  . SER A 1 51  ? -19.510 10.606  9.749   1.00 44.40  ? 51  SER A CB  1 
ATOM 406  O OG  . SER A 1 51  ? -19.856 11.785  10.446  1.00 43.21  ? 51  SER A OG  1 
ATOM 407  N N   . ARG A 1 52  ? -21.871 11.143  7.968   1.00 50.91  ? 52  ARG A N   1 
ATOM 408  C CA  . ARG A 1 52  ? -23.085 11.893  7.653   1.00 53.75  ? 52  ARG A CA  1 
ATOM 409  C C   . ARG A 1 52  ? -23.378 12.898  8.752   1.00 55.43  ? 52  ARG A C   1 
ATOM 410  O O   . ARG A 1 52  ? -23.539 14.085  8.484   1.00 57.05  ? 52  ARG A O   1 
ATOM 411  C CB  . ARG A 1 52  ? -24.273 10.951  7.465   1.00 53.72  ? 52  ARG A CB  1 
ATOM 412  C CG  . ARG A 1 52  ? -24.438 10.541  6.028   1.00 57.17  ? 52  ARG A CG  1 
ATOM 413  C CD  . ARG A 1 52  ? -24.512 9.046   5.844   1.00 59.51  ? 52  ARG A CD  1 
ATOM 414  N NE  . ARG A 1 52  ? -25.846 8.524   6.100   1.00 62.60  ? 52  ARG A NE  1 
ATOM 415  C CZ  . ARG A 1 52  ? -26.312 7.394   5.575   1.00 64.62  ? 52  ARG A CZ  1 
ATOM 416  N NH1 . ARG A 1 52  ? -27.544 6.982   5.859   1.00 65.92  ? 52  ARG A NH1 1 
ATOM 417  N NH2 . ARG A 1 52  ? -25.547 6.679   4.758   1.00 63.32  ? 52  ARG A NH2 1 
ATOM 418  N N   . ARG A 1 53  ? -23.432 12.431  9.992   1.00 57.07  ? 53  ARG A N   1 
ATOM 419  C CA  . ARG A 1 53  ? -23.695 13.318  11.114  1.00 59.73  ? 53  ARG A CA  1 
ATOM 420  C C   . ARG A 1 53  ? -22.697 14.473  11.127  1.00 60.16  ? 53  ARG A C   1 
ATOM 421  O O   . ARG A 1 53  ? -21.668 14.426  10.458  1.00 59.81  ? 53  ARG A O   1 
ATOM 422  C CB  . ARG A 1 53  ? -23.587 12.546  12.431  1.00 61.53  ? 53  ARG A CB  1 
ATOM 423  C CG  . ARG A 1 53  ? -24.746 11.612  12.709  1.00 65.34  ? 53  ARG A CG  1 
ATOM 424  C CD  . ARG A 1 53  ? -24.412 10.709  13.876  1.00 69.15  ? 53  ARG A CD  1 
ATOM 425  N NE  . ARG A 1 53  ? -23.268 9.856   13.560  1.00 73.29  ? 53  ARG A NE  1 
ATOM 426  C CZ  . ARG A 1 53  ? -22.622 9.100   14.445  1.00 75.56  ? 53  ARG A CZ  1 
ATOM 427  N NH1 . ARG A 1 53  ? -21.590 8.357   14.054  1.00 75.54  ? 53  ARG A NH1 1 
ATOM 428  N NH2 . ARG A 1 53  ? -22.997 9.092   15.720  1.00 77.10  ? 53  ARG A NH2 1 
ATOM 429  N N   . ARG A 1 54  ? -23.014 15.520  11.878  1.00 61.05  ? 54  ARG A N   1 
ATOM 430  C CA  . ARG A 1 54  ? -22.104 16.645  11.997  1.00 63.67  ? 54  ARG A CA  1 
ATOM 431  C C   . ARG A 1 54  ? -21.522 16.559  13.398  1.00 66.89  ? 54  ARG A C   1 
ATOM 432  O O   . ARG A 1 54  ? -22.116 17.024  14.371  1.00 67.78  ? 54  ARG A O   1 
ATOM 433  C CB  . ARG A 1 54  ? -22.834 17.969  11.776  1.00 60.28  ? 54  ARG A CB  1 
ATOM 434  C CG  . ARG A 1 54  ? -23.284 18.149  10.340  1.00 55.34  ? 54  ARG A CG  1 
ATOM 435  C CD  . ARG A 1 54  ? -23.706 19.560  10.050  1.00 51.76  ? 54  ARG A CD  1 
ATOM 436  N NE  . ARG A 1 54  ? -24.236 19.701  8.700   1.00 47.14  ? 54  ARG A NE  1 
ATOM 437  C CZ  . ARG A 1 54  ? -24.753 20.825  8.220   1.00 44.90  ? 54  ARG A CZ  1 
ATOM 438  N NH1 . ARG A 1 54  ? -24.810 21.908  8.976   1.00 44.08  ? 54  ARG A NH1 1 
ATOM 439  N NH2 . ARG A 1 54  ? -25.228 20.866  6.988   1.00 47.48  ? 54  ARG A NH2 1 
ATOM 440  N N   . ILE A 1 55  ? -20.354 15.930  13.469  1.00 70.96  ? 55  ILE A N   1 
ATOM 441  C CA  . ILE A 1 55  ? -19.622 15.691  14.708  1.00 74.30  ? 55  ILE A CA  1 
ATOM 442  C C   . ILE A 1 55  ? -19.535 16.823  15.728  1.00 75.04  ? 55  ILE A C   1 
ATOM 443  O O   . ILE A 1 55  ? -20.023 16.684  16.854  1.00 74.75  ? 55  ILE A O   1 
ATOM 444  C CB  . ILE A 1 55  ? -18.168 15.196  14.411  1.00 75.15  ? 55  ILE A CB  1 
ATOM 445  C CG1 . ILE A 1 55  ? -17.632 15.844  13.124  1.00 76.09  ? 55  ILE A CG1 1 
ATOM 446  C CG2 . ILE A 1 55  ? -18.139 13.666  14.320  1.00 75.66  ? 55  ILE A CG2 1 
ATOM 447  C CD1 . ILE A 1 55  ? -18.214 15.277  11.814  1.00 74.97  ? 55  ILE A CD1 1 
ATOM 448  N N   . ARG A 1 56  ? -18.919 17.936  15.343  1.00 77.12  ? 56  ARG A N   1 
ATOM 449  C CA  . ARG A 1 56  ? -18.741 19.054  16.272  1.00 79.52  ? 56  ARG A CA  1 
ATOM 450  C C   . ARG A 1 56  ? -18.100 18.464  17.534  1.00 80.84  ? 56  ARG A C   1 
ATOM 451  O O   . ARG A 1 56  ? -18.424 18.857  18.653  1.00 80.14  ? 56  ARG A O   1 
ATOM 452  C CB  . ARG A 1 56  ? -20.088 19.692  16.632  1.00 81.79  ? 56  ARG A CB  1 
ATOM 453  C CG  . ARG A 1 56  ? -19.958 21.056  17.321  1.00 83.33  ? 56  ARG A CG  1 
ATOM 454  C CD  . ARG A 1 56  ? -20.120 22.214  16.328  1.00 86.15  ? 56  ARG A CD  1 
ATOM 455  N NE  . ARG A 1 56  ? -19.285 22.061  15.135  1.00 89.38  ? 56  ARG A NE  1 
ATOM 456  C CZ  . ARG A 1 56  ? -19.359 22.840  14.055  1.00 90.74  ? 56  ARG A CZ  1 
ATOM 457  N NH1 . ARG A 1 56  ? -18.557 22.620  13.020  1.00 90.26  ? 56  ARG A NH1 1 
ATOM 458  N NH2 . ARG A 1 56  ? -20.235 23.840  14.004  1.00 90.20  ? 56  ARG A NH2 1 
ATOM 459  N N   . SER A 1 57  ? -17.195 17.511  17.321  1.00 82.28  ? 57  SER A N   1 
ATOM 460  C CA  . SER A 1 57  ? -16.486 16.793  18.381  1.00 83.12  ? 57  SER A CA  1 
ATOM 461  C C   . SER A 1 57  ? -15.857 15.590  17.669  1.00 83.42  ? 57  SER A C   1 
ATOM 462  O O   . SER A 1 57  ? -16.106 14.426  18.011  1.00 82.02  ? 57  SER A O   1 
ATOM 463  C CB  . SER A 1 57  ? -17.482 16.315  19.442  1.00 84.17  ? 57  SER A CB  1 
ATOM 464  O OG  . SER A 1 57  ? -16.834 15.569  20.454  1.00 84.96  ? 57  SER A OG  1 
ATOM 465  N N   . ILE A 1 58  ? -15.039 15.903  16.668  1.00 83.62  ? 58  ILE A N   1 
ATOM 466  C CA  . ILE A 1 58  ? -14.384 14.911  15.820  1.00 82.83  ? 58  ILE A CA  1 
ATOM 467  C C   . ILE A 1 58  ? -13.582 13.798  16.489  1.00 82.65  ? 58  ILE A C   1 
ATOM 468  O O   . ILE A 1 58  ? -13.776 12.624  16.170  1.00 82.05  ? 58  ILE A O   1 
ATOM 469  C CB  . ILE A 1 58  ? -13.463 15.602  14.807  1.00 81.83  ? 58  ILE A CB  1 
ATOM 470  C CG1 . ILE A 1 58  ? -14.090 16.925  14.351  1.00 81.94  ? 58  ILE A CG1 1 
ATOM 471  C CG2 . ILE A 1 58  ? -13.243 14.684  13.615  1.00 81.84  ? 58  ILE A CG2 1 
ATOM 472  C CD1 . ILE A 1 58  ? -13.150 17.819  13.569  1.00 81.07  ? 58  ILE A CD1 1 
ATOM 473  N N   . GLN A 1 59  ? -12.676 14.158  17.396  1.00 83.50  ? 59  GLN A N   1 
ATOM 474  C CA  . GLN A 1 59  ? -11.844 13.164  18.075  1.00 84.97  ? 59  GLN A CA  1 
ATOM 475  C C   . GLN A 1 59  ? -12.655 12.006  18.645  1.00 85.08  ? 59  GLN A C   1 
ATOM 476  O O   . GLN A 1 59  ? -12.093 11.031  19.142  1.00 84.45  ? 59  GLN A O   1 
ATOM 477  C CB  . GLN A 1 59  ? -11.013 13.812  19.194  1.00 85.36  ? 59  GLN A CB  1 
ATOM 478  C CG  . GLN A 1 59  ? -11.816 14.588  20.230  1.00 87.20  ? 59  GLN A CG  1 
ATOM 479  C CD  . GLN A 1 59  ? -12.200 15.984  19.761  1.00 88.35  ? 59  GLN A CD  1 
ATOM 480  O OE1 . GLN A 1 59  ? -12.946 16.697  20.439  1.00 88.02  ? 59  GLN A OE1 1 
ATOM 481  N NE2 . GLN A 1 59  ? -11.683 16.384  18.602  1.00 87.93  ? 59  GLN A NE2 1 
ATOM 482  N N   . LYS A 1 60  ? -13.978 12.122  18.558  1.00 85.58  ? 60  LYS A N   1 
ATOM 483  C CA  . LYS A 1 60  ? -14.899 11.099  19.047  1.00 85.94  ? 60  LYS A CA  1 
ATOM 484  C C   . LYS A 1 60  ? -15.085 9.961   18.038  1.00 85.10  ? 60  LYS A C   1 
ATOM 485  O O   . LYS A 1 60  ? -15.104 8.787   18.407  1.00 84.44  ? 60  LYS A O   1 
ATOM 486  C CB  . LYS A 1 60  ? -16.258 11.746  19.363  1.00 86.72  ? 60  LYS A CB  1 
ATOM 487  C CG  . LYS A 1 60  ? -17.383 10.773  19.719  1.00 87.70  ? 60  LYS A CG  1 
ATOM 488  C CD  . LYS A 1 60  ? -17.983 10.107  18.478  1.00 87.95  ? 60  LYS A CD  1 
ATOM 489  C CE  . LYS A 1 60  ? -19.084 9.117   18.853  1.00 88.29  ? 60  LYS A CE  1 
ATOM 490  N NZ  . LYS A 1 60  ? -19.684 8.456   17.656  1.00 88.31  ? 60  LYS A NZ  1 
ATOM 491  N N   . LEU A 1 61  ? -15.222 10.324  16.765  1.00 84.81  ? 61  LEU A N   1 
ATOM 492  C CA  . LEU A 1 61  ? -15.429 9.353   15.692  1.00 84.16  ? 61  LEU A CA  1 
ATOM 493  C C   . LEU A 1 61  ? -14.111 8.776   15.156  1.00 83.38  ? 61  LEU A C   1 
ATOM 494  O O   . LEU A 1 61  ? -13.972 7.560   14.990  1.00 82.69  ? 61  LEU A O   1 
ATOM 495  C CB  . LEU A 1 61  ? -16.207 10.016  14.547  1.00 84.56  ? 61  LEU A CB  1 
ATOM 496  C CG  . LEU A 1 61  ? -17.074 9.139   13.636  1.00 84.62  ? 61  LEU A CG  1 
ATOM 497  C CD1 . LEU A 1 61  ? -17.879 10.048  12.723  1.00 84.81  ? 61  LEU A CD1 1 
ATOM 498  C CD2 . LEU A 1 61  ? -16.227 8.161   12.826  1.00 84.06  ? 61  LEU A CD2 1 
ATOM 499  N N   . ILE A 1 62  ? -13.152 9.655   14.886  1.00 82.00  ? 62  ILE A N   1 
ATOM 500  C CA  . ILE A 1 62  ? -11.852 9.243   14.366  1.00 80.54  ? 62  ILE A CA  1 
ATOM 501  C C   . ILE A 1 62  ? -10.778 9.331   15.442  1.00 79.10  ? 62  ILE A C   1 
ATOM 502  O O   . ILE A 1 62  ? -10.626 10.364  16.092  1.00 78.85  ? 62  ILE A O   1 
ATOM 503  C CB  . ILE A 1 62  ? -11.436 10.130  13.167  1.00 81.06  ? 62  ILE A CB  1 
ATOM 504  C CG1 . ILE A 1 62  ? -12.296 9.797   11.948  1.00 81.42  ? 62  ILE A CG1 1 
ATOM 505  C CG2 . ILE A 1 62  ? -9.971  9.918   12.836  1.00 81.24  ? 62  ILE A CG2 1 
ATOM 506  C CD1 . ILE A 1 62  ? -13.766 10.111  12.121  1.00 82.88  ? 62  ILE A CD1 1 
ATOM 507  N N   . ARG A 1 63  ? -10.031 8.249   15.634  1.00 76.71  ? 63  ARG A N   1 
ATOM 508  C CA  . ARG A 1 63  ? -8.974  8.255   16.637  1.00 75.50  ? 63  ARG A CA  1 
ATOM 509  C C   . ARG A 1 63  ? -7.607  8.432   15.979  1.00 72.13  ? 63  ARG A C   1 
ATOM 510  O O   . ARG A 1 63  ? -7.196  7.613   15.155  1.00 71.41  ? 63  ARG A O   1 
ATOM 511  C CB  . ARG A 1 63  ? -8.984  6.955   17.448  1.00 78.44  ? 63  ARG A CB  1 
ATOM 512  C CG  . ARG A 1 63  ? -8.058  7.013   18.664  1.00 82.91  ? 63  ARG A CG  1 
ATOM 513  C CD  . ARG A 1 63  ? -7.742  5.635   19.254  1.00 85.78  ? 63  ARG A CD  1 
ATOM 514  N NE  . ARG A 1 63  ? -8.912  4.950   19.806  1.00 88.30  ? 63  ARG A NE  1 
ATOM 515  C CZ  . ARG A 1 63  ? -8.853  3.812   20.496  1.00 89.76  ? 63  ARG A CZ  1 
ATOM 516  N NH1 . ARG A 1 63  ? -9.965  3.252   20.960  1.00 90.54  ? 63  ARG A NH1 1 
ATOM 517  N NH2 . ARG A 1 63  ? -7.679  3.232   20.728  1.00 90.24  ? 63  ARG A NH2 1 
ATOM 518  N N   . VAL A 1 64  ? -6.906  9.501   16.348  1.00 68.07  ? 64  VAL A N   1 
ATOM 519  C CA  . VAL A 1 64  ? -5.585  9.775   15.790  1.00 64.68  ? 64  VAL A CA  1 
ATOM 520  C C   . VAL A 1 64  ? -4.643  8.595   15.996  1.00 62.40  ? 64  VAL A C   1 
ATOM 521  O O   . VAL A 1 64  ? -4.754  7.867   16.979  1.00 63.73  ? 64  VAL A O   1 
ATOM 522  C CB  . VAL A 1 64  ? -4.958  11.026  16.437  1.00 63.51  ? 64  VAL A CB  1 
ATOM 523  C CG1 . VAL A 1 64  ? -3.513  11.183  15.993  1.00 61.95  ? 64  VAL A CG1 1 
ATOM 524  C CG2 . VAL A 1 64  ? -5.758  12.253  16.051  1.00 63.63  ? 64  VAL A CG2 1 
ATOM 525  N N   . GLY A 1 65  ? -3.720  8.402   15.060  1.00 59.39  ? 65  GLY A N   1 
ATOM 526  C CA  . GLY A 1 65  ? -2.774  7.309   15.175  1.00 55.83  ? 65  GLY A CA  1 
ATOM 527  C C   . GLY A 1 65  ? -3.283  5.977   14.662  1.00 54.06  ? 65  GLY A C   1 
ATOM 528  O O   . GLY A 1 65  ? -2.505  5.038   14.497  1.00 53.12  ? 65  GLY A O   1 
ATOM 529  N N   . LYS A 1 66  ? -4.585  5.889   14.411  1.00 52.76  ? 66  LYS A N   1 
ATOM 530  C CA  . LYS A 1 66  ? -5.190  4.660   13.908  1.00 52.01  ? 66  LYS A CA  1 
ATOM 531  C C   . LYS A 1 66  ? -5.353  4.615   12.390  1.00 49.88  ? 66  LYS A C   1 
ATOM 532  O O   . LYS A 1 66  ? -5.498  5.642   11.734  1.00 49.98  ? 66  LYS A O   1 
ATOM 533  C CB  . LYS A 1 66  ? -6.561  4.437   14.542  1.00 55.15  ? 66  LYS A CB  1 
ATOM 534  C CG  . LYS A 1 66  ? -6.527  3.784   15.909  1.00 59.68  ? 66  LYS A CG  1 
ATOM 535  C CD  . LYS A 1 66  ? -7.939  3.379   16.314  1.00 63.00  ? 66  LYS A CD  1 
ATOM 536  C CE  . LYS A 1 66  ? -7.961  2.557   17.598  1.00 62.92  ? 66  LYS A CE  1 
ATOM 537  N NZ  . LYS A 1 66  ? -9.370  2.197   17.960  1.00 63.98  ? 66  LYS A NZ  1 
ATOM 538  N N   . ASN A 1 67  ? -5.332  3.406   11.846  1.00 46.10  ? 67  ASN A N   1 
ATOM 539  C CA  . ASN A 1 67  ? -5.502  3.203   10.420  1.00 42.31  ? 67  ASN A CA  1 
ATOM 540  C C   . ASN A 1 67  ? -6.984  3.273   10.129  1.00 40.24  ? 67  ASN A C   1 
ATOM 541  O O   . ASN A 1 67  ? -7.800  3.216   11.035  1.00 41.66  ? 67  ASN A O   1 
ATOM 542  C CB  . ASN A 1 67  ? -4.969  1.835   10.006  1.00 41.49  ? 67  ASN A CB  1 
ATOM 543  C CG  . ASN A 1 67  ? -3.471  1.731   10.147  1.00 41.45  ? 67  ASN A CG  1 
ATOM 544  O OD1 . ASN A 1 67  ? -2.895  0.671   9.923   1.00 41.56  ? 67  ASN A OD1 1 
ATOM 545  N ND2 . ASN A 1 67  ? -2.829  2.838   10.512  1.00 40.96  ? 67  ASN A ND2 1 
ATOM 546  N N   . ASP A 1 68  ? -7.333  3.393   8.858   1.00 38.12  ? 68  ASP A N   1 
ATOM 547  C CA  . ASP A 1 68  ? -8.724  3.472   8.473   1.00 35.63  ? 68  ASP A CA  1 
ATOM 548  C C   . ASP A 1 68  ? -8.776  3.280   6.964   1.00 34.28  ? 68  ASP A C   1 
ATOM 549  O O   . ASP A 1 68  ? -7.736  3.278   6.295   1.00 34.29  ? 68  ASP A O   1 
ATOM 550  C CB  . ASP A 1 68  ? -9.293  4.838   8.853   1.00 37.13  ? 68  ASP A CB  1 
ATOM 551  C CG  . ASP A 1 68  ? -10.744 4.768   9.271   1.00 40.31  ? 68  ASP A CG  1 
ATOM 552  O OD1 . ASP A 1 68  ? -11.404 3.745   8.976   1.00 43.37  ? 68  ASP A OD1 1 
ATOM 553  O OD2 . ASP A 1 68  ? -11.230 5.739   9.889   1.00 41.24  ? 68  ASP A OD2 1 
ATOM 554  N N   . VAL A 1 69  ? -9.981  3.112   6.431   1.00 31.22  ? 69  VAL A N   1 
ATOM 555  C CA  . VAL A 1 69  ? -10.151 2.908   5.000   1.00 29.72  ? 69  VAL A CA  1 
ATOM 556  C C   . VAL A 1 69  ? -10.843 4.124   4.405   1.00 29.45  ? 69  VAL A C   1 
ATOM 557  O O   . VAL A 1 69  ? -11.775 4.663   5.006   1.00 30.12  ? 69  VAL A O   1 
ATOM 558  C CB  . VAL A 1 69  ? -11.001 1.637   4.720   1.00 30.17  ? 69  VAL A CB  1 
ATOM 559  C CG1 . VAL A 1 69  ? -11.190 1.453   3.219   1.00 27.18  ? 69  VAL A CG1 1 
ATOM 560  C CG2 . VAL A 1 69  ? -10.330 0.412   5.338   1.00 27.84  ? 69  VAL A CG2 1 
ATOM 561  N N   . ALA A 1 70  ? -10.393 4.549   3.228   1.00 26.61  ? 70  ALA A N   1 
ATOM 562  C CA  . ALA A 1 70  ? -10.965 5.712   2.571   1.00 23.68  ? 70  ALA A CA  1 
ATOM 563  C C   . ALA A 1 70  ? -10.951 5.568   1.052   1.00 24.69  ? 70  ALA A C   1 
ATOM 564  O O   . ALA A 1 70  ? -10.150 4.816   0.497   1.00 26.89  ? 70  ALA A O   1 
ATOM 565  C CB  . ALA A 1 70  ? -10.195 6.958   2.978   1.00 21.60  ? 70  ALA A CB  1 
ATOM 566  N N   . VAL A 1 71  ? -11.841 6.288   0.380   1.00 22.58  ? 71  VAL A N   1 
ATOM 567  C CA  . VAL A 1 71  ? -11.900 6.226   -1.069  1.00 21.20  ? 71  VAL A CA  1 
ATOM 568  C C   . VAL A 1 71  ? -11.349 7.539   -1.621  1.00 21.52  ? 71  VAL A C   1 
ATOM 569  O O   . VAL A 1 71  ? -11.581 8.606   -1.039  1.00 21.84  ? 71  VAL A O   1 
ATOM 570  C CB  . VAL A 1 71  ? -13.368 6.000   -1.580  1.00 20.67  ? 71  VAL A CB  1 
ATOM 571  C CG1 . VAL A 1 71  ? -14.278 7.116   -1.087  1.00 19.47  ? 71  VAL A CG1 1 
ATOM 572  C CG2 . VAL A 1 71  ? -13.386 5.943   -3.112  1.00 18.78  ? 71  VAL A CG2 1 
ATOM 573  N N   . VAL A 1 72  ? -10.626 7.450   -2.736  1.00 21.18  ? 72  VAL A N   1 
ATOM 574  C CA  . VAL A 1 72  ? -10.017 8.615   -3.372  1.00 22.60  ? 72  VAL A CA  1 
ATOM 575  C C   . VAL A 1 72  ? -11.021 9.359   -4.259  1.00 26.17  ? 72  VAL A C   1 
ATOM 576  O O   . VAL A 1 72  ? -11.579 8.777   -5.192  1.00 26.45  ? 72  VAL A O   1 
ATOM 577  C CB  . VAL A 1 72  ? -8.807  8.181   -4.225  1.00 22.72  ? 72  VAL A CB  1 
ATOM 578  C CG1 . VAL A 1 72  ? -8.178  9.384   -4.914  1.00 16.71  ? 72  VAL A CG1 1 
ATOM 579  C CG2 . VAL A 1 72  ? -7.795  7.459   -3.344  1.00 22.78  ? 72  VAL A CG2 1 
ATOM 580  N N   . LEU A 1 73  ? -11.238 10.643  -3.974  1.00 26.77  ? 73  LEU A N   1 
ATOM 581  C CA  . LEU A 1 73  ? -12.184 11.445  -4.735  1.00 27.32  ? 73  LEU A CA  1 
ATOM 582  C C   . LEU A 1 73  ? -11.521 12.327  -5.771  1.00 29.91  ? 73  LEU A C   1 
ATOM 583  O O   . LEU A 1 73  ? -12.028 12.508  -6.873  1.00 30.56  ? 73  LEU A O   1 
ATOM 584  C CB  . LEU A 1 73  ? -12.962 12.374  -3.811  1.00 27.78  ? 73  LEU A CB  1 
ATOM 585  C CG  . LEU A 1 73  ? -13.776 11.800  -2.664  1.00 30.55  ? 73  LEU A CG  1 
ATOM 586  C CD1 . LEU A 1 73  ? -14.378 12.932  -1.853  1.00 26.25  ? 73  LEU A CD1 1 
ATOM 587  C CD2 . LEU A 1 73  ? -14.858 10.891  -3.220  1.00 30.83  ? 73  LEU A CD2 1 
ATOM 588  N N   . ARG A 1 74  ? -10.383 12.892  -5.416  1.00 32.20  ? 74  ARG A N   1 
ATOM 589  C CA  . ARG A 1 74  ? -9.729  13.818  -6.314  1.00 32.91  ? 74  ARG A CA  1 
ATOM 590  C C   . ARG A 1 74  ? -8.228  13.712  -6.131  1.00 32.95  ? 74  ARG A C   1 
ATOM 591  O O   . ARG A 1 74  ? -7.755  13.422  -5.031  1.00 34.12  ? 74  ARG A O   1 
ATOM 592  C CB  . ARG A 1 74  ? -10.218 15.216  -5.945  1.00 35.08  ? 74  ARG A CB  1 
ATOM 593  C CG  . ARG A 1 74  ? -10.021 16.303  -6.959  1.00 41.29  ? 74  ARG A CG  1 
ATOM 594  C CD  . ARG A 1 74  ? -10.858 17.514  -6.568  1.00 49.40  ? 74  ARG A CD  1 
ATOM 595  N NE  . ARG A 1 74  ? -12.276 17.157  -6.410  1.00 59.05  ? 74  ARG A NE  1 
ATOM 596  C CZ  . ARG A 1 74  ? -12.905 16.998  -5.239  1.00 61.43  ? 74  ARG A CZ  1 
ATOM 597  N NH1 . ARG A 1 74  ? -12.255 17.171  -4.086  1.00 60.94  ? 74  ARG A NH1 1 
ATOM 598  N NH2 . ARG A 1 74  ? -14.189 16.640  -5.220  1.00 61.63  ? 74  ARG A NH2 1 
ATOM 599  N N   . VAL A 1 75  ? -7.481  13.929  -7.207  1.00 32.15  ? 75  VAL A N   1 
ATOM 600  C CA  . VAL A 1 75  ? -6.027  13.884  -7.141  1.00 32.99  ? 75  VAL A CA  1 
ATOM 601  C C   . VAL A 1 75  ? -5.436  14.995  -8.008  1.00 35.31  ? 75  VAL A C   1 
ATOM 602  O O   . VAL A 1 75  ? -5.651  15.025  -9.218  1.00 37.83  ? 75  VAL A O   1 
ATOM 603  C CB  . VAL A 1 75  ? -5.471  12.527  -7.637  1.00 30.44  ? 75  VAL A CB  1 
ATOM 604  C CG1 . VAL A 1 75  ? -3.949  12.548  -7.597  1.00 29.35  ? 75  VAL A CG1 1 
ATOM 605  C CG2 . VAL A 1 75  ? -5.996  11.402  -6.785  1.00 29.65  ? 75  VAL A CG2 1 
ATOM 606  N N   . ASP A 1 76  ? -4.704  15.915  -7.396  1.00 36.89  ? 76  ASP A N   1 
ATOM 607  C CA  . ASP A 1 76  ? -4.073  16.998  -8.134  1.00 38.86  ? 76  ASP A CA  1 
ATOM 608  C C   . ASP A 1 76  ? -2.578  16.690  -8.151  1.00 40.62  ? 76  ASP A C   1 
ATOM 609  O O   . ASP A 1 76  ? -1.882  16.926  -7.164  1.00 39.56  ? 76  ASP A O   1 
ATOM 610  C CB  . ASP A 1 76  ? -4.342  18.323  -7.422  1.00 40.14  ? 76  ASP A CB  1 
ATOM 611  C CG  . ASP A 1 76  ? -3.638  19.499  -8.072  1.00 43.30  ? 76  ASP A CG  1 
ATOM 612  O OD1 . ASP A 1 76  ? -3.779  20.615  -7.532  1.00 45.54  ? 76  ASP A OD1 1 
ATOM 613  O OD2 . ASP A 1 76  ? -2.947  19.325  -9.104  1.00 42.02  ? 76  ASP A OD2 1 
ATOM 614  N N   . LYS A 1 77  ? -2.088  16.156  -9.265  1.00 42.73  ? 77  LYS A N   1 
ATOM 615  C CA  . LYS A 1 77  ? -0.679  15.794  -9.378  1.00 45.67  ? 77  LYS A CA  1 
ATOM 616  C C   . LYS A 1 77  ? 0.297   16.967  -9.431  1.00 47.28  ? 77  LYS A C   1 
ATOM 617  O O   . LYS A 1 77  ? 1.498   16.783  -9.206  1.00 48.69  ? 77  LYS A O   1 
ATOM 618  C CB  . LYS A 1 77  ? -0.443  14.901  -10.594 1.00 46.90  ? 77  LYS A CB  1 
ATOM 619  C CG  . LYS A 1 77  ? -1.141  13.551  -10.545 1.00 50.20  ? 77  LYS A CG  1 
ATOM 620  C CD  . LYS A 1 77  ? -0.367  12.544  -11.388 1.00 52.51  ? 77  LYS A CD  1 
ATOM 621  C CE  . LYS A 1 77  ? -1.109  11.228  -11.582 1.00 54.07  ? 77  LYS A CE  1 
ATOM 622  N NZ  . LYS A 1 77  ? -2.272  11.375  -12.504 1.00 53.78  ? 77  LYS A NZ  1 
ATOM 623  N N   . GLU A 1 78  ? -0.193  18.167  -9.723  1.00 48.22  ? 78  GLU A N   1 
ATOM 624  C CA  . GLU A 1 78  ? 0.699   19.318  -9.769  1.00 48.97  ? 78  GLU A CA  1 
ATOM 625  C C   . GLU A 1 78  ? 1.092   19.731  -8.356  1.00 46.55  ? 78  GLU A C   1 
ATOM 626  O O   . GLU A 1 78  ? 2.264   19.984  -8.083  1.00 47.24  ? 78  GLU A O   1 
ATOM 627  C CB  . GLU A 1 78  ? 0.046   20.501  -10.487 1.00 53.46  ? 78  GLU A CB  1 
ATOM 628  C CG  . GLU A 1 78  ? -0.298  20.242  -11.957 1.00 62.61  ? 78  GLU A CG  1 
ATOM 629  C CD  . GLU A 1 78  ? 0.850   19.603  -12.746 1.00 68.89  ? 78  GLU A CD  1 
ATOM 630  O OE1 . GLU A 1 78  ? 1.988   20.135  -12.714 1.00 72.38  ? 78  GLU A OE1 1 
ATOM 631  O OE2 . GLU A 1 78  ? 0.612   18.565  -13.408 1.00 70.80  ? 78  GLU A OE2 1 
ATOM 632  N N   . LYS A 1 79  ? 0.115   19.783  -7.458  1.00 44.24  ? 79  LYS A N   1 
ATOM 633  C CA  . LYS A 1 79  ? 0.363   20.174  -6.072  1.00 40.59  ? 79  LYS A CA  1 
ATOM 634  C C   . LYS A 1 79  ? 0.544   18.996  -5.118  1.00 37.53  ? 79  LYS A C   1 
ATOM 635  O O   . LYS A 1 79  ? 1.003   19.172  -3.991  1.00 34.34  ? 79  LYS A O   1 
ATOM 636  C CB  . LYS A 1 79  ? -0.776  21.051  -5.570  1.00 42.65  ? 79  LYS A CB  1 
ATOM 637  C CG  . LYS A 1 79  ? -0.956  22.294  -6.379  1.00 45.99  ? 79  LYS A CG  1 
ATOM 638  C CD  . LYS A 1 79  ? -2.052  23.155  -5.813  1.00 50.34  ? 79  LYS A CD  1 
ATOM 639  C CE  . LYS A 1 79  ? -2.195  24.428  -6.618  1.00 53.21  ? 79  LYS A CE  1 
ATOM 640  N NZ  . LYS A 1 79  ? -3.295  25.261  -6.060  1.00 59.01  ? 79  LYS A NZ  1 
ATOM 641  N N   . GLY A 1 80  ? 0.172   17.804  -5.570  1.00 35.57  ? 80  GLY A N   1 
ATOM 642  C CA  . GLY A 1 80  ? 0.312   16.622  -4.739  1.00 34.69  ? 80  GLY A CA  1 
ATOM 643  C C   . GLY A 1 80  ? -0.822  16.434  -3.749  1.00 34.27  ? 80  GLY A C   1 
ATOM 644  O O   . GLY A 1 80  ? -0.699  15.655  -2.801  1.00 34.88  ? 80  GLY A O   1 
ATOM 645  N N   . TYR A 1 81  ? -1.929  17.134  -3.978  1.00 34.16  ? 81  TYR A N   1 
ATOM 646  C CA  . TYR A 1 81  ? -3.093  17.059  -3.102  1.00 33.88  ? 81  TYR A CA  1 
ATOM 647  C C   . TYR A 1 81  ? -4.012  15.887  -3.430  1.00 32.87  ? 81  TYR A C   1 
ATOM 648  O O   . TYR A 1 81  ? -4.219  15.555  -4.594  1.00 34.61  ? 81  TYR A O   1 
ATOM 649  C CB  . TYR A 1 81  ? -3.884  18.373  -3.169  1.00 33.57  ? 81  TYR A CB  1 
ATOM 650  C CG  . TYR A 1 81  ? -3.224  19.528  -2.443  1.00 35.11  ? 81  TYR A CG  1 
ATOM 651  C CD1 . TYR A 1 81  ? -3.689  20.838  -2.595  1.00 35.86  ? 81  TYR A CD1 1 
ATOM 652  C CD2 . TYR A 1 81  ? -2.146  19.309  -1.583  1.00 34.76  ? 81  TYR A CD2 1 
ATOM 653  C CE1 . TYR A 1 81  ? -3.092  21.903  -1.905  1.00 35.34  ? 81  TYR A CE1 1 
ATOM 654  C CE2 . TYR A 1 81  ? -1.550  20.360  -0.888  1.00 35.33  ? 81  TYR A CE2 1 
ATOM 655  C CZ  . TYR A 1 81  ? -2.024  21.651  -1.053  1.00 36.76  ? 81  TYR A CZ  1 
ATOM 656  O OH  . TYR A 1 81  ? -1.422  22.674  -0.353  1.00 39.87  ? 81  TYR A OH  1 
ATOM 657  N N   . ILE A 1 82  ? -4.557  15.261  -2.392  1.00 30.25  ? 82  ILE A N   1 
ATOM 658  C CA  . ILE A 1 82  ? -5.460  14.139  -2.572  1.00 29.33  ? 82  ILE A CA  1 
ATOM 659  C C   . ILE A 1 82  ? -6.676  14.266  -1.649  1.00 31.24  ? 82  ILE A C   1 
ATOM 660  O O   . ILE A 1 82  ? -6.534  14.398  -0.433  1.00 31.39  ? 82  ILE A O   1 
ATOM 661  C CB  . ILE A 1 82  ? -4.761  12.809  -2.265  1.00 27.65  ? 82  ILE A CB  1 
ATOM 662  C CG1 . ILE A 1 82  ? -3.532  12.638  -3.156  1.00 25.69  ? 82  ILE A CG1 1 
ATOM 663  C CG2 . ILE A 1 82  ? -5.726  11.658  -2.483  1.00 27.40  ? 82  ILE A CG2 1 
ATOM 664  C CD1 . ILE A 1 82  ? -2.733  11.388  -2.835  1.00 22.30  ? 82  ILE A CD1 1 
ATOM 665  N N   . ASP A 1 83  ? -7.870  14.239  -2.233  1.00 31.42  ? 83  ASP A N   1 
ATOM 666  C CA  . ASP A 1 83  ? -9.094  14.336  -1.451  1.00 31.78  ? 83  ASP A CA  1 
ATOM 667  C C   . ASP A 1 83  ? -9.691  12.941  -1.304  1.00 33.84  ? 83  ASP A C   1 
ATOM 668  O O   . ASP A 1 83  ? -9.836  12.193  -2.286  1.00 35.09  ? 83  ASP A O   1 
ATOM 669  C CB  . ASP A 1 83  ? -10.081 15.290  -2.120  1.00 30.36  ? 83  ASP A CB  1 
ATOM 670  C CG  . ASP A 1 83  ? -9.566  16.713  -2.161  1.00 31.15  ? 83  ASP A CG  1 
ATOM 671  O OD1 . ASP A 1 83  ? -8.885  17.125  -1.201  1.00 28.47  ? 83  ASP A OD1 1 
ATOM 672  O OD2 . ASP A 1 83  ? -9.843  17.431  -3.143  1.00 34.68  ? 83  ASP A OD2 1 
ATOM 673  N N   . LEU A 1 84  ? -10.026 12.592  -0.068  1.00 32.54  ? 84  LEU A N   1 
ATOM 674  C CA  . LEU A 1 84  ? -10.569 11.281  0.225   1.00 31.70  ? 84  LEU A CA  1 
ATOM 675  C C   . LEU A 1 84  ? -11.859 11.361  1.017   1.00 31.89  ? 84  LEU A C   1 
ATOM 676  O O   . LEU A 1 84  ? -12.201 12.401  1.577   1.00 32.12  ? 84  LEU A O   1 
ATOM 677  C CB  . LEU A 1 84  ? -9.546  10.483  1.040   1.00 32.13  ? 84  LEU A CB  1 
ATOM 678  C CG  . LEU A 1 84  ? -8.144  10.339  0.446   1.00 32.12  ? 84  LEU A CG  1 
ATOM 679  C CD1 . LEU A 1 84  ? -7.119  10.398  1.551   1.00 31.36  ? 84  LEU A CD1 1 
ATOM 680  C CD2 . LEU A 1 84  ? -8.044  9.042   -0.341  1.00 30.49  ? 84  LEU A CD2 1 
ATOM 681  N N   . SER A 1 85  ? -12.574 10.249  1.063   1.00 31.94  ? 85  SER A N   1 
ATOM 682  C CA  . SER A 1 85  ? -13.796 10.186  1.838   1.00 32.04  ? 85  SER A CA  1 
ATOM 683  C C   . SER A 1 85  ? -13.804 8.911   2.668   1.00 33.26  ? 85  SER A C   1 
ATOM 684  O O   . SER A 1 85  ? -13.277 7.882   2.239   1.00 32.77  ? 85  SER A O   1 
ATOM 685  C CB  . SER A 1 85  ? -15.019 10.183  0.941   1.00 31.44  ? 85  SER A CB  1 
ATOM 686  O OG  . SER A 1 85  ? -16.135 9.770   1.706   1.00 29.02  ? 85  SER A OG  1 
ATOM 687  N N   . LYS A 1 86  ? -14.383 9.000   3.863   1.00 33.59  ? 86  LYS A N   1 
ATOM 688  C CA  . LYS A 1 86  ? -14.504 7.858   4.758   1.00 33.12  ? 86  LYS A CA  1 
ATOM 689  C C   . LYS A 1 86  ? -15.962 7.433   4.656   1.00 32.61  ? 86  LYS A C   1 
ATOM 690  O O   . LYS A 1 86  ? -16.279 6.249   4.597   1.00 32.24  ? 86  LYS A O   1 
ATOM 691  C CB  . LYS A 1 86  ? -14.173 8.264   6.191   1.00 33.31  ? 86  LYS A CB  1 
ATOM 692  C CG  . LYS A 1 86  ? -14.408 7.173   7.218   1.00 32.74  ? 86  LYS A CG  1 
ATOM 693  C CD  . LYS A 1 86  ? -14.037 7.681   8.606   1.00 35.91  ? 86  LYS A CD  1 
ATOM 694  C CE  . LYS A 1 86  ? -14.502 6.736   9.711   1.00 35.85  ? 86  LYS A CE  1 
ATOM 695  N NZ  . LYS A 1 86  ? -13.944 5.372   9.547   1.00 37.84  ? 86  LYS A NZ  1 
ATOM 696  N N   . ARG A 1 87  ? -16.831 8.440   4.627   1.00 33.38  ? 87  ARG A N   1 
ATOM 697  C CA  . ARG A 1 87  ? -18.287 8.301   4.499   1.00 33.17  ? 87  ARG A CA  1 
ATOM 698  C C   . ARG A 1 87  ? -18.712 7.240   3.477   1.00 33.21  ? 87  ARG A C   1 
ATOM 699  O O   . ARG A 1 87  ? -19.424 6.295   3.799   1.00 33.60  ? 87  ARG A O   1 
ATOM 700  C CB  . ARG A 1 87  ? -18.869 9.614   3.996   1.00 33.04  ? 87  ARG A CB  1 
ATOM 701  C CG  . ARG A 1 87  ? -19.600 10.498  4.945   1.00 34.36  ? 87  ARG A CG  1 
ATOM 702  C CD  . ARG A 1 87  ? -20.084 11.722  4.140   1.00 34.23  ? 87  ARG A CD  1 
ATOM 703  N NE  . ARG A 1 87  ? -20.796 11.297  2.933   1.00 37.18  ? 87  ARG A NE  1 
ATOM 704  C CZ  . ARG A 1 87  ? -21.116 12.093  1.916   1.00 37.70  ? 87  ARG A CZ  1 
ATOM 705  N NH1 . ARG A 1 87  ? -21.763 11.600  0.867   1.00 38.35  ? 87  ARG A NH1 1 
ATOM 706  N NH2 . ARG A 1 87  ? -20.782 13.378  1.936   1.00 41.59  ? 87  ARG A NH2 1 
ATOM 707  N N   . ARG A 1 88  ? -18.278 7.448   2.236   1.00 32.73  ? 88  ARG A N   1 
ATOM 708  C CA  . ARG A 1 88  ? -18.629 6.613   1.090   1.00 34.53  ? 88  ARG A CA  1 
ATOM 709  C C   . ARG A 1 88  ? -18.148 5.164   1.020   1.00 36.49  ? 88  ARG A C   1 
ATOM 710  O O   . ARG A 1 88  ? -18.561 4.420   0.133   1.00 38.37  ? 88  ARG A O   1 
ATOM 711  C CB  . ARG A 1 88  ? -18.207 7.334   -0.188  1.00 30.94  ? 88  ARG A CB  1 
ATOM 712  C CG  . ARG A 1 88  ? -18.454 8.821   -0.121  1.00 30.98  ? 88  ARG A CG  1 
ATOM 713  C CD  . ARG A 1 88  ? -18.367 9.499   -1.479  1.00 31.06  ? 88  ARG A CD  1 
ATOM 714  N NE  . ARG A 1 88  ? -18.420 10.949  -1.330  1.00 31.41  ? 88  ARG A NE  1 
ATOM 715  C CZ  . ARG A 1 88  ? -18.943 11.783  -2.221  1.00 30.57  ? 88  ARG A CZ  1 
ATOM 716  N NH1 . ARG A 1 88  ? -19.473 11.325  -3.348  1.00 28.17  ? 88  ARG A NH1 1 
ATOM 717  N NH2 . ARG A 1 88  ? -18.938 13.082  -1.977  1.00 30.21  ? 88  ARG A NH2 1 
ATOM 718  N N   . VAL A 1 89  ? -17.288 4.760   1.939   1.00 38.14  ? 89  VAL A N   1 
ATOM 719  C CA  . VAL A 1 89  ? -16.767 3.405   1.934   1.00 40.45  ? 89  VAL A CA  1 
ATOM 720  C C   . VAL A 1 89  ? -17.785 2.436   2.520   1.00 41.67  ? 89  VAL A C   1 
ATOM 721  O O   . VAL A 1 89  ? -18.263 2.635   3.637   1.00 42.53  ? 89  VAL A O   1 
ATOM 722  C CB  . VAL A 1 89  ? -15.460 3.338   2.749   1.00 40.88  ? 89  VAL A CB  1 
ATOM 723  C CG1 . VAL A 1 89  ? -14.956 1.916   2.817   1.00 41.98  ? 89  VAL A CG1 1 
ATOM 724  C CG2 . VAL A 1 89  ? -14.414 4.235   2.110   1.00 40.46  ? 89  VAL A CG2 1 
ATOM 725  N N   . SER A 1 90  ? -18.127 1.395   1.763   1.00 42.98  ? 90  SER A N   1 
ATOM 726  C CA  . SER A 1 90  ? -19.082 0.402   2.245   1.00 44.64  ? 90  SER A CA  1 
ATOM 727  C C   . SER A 1 90  ? -18.334 -0.547  3.165   1.00 47.01  ? 90  SER A C   1 
ATOM 728  O O   . SER A 1 90  ? -17.102 -0.570  3.172   1.00 49.26  ? 90  SER A O   1 
ATOM 729  C CB  . SER A 1 90  ? -19.684 -0.381  1.084   1.00 44.68  ? 90  SER A CB  1 
ATOM 730  O OG  . SER A 1 90  ? -18.717 -1.206  0.461   1.00 44.81  ? 90  SER A OG  1 
ATOM 731  N N   . SER A 1 91  ? -19.066 -1.332  3.944   1.00 48.91  ? 91  SER A N   1 
ATOM 732  C CA  . SER A 1 91  ? -18.417 -2.261  4.866   1.00 51.30  ? 91  SER A CA  1 
ATOM 733  C C   . SER A 1 91  ? -17.637 -3.323  4.097   1.00 52.25  ? 91  SER A C   1 
ATOM 734  O O   . SER A 1 91  ? -16.614 -3.823  4.571   1.00 51.57  ? 91  SER A O   1 
ATOM 735  C CB  . SER A 1 91  ? -19.456 -2.923  5.765   1.00 51.06  ? 91  SER A CB  1 
ATOM 736  O OG  . SER A 1 91  ? -20.427 -3.582  4.978   1.00 53.36  ? 91  SER A OG  1 
ATOM 737  N N   . GLU A 1 92  ? -18.122 -3.657  2.905   1.00 53.04  ? 92  GLU A N   1 
ATOM 738  C CA  . GLU A 1 92  ? -17.459 -4.647  2.076   1.00 53.92  ? 92  GLU A CA  1 
ATOM 739  C C   . GLU A 1 92  ? -16.122 -4.121  1.582   1.00 53.45  ? 92  GLU A C   1 
ATOM 740  O O   . GLU A 1 92  ? -15.143 -4.870  1.507   1.00 53.84  ? 92  GLU A O   1 
ATOM 741  C CB  . GLU A 1 92  ? -18.343 -5.018  0.893   1.00 57.80  ? 92  GLU A CB  1 
ATOM 742  C CG  . GLU A 1 92  ? -17.621 -5.793  -0.186  1.00 65.12  ? 92  GLU A CG  1 
ATOM 743  C CD  . GLU A 1 92  ? -18.558 -6.677  -0.988  1.00 70.80  ? 92  GLU A CD  1 
ATOM 744  O OE1 . GLU A 1 92  ? -18.130 -7.186  -2.054  1.00 73.80  ? 92  GLU A OE1 1 
ATOM 745  O OE2 . GLU A 1 92  ? -19.717 -6.871  -0.546  1.00 73.57  ? 92  GLU A OE2 1 
ATOM 746  N N   . ASP A 1 93  ? -16.079 -2.832  1.246   1.00 51.98  ? 93  ASP A N   1 
ATOM 747  C CA  . ASP A 1 93  ? -14.848 -2.211  0.773   1.00 49.34  ? 93  ASP A CA  1 
ATOM 748  C C   . ASP A 1 93  ? -13.771 -2.256  1.848   1.00 47.31  ? 93  ASP A C   1 
ATOM 749  O O   . ASP A 1 93  ? -12.587 -2.386  1.546   1.00 47.09  ? 93  ASP A O   1 
ATOM 750  C CB  . ASP A 1 93  ? -15.096 -0.762  0.378   1.00 51.69  ? 93  ASP A CB  1 
ATOM 751  C CG  . ASP A 1 93  ? -15.923 -0.639  -0.881  1.00 54.89  ? 93  ASP A CG  1 
ATOM 752  O OD1 . ASP A 1 93  ? -15.662 -1.404  -1.841  1.00 53.50  ? 93  ASP A OD1 1 
ATOM 753  O OD2 . ASP A 1 93  ? -16.826 0.230   -0.914  1.00 57.94  ? 93  ASP A OD2 1 
ATOM 754  N N   . ILE A 1 94  ? -14.187 -2.141  3.103   1.00 44.57  ? 94  ILE A N   1 
ATOM 755  C CA  . ILE A 1 94  ? -13.258 -2.180  4.221   1.00 42.76  ? 94  ILE A CA  1 
ATOM 756  C C   . ILE A 1 94  ? -12.577 -3.544  4.297   1.00 43.45  ? 94  ILE A C   1 
ATOM 757  O O   . ILE A 1 94  ? -11.359 -3.632  4.449   1.00 44.66  ? 94  ILE A O   1 
ATOM 758  C CB  . ILE A 1 94  ? -13.991 -1.908  5.550   1.00 42.60  ? 94  ILE A CB  1 
ATOM 759  C CG1 . ILE A 1 94  ? -14.582 -0.496  5.535   1.00 41.75  ? 94  ILE A CG1 1 
ATOM 760  C CG2 . ILE A 1 94  ? -13.044 -2.098  6.724   1.00 38.10  ? 94  ILE A CG2 1 
ATOM 761  C CD1 . ILE A 1 94  ? -15.477 -0.210  6.722   1.00 39.87  ? 94  ILE A CD1 1 
ATOM 762  N N   . ILE A 1 95  ? -13.366 -4.608  4.195   1.00 44.03  ? 95  ILE A N   1 
ATOM 763  C CA  . ILE A 1 95  ? -12.826 -5.961  4.251   1.00 44.51  ? 95  ILE A CA  1 
ATOM 764  C C   . ILE A 1 95  ? -11.868 -6.227  3.090   1.00 44.11  ? 95  ILE A C   1 
ATOM 765  O O   . ILE A 1 95  ? -10.765 -6.722  3.305   1.00 43.74  ? 95  ILE A O   1 
ATOM 766  C CB  . ILE A 1 95  ? -13.974 -7.015  4.264   1.00 46.13  ? 95  ILE A CB  1 
ATOM 767  C CG1 . ILE A 1 95  ? -14.256 -7.462  5.703   1.00 45.52  ? 95  ILE A CG1 1 
ATOM 768  C CG2 . ILE A 1 95  ? -13.594 -8.238  3.436   1.00 46.31  ? 95  ILE A CG2 1 
ATOM 769  C CD1 . ILE A 1 95  ? -14.517 -6.348  6.669   1.00 47.47  ? 95  ILE A CD1 1 
ATOM 770  N N   . LYS A 1 96  ? -12.282 -5.900  1.867   1.00 43.70  ? 96  LYS A N   1 
ATOM 771  C CA  . LYS A 1 96  ? -11.416 -6.109  0.707   1.00 44.72  ? 96  LYS A CA  1 
ATOM 772  C C   . LYS A 1 96  ? -10.102 -5.337  0.838   1.00 45.02  ? 96  LYS A C   1 
ATOM 773  O O   . LYS A 1 96  ? -9.020  -5.865  0.558   1.00 45.16  ? 96  LYS A O   1 
ATOM 774  C CB  . LYS A 1 96  ? -12.116 -5.679  -0.581  1.00 46.52  ? 96  LYS A CB  1 
ATOM 775  C CG  . LYS A 1 96  ? -13.214 -6.612  -1.040  1.00 51.54  ? 96  LYS A CG  1 
ATOM 776  C CD  . LYS A 1 96  ? -13.782 -6.149  -2.377  1.00 55.97  ? 96  LYS A CD  1 
ATOM 777  C CE  . LYS A 1 96  ? -15.023 -6.954  -2.781  1.00 60.59  ? 96  LYS A CE  1 
ATOM 778  N NZ  . LYS A 1 96  ? -15.618 -6.476  -4.077  1.00 62.38  ? 96  LYS A NZ  1 
ATOM 779  N N   . CYS A 1 97  ? -10.206 -4.084  1.265   1.00 43.72  ? 97  CYS A N   1 
ATOM 780  C CA  . CYS A 1 97  ? -9.044  -3.227  1.435   1.00 41.90  ? 97  CYS A CA  1 
ATOM 781  C C   . CYS A 1 97  ? -8.073  -3.803  2.468   1.00 41.91  ? 97  CYS A C   1 
ATOM 782  O O   . CYS A 1 97  ? -6.865  -3.823  2.251   1.00 40.19  ? 97  CYS A O   1 
ATOM 783  C CB  . CYS A 1 97  ? -9.494  -1.828  1.859   1.00 41.86  ? 97  CYS A CB  1 
ATOM 784  S SG  . CYS A 1 97  ? -8.172  -0.601  1.835   1.00 41.22  ? 97  CYS A SG  1 
ATOM 785  N N   . GLU A 1 98  ? -8.607  -4.266  3.594   1.00 43.08  ? 98  GLU A N   1 
ATOM 786  C CA  . GLU A 1 98  ? -7.781  -4.845  4.641   1.00 44.71  ? 98  GLU A CA  1 
ATOM 787  C C   . GLU A 1 98  ? -7.030  -6.083  4.163   1.00 44.23  ? 98  GLU A C   1 
ATOM 788  O O   . GLU A 1 98  ? -5.863  -6.269  4.499   1.00 43.40  ? 98  GLU A O   1 
ATOM 789  C CB  . GLU A 1 98  ? -8.643  -5.186  5.851   1.00 46.87  ? 98  GLU A CB  1 
ATOM 790  C CG  . GLU A 1 98  ? -8.540  -4.157  6.955   1.00 54.04  ? 98  GLU A CG  1 
ATOM 791  C CD  . GLU A 1 98  ? -9.698  -4.220  7.938   1.00 58.09  ? 98  GLU A CD  1 
ATOM 792  O OE1 . GLU A 1 98  ? -10.067 -5.337  8.371   1.00 60.70  ? 98  GLU A OE1 1 
ATOM 793  O OE2 . GLU A 1 98  ? -10.232 -3.142  8.282   1.00 60.33  ? 98  GLU A OE2 1 
ATOM 794  N N   . GLU A 1 99  ? -7.701  -6.925  3.381   1.00 43.99  ? 99  GLU A N   1 
ATOM 795  C CA  . GLU A 1 99  ? -7.087  -8.135  2.844   1.00 44.60  ? 99  GLU A CA  1 
ATOM 796  C C   . GLU A 1 99  ? -5.919  -7.802  1.925   1.00 42.83  ? 99  GLU A C   1 
ATOM 797  O O   . GLU A 1 99  ? -4.834  -8.354  2.052   1.00 42.02  ? 99  GLU A O   1 
ATOM 798  C CB  . GLU A 1 99  ? -8.111  -8.943  2.051   1.00 48.63  ? 99  GLU A CB  1 
ATOM 799  C CG  . GLU A 1 99  ? -8.893  -9.974  2.852   1.00 53.90  ? 99  GLU A CG  1 
ATOM 800  C CD  . GLU A 1 99  ? -10.126 -10.452 2.102   1.00 58.26  ? 99  GLU A CD  1 
ATOM 801  O OE1 . GLU A 1 99  ? -10.012 -10.701 0.875   1.00 59.98  ? 99  GLU A OE1 1 
ATOM 802  O OE2 . GLU A 1 99  ? -11.203 -10.576 2.738   1.00 59.22  ? 99  GLU A OE2 1 
ATOM 803  N N   . LYS A 1 100 ? -6.160  -6.899  0.986   1.00 41.24  ? 100 LYS A N   1 
ATOM 804  C CA  . LYS A 1 100 ? -5.139  -6.492  0.038   1.00 39.93  ? 100 LYS A CA  1 
ATOM 805  C C   . LYS A 1 100 ? -3.935  -5.858  0.733   1.00 39.54  ? 100 LYS A C   1 
ATOM 806  O O   . LYS A 1 100 ? -2.789  -6.160  0.402   1.00 39.68  ? 100 LYS A O   1 
ATOM 807  C CB  . LYS A 1 100 ? -5.745  -5.513  -0.967  1.00 39.93  ? 100 LYS A CB  1 
ATOM 808  C CG  . LYS A 1 100 ? -4.770  -4.951  -1.982  1.00 39.85  ? 100 LYS A CG  1 
ATOM 809  C CD  . LYS A 1 100 ? -5.483  -3.998  -2.927  1.00 40.92  ? 100 LYS A CD  1 
ATOM 810  C CE  . LYS A 1 100 ? -4.515  -3.357  -3.900  1.00 42.82  ? 100 LYS A CE  1 
ATOM 811  N NZ  . LYS A 1 100 ? -5.215  -2.442  -4.830  1.00 45.19  ? 100 LYS A NZ  1 
ATOM 812  N N   . TYR A 1 101 ? -4.200  -4.977  1.691   1.00 38.51  ? 101 TYR A N   1 
ATOM 813  C CA  . TYR A 1 101 ? -3.138  -4.297  2.419   1.00 38.02  ? 101 TYR A CA  1 
ATOM 814  C C   . TYR A 1 101 ? -2.250  -5.291  3.157   1.00 39.42  ? 101 TYR A C   1 
ATOM 815  O O   . TYR A 1 101 ? -1.021  -5.179  3.149   1.00 38.78  ? 101 TYR A O   1 
ATOM 816  C CB  . TYR A 1 101 ? -3.739  -3.304  3.414   1.00 37.43  ? 101 TYR A CB  1 
ATOM 817  C CG  . TYR A 1 101 ? -2.721  -2.602  4.282   1.00 36.81  ? 101 TYR A CG  1 
ATOM 818  C CD1 . TYR A 1 101 ? -2.631  -2.880  5.639   1.00 37.58  ? 101 TYR A CD1 1 
ATOM 819  C CD2 . TYR A 1 101 ? -1.842  -1.661  3.745   1.00 37.61  ? 101 TYR A CD2 1 
ATOM 820  C CE1 . TYR A 1 101 ? -1.690  -2.239  6.448   1.00 39.11  ? 101 TYR A CE1 1 
ATOM 821  C CE2 . TYR A 1 101 ? -0.898  -1.013  4.541   1.00 38.13  ? 101 TYR A CE2 1 
ATOM 822  C CZ  . TYR A 1 101 ? -0.831  -1.308  5.895   1.00 39.49  ? 101 TYR A CZ  1 
ATOM 823  O OH  . TYR A 1 101 ? 0.086   -0.675  6.699   1.00 41.25  ? 101 TYR A OH  1 
ATOM 824  N N   . GLN A 1 102 ? -2.879  -6.267  3.796   1.00 42.14  ? 102 GLN A N   1 
ATOM 825  C CA  . GLN A 1 102 ? -2.146  -7.274  4.537   1.00 43.13  ? 102 GLN A CA  1 
ATOM 826  C C   . GLN A 1 102 ? -1.219  -8.037  3.599   1.00 42.85  ? 102 GLN A C   1 
ATOM 827  O O   . GLN A 1 102 ? -0.090  -8.362  3.968   1.00 43.04  ? 102 GLN A O   1 
ATOM 828  C CB  . GLN A 1 102 ? -3.117  -8.232  5.220   1.00 46.05  ? 102 GLN A CB  1 
ATOM 829  C CG  . GLN A 1 102 ? -2.484  -8.987  6.360   1.00 53.27  ? 102 GLN A CG  1 
ATOM 830  C CD  . GLN A 1 102 ? -1.787  -8.052  7.342   1.00 58.23  ? 102 GLN A CD  1 
ATOM 831  O OE1 . GLN A 1 102 ? -2.393  -7.095  7.844   1.00 59.77  ? 102 GLN A OE1 1 
ATOM 832  N NE2 . GLN A 1 102 ? -0.505  -8.324  7.621   1.00 58.80  ? 102 GLN A NE2 1 
ATOM 833  N N   . LYS A 1 103 ? -1.684  -8.316  2.385   1.00 41.56  ? 103 LYS A N   1 
ATOM 834  C CA  . LYS A 1 103 ? -0.858  -9.024  1.420   1.00 42.27  ? 103 LYS A CA  1 
ATOM 835  C C   . LYS A 1 103 ? 0.292   -8.132  0.959   1.00 42.47  ? 103 LYS A C   1 
ATOM 836  O O   . LYS A 1 103 ? 1.451   -8.550  0.938   1.00 42.47  ? 103 LYS A O   1 
ATOM 837  C CB  . LYS A 1 103 ? -1.691  -9.454  0.217   1.00 42.05  ? 103 LYS A CB  1 
ATOM 838  C CG  . LYS A 1 103 ? -2.810  -10.411 0.564   1.00 45.07  ? 103 LYS A CG  1 
ATOM 839  C CD  . LYS A 1 103 ? -3.498  -10.921 -0.682  1.00 45.59  ? 103 LYS A CD  1 
ATOM 840  C CE  . LYS A 1 103 ? -4.552  -11.946 -0.324  1.00 47.58  ? 103 LYS A CE  1 
ATOM 841  N NZ  . LYS A 1 103 ? -4.914  -12.749 -1.527  1.00 49.99  ? 103 LYS A NZ  1 
ATOM 842  N N   . SER A 1 104 ? -0.037  -6.900  0.584   1.00 42.25  ? 104 SER A N   1 
ATOM 843  C CA  . SER A 1 104 ? 0.973   -5.951  0.141   1.00 42.15  ? 104 SER A CA  1 
ATOM 844  C C   . SER A 1 104 ? 1.978   -5.704  1.263   1.00 42.56  ? 104 SER A C   1 
ATOM 845  O O   . SER A 1 104 ? 3.165   -5.507  1.013   1.00 42.97  ? 104 SER A O   1 
ATOM 846  C CB  . SER A 1 104 ? 0.319   -4.631  -0.269  1.00 40.97  ? 104 SER A CB  1 
ATOM 847  O OG  . SER A 1 104 ? -0.456  -4.787  -1.444  1.00 42.04  ? 104 SER A OG  1 
ATOM 848  N N   . LYS A 1 105 ? 1.498   -5.717  2.500   1.00 42.19  ? 105 LYS A N   1 
ATOM 849  C CA  . LYS A 1 105 ? 2.367   -5.507  3.647   1.00 43.80  ? 105 LYS A CA  1 
ATOM 850  C C   . LYS A 1 105 ? 3.382   -6.659  3.729   1.00 43.90  ? 105 LYS A C   1 
ATOM 851  O O   . LYS A 1 105 ? 4.585   -6.435  3.883   1.00 42.87  ? 105 LYS A O   1 
ATOM 852  C CB  . LYS A 1 105 ? 1.526   -5.440  4.919   1.00 45.03  ? 105 LYS A CB  1 
ATOM 853  C CG  . LYS A 1 105 ? 2.204   -4.783  6.099   1.00 47.66  ? 105 LYS A CG  1 
ATOM 854  C CD  . LYS A 1 105 ? 1.285   -4.846  7.311   1.00 53.40  ? 105 LYS A CD  1 
ATOM 855  C CE  . LYS A 1 105 ? 1.912   -4.207  8.549   1.00 56.43  ? 105 LYS A CE  1 
ATOM 856  N NZ  . LYS A 1 105 ? 2.136   -2.735  8.391   1.00 60.50  ? 105 LYS A NZ  1 
ATOM 857  N N   . THR A 1 106 ? 2.897   -7.892  3.612   1.00 44.36  ? 106 THR A N   1 
ATOM 858  C CA  . THR A 1 106 ? 3.770   -9.063  3.659   1.00 43.53  ? 106 THR A CA  1 
ATOM 859  C C   . THR A 1 106 ? 4.830   -8.993  2.561   1.00 43.80  ? 106 THR A C   1 
ATOM 860  O O   . THR A 1 106 ? 6.018   -9.143  2.830   1.00 44.89  ? 106 THR A O   1 
ATOM 861  C CB  . THR A 1 106 ? 2.967   -10.370 3.498   1.00 43.09  ? 106 THR A CB  1 
ATOM 862  O OG1 . THR A 1 106 ? 2.200   -10.608 4.685   1.00 42.56  ? 106 THR A OG1 1 
ATOM 863  C CG2 . THR A 1 106 ? 3.897   -11.545 3.260   1.00 41.24  ? 106 THR A CG2 1 
ATOM 864  N N   . VAL A 1 107 ? 4.403   -8.774  1.323   1.00 43.00  ? 107 VAL A N   1 
ATOM 865  C CA  . VAL A 1 107 ? 5.348   -8.677  0.215   1.00 43.33  ? 107 VAL A CA  1 
ATOM 866  C C   . VAL A 1 107 ? 6.436   -7.649  0.532   1.00 44.66  ? 107 VAL A C   1 
ATOM 867  O O   . VAL A 1 107 ? 7.626   -7.906  0.353   1.00 46.14  ? 107 VAL A O   1 
ATOM 868  C CB  . VAL A 1 107 ? 4.641   -8.252  -1.092  1.00 42.01  ? 107 VAL A CB  1 
ATOM 869  C CG1 . VAL A 1 107 ? 5.668   -7.918  -2.158  1.00 39.94  ? 107 VAL A CG1 1 
ATOM 870  C CG2 . VAL A 1 107 ? 3.735   -9.365  -1.570  1.00 41.19  ? 107 VAL A CG2 1 
ATOM 871  N N   . HIS A 1 108 ? 6.011   -6.484  1.009   1.00 45.11  ? 108 HIS A N   1 
ATOM 872  C CA  . HIS A 1 108 ? 6.918   -5.400  1.353   1.00 44.67  ? 108 HIS A CA  1 
ATOM 873  C C   . HIS A 1 108 ? 7.928   -5.856  2.394   1.00 44.76  ? 108 HIS A C   1 
ATOM 874  O O   . HIS A 1 108 ? 9.136   -5.715  2.209   1.00 45.31  ? 108 HIS A O   1 
ATOM 875  C CB  . HIS A 1 108 ? 6.108   -4.215  1.880   1.00 45.51  ? 108 HIS A CB  1 
ATOM 876  C CG  . HIS A 1 108 ? 6.938   -3.025  2.240   1.00 45.76  ? 108 HIS A CG  1 
ATOM 877  N ND1 . HIS A 1 108 ? 7.442   -2.825  3.509   1.00 44.49  ? 108 HIS A ND1 1 
ATOM 878  C CD2 . HIS A 1 108 ? 7.373   -1.983  1.492   1.00 44.22  ? 108 HIS A CD2 1 
ATOM 879  C CE1 . HIS A 1 108 ? 8.149   -1.710  3.525   1.00 45.88  ? 108 HIS A CE1 1 
ATOM 880  N NE2 . HIS A 1 108 ? 8.123   -1.179  2.314   1.00 46.52  ? 108 HIS A NE2 1 
ATOM 881  N N   . SER A 1 109 ? 7.418   -6.399  3.492   1.00 44.44  ? 109 SER A N   1 
ATOM 882  C CA  . SER A 1 109 ? 8.249   -6.903  4.574   1.00 44.25  ? 109 SER A CA  1 
ATOM 883  C C   . SER A 1 109 ? 9.296   -7.902  4.053   1.00 45.80  ? 109 SER A C   1 
ATOM 884  O O   . SER A 1 109 ? 10.453  -7.880  4.468   1.00 45.08  ? 109 SER A O   1 
ATOM 885  C CB  . SER A 1 109 ? 7.357   -7.571  5.611   1.00 43.24  ? 109 SER A CB  1 
ATOM 886  O OG  . SER A 1 109 ? 8.100   -7.917  6.757   1.00 46.96  ? 109 SER A OG  1 
ATOM 887  N N   . ILE A 1 110 ? 8.884   -8.784  3.146   1.00 47.05  ? 110 ILE A N   1 
ATOM 888  C CA  . ILE A 1 110 ? 9.799   -9.757  2.562   1.00 47.41  ? 110 ILE A CA  1 
ATOM 889  C C   . ILE A 1 110 ? 10.868  -9.029  1.751   1.00 48.26  ? 110 ILE A C   1 
ATOM 890  O O   . ILE A 1 110 ? 12.055  -9.173  2.017   1.00 48.91  ? 110 ILE A O   1 
ATOM 891  C CB  . ILE A 1 110 ? 9.056   -10.739 1.622   1.00 47.40  ? 110 ILE A CB  1 
ATOM 892  C CG1 . ILE A 1 110 ? 8.134   -11.646 2.437   1.00 45.72  ? 110 ILE A CG1 1 
ATOM 893  C CG2 . ILE A 1 110 ? 10.063  -11.570 0.816   1.00 45.10  ? 110 ILE A CG2 1 
ATOM 894  C CD1 . ILE A 1 110 ? 7.249   -12.523 1.572   1.00 46.38  ? 110 ILE A CD1 1 
ATOM 895  N N   . LEU A 1 111 ? 10.446  -8.250  0.760   1.00 49.49  ? 111 LEU A N   1 
ATOM 896  C CA  . LEU A 1 111 ? 11.383  -7.511  -0.075  1.00 51.08  ? 111 LEU A CA  1 
ATOM 897  C C   . LEU A 1 111 ? 12.326  -6.633  0.741   1.00 54.29  ? 111 LEU A C   1 
ATOM 898  O O   . LEU A 1 111 ? 13.451  -6.360  0.328   1.00 53.80  ? 111 LEU A O   1 
ATOM 899  C CB  . LEU A 1 111 ? 10.626  -6.654  -1.080  1.00 47.34  ? 111 LEU A CB  1 
ATOM 900  C CG  . LEU A 1 111 ? 10.115  -7.416  -2.296  1.00 47.19  ? 111 LEU A CG  1 
ATOM 901  C CD1 . LEU A 1 111 ? 9.345   -6.479  -3.211  1.00 47.69  ? 111 LEU A CD1 1 
ATOM 902  C CD2 . LEU A 1 111 ? 11.293  -8.016  -3.041  1.00 46.02  ? 111 LEU A CD2 1 
ATOM 903  N N   . ARG A 1 112 ? 11.865  -6.195  1.905   1.00 58.38  ? 112 ARG A N   1 
ATOM 904  C CA  . ARG A 1 112 ? 12.674  -5.349  2.771   1.00 63.02  ? 112 ARG A CA  1 
ATOM 905  C C   . ARG A 1 112 ? 13.838  -6.159  3.329   1.00 65.27  ? 112 ARG A C   1 
ATOM 906  O O   . ARG A 1 112 ? 14.982  -5.697  3.341   1.00 65.78  ? 112 ARG A O   1 
ATOM 907  C CB  . ARG A 1 112 ? 11.814  -4.810  3.903   1.00 65.20  ? 112 ARG A CB  1 
ATOM 908  C CG  . ARG A 1 112 ? 12.495  -3.802  4.783   1.00 68.82  ? 112 ARG A CG  1 
ATOM 909  C CD  . ARG A 1 112 ? 11.473  -3.209  5.710   1.00 74.22  ? 112 ARG A CD  1 
ATOM 910  N NE  . ARG A 1 112 ? 12.034  -2.183  6.578   1.00 78.94  ? 112 ARG A NE  1 
ATOM 911  C CZ  . ARG A 1 112 ? 11.310  -1.462  7.427   1.00 81.56  ? 112 ARG A CZ  1 
ATOM 912  N NH1 . ARG A 1 112 ? 9.997   -1.663  7.512   1.00 81.34  ? 112 ARG A NH1 1 
ATOM 913  N NH2 . ARG A 1 112 ? 11.893  -0.540  8.186   1.00 82.98  ? 112 ARG A NH2 1 
ATOM 914  N N   . TYR A 1 113 ? 13.535  -7.369  3.791   1.00 68.04  ? 113 TYR A N   1 
ATOM 915  C CA  . TYR A 1 113 ? 14.545  -8.278  4.331   1.00 69.40  ? 113 TYR A CA  1 
ATOM 916  C C   . TYR A 1 113 ? 15.737  -8.318  3.380   1.00 69.07  ? 113 TYR A C   1 
ATOM 917  O O   . TYR A 1 113 ? 16.877  -8.111  3.791   1.00 69.04  ? 113 TYR A O   1 
ATOM 918  C CB  . TYR A 1 113 ? 13.956  -9.681  4.468   1.00 71.33  ? 113 TYR A CB  1 
ATOM 919  C CG  . TYR A 1 113 ? 14.929  -10.737 4.941   1.00 74.05  ? 113 TYR A CG  1 
ATOM 920  C CD1 . TYR A 1 113 ? 15.224  -10.891 6.300   1.00 74.65  ? 113 TYR A CD1 1 
ATOM 921  C CD2 . TYR A 1 113 ? 15.535  -11.607 4.030   1.00 75.20  ? 113 TYR A CD2 1 
ATOM 922  C CE1 . TYR A 1 113 ? 16.095  -11.890 6.740   1.00 75.52  ? 113 TYR A CE1 1 
ATOM 923  C CE2 . TYR A 1 113 ? 16.409  -12.609 4.459   1.00 76.22  ? 113 TYR A CE2 1 
ATOM 924  C CZ  . TYR A 1 113 ? 16.683  -12.746 5.814   1.00 76.69  ? 113 TYR A CZ  1 
ATOM 925  O OH  . TYR A 1 113 ? 17.536  -13.744 6.238   1.00 77.72  ? 113 TYR A OH  1 
ATOM 926  N N   . CYS A 1 114 ? 15.459  -8.578  2.106   1.00 68.88  ? 114 CYS A N   1 
ATOM 927  C CA  . CYS A 1 114 ? 16.501  -8.638  1.090   1.00 69.73  ? 114 CYS A CA  1 
ATOM 928  C C   . CYS A 1 114 ? 17.183  -7.298  0.899   1.00 70.54  ? 114 CYS A C   1 
ATOM 929  O O   . CYS A 1 114 ? 18.407  -7.218  0.916   1.00 71.02  ? 114 CYS A O   1 
ATOM 930  C CB  . CYS A 1 114 ? 15.922  -9.092  -0.248  1.00 68.83  ? 114 CYS A CB  1 
ATOM 931  S SG  . CYS A 1 114 ? 15.323  -10.778 -0.238  1.00 69.45  ? 114 CYS A SG  1 
ATOM 932  N N   . ALA A 1 115 ? 16.389  -6.250  0.709   1.00 71.85  ? 115 ALA A N   1 
ATOM 933  C CA  . ALA A 1 115 ? 16.927  -4.910  0.507   1.00 73.08  ? 115 ALA A CA  1 
ATOM 934  C C   . ALA A 1 115 ? 18.094  -4.650  1.448   1.00 74.34  ? 115 ALA A C   1 
ATOM 935  O O   . ALA A 1 115 ? 19.187  -4.285  1.010   1.00 74.12  ? 115 ALA A O   1 
ATOM 936  C CB  . ALA A 1 115 ? 15.842  -3.870  0.730   1.00 72.78  ? 115 ALA A CB  1 
ATOM 937  N N   . GLU A 1 116 ? 17.857  -4.848  2.740   1.00 75.62  ? 116 GLU A N   1 
ATOM 938  C CA  . GLU A 1 116 ? 18.887  -4.631  3.743   1.00 77.66  ? 116 GLU A CA  1 
ATOM 939  C C   . GLU A 1 116 ? 20.044  -5.605  3.592   1.00 78.98  ? 116 GLU A C   1 
ATOM 940  O O   . GLU A 1 116 ? 21.156  -5.213  3.236   1.00 79.62  ? 116 GLU A O   1 
ATOM 941  C CB  . GLU A 1 116 ? 18.288  -4.755  5.141   1.00 78.20  ? 116 GLU A CB  1 
ATOM 942  C CG  . GLU A 1 116 ? 17.465  -3.546  5.546   1.00 80.74  ? 116 GLU A CG  1 
ATOM 943  C CD  . GLU A 1 116 ? 16.743  -3.749  6.860   1.00 82.25  ? 116 GLU A CD  1 
ATOM 944  O OE1 . GLU A 1 116 ? 17.359  -4.313  7.790   1.00 83.41  ? 116 GLU A OE1 1 
ATOM 945  O OE2 . GLU A 1 116 ? 15.566  -3.338  6.964   1.00 82.88  ? 116 GLU A OE2 1 
ATOM 946  N N   . LYS A 1 117 ? 19.771  -6.875  3.866   1.00 80.01  ? 117 LYS A N   1 
ATOM 947  C CA  . LYS A 1 117 ? 20.778  -7.923  3.771   1.00 80.26  ? 117 LYS A CA  1 
ATOM 948  C C   . LYS A 1 117 ? 21.752  -7.681  2.616   1.00 80.44  ? 117 LYS A C   1 
ATOM 949  O O   . LYS A 1 117 ? 22.931  -7.414  2.837   1.00 81.05  ? 117 LYS A O   1 
ATOM 950  C CB  . LYS A 1 117 ? 20.088  -9.277  3.604   1.00 80.20  ? 117 LYS A CB  1 
ATOM 951  C CG  . LYS A 1 117 ? 20.974  -10.489 3.825   1.00 80.65  ? 117 LYS A CG  1 
ATOM 952  C CD  . LYS A 1 117 ? 20.123  -11.753 3.815   1.00 82.63  ? 117 LYS A CD  1 
ATOM 953  C CE  . LYS A 1 117 ? 20.902  -12.985 4.251   1.00 83.69  ? 117 LYS A CE  1 
ATOM 954  N NZ  . LYS A 1 117 ? 21.977  -13.355 3.288   1.00 85.00  ? 117 LYS A NZ  1 
ATOM 955  N N   . PHE A 1 118 ? 21.253  -7.746  1.388   1.00 80.51  ? 118 PHE A N   1 
ATOM 956  C CA  . PHE A 1 118 ? 22.094  -7.560  0.208   1.00 80.79  ? 118 PHE A CA  1 
ATOM 957  C C   . PHE A 1 118 ? 22.435  -6.112  -0.116  1.00 80.26  ? 118 PHE A C   1 
ATOM 958  O O   . PHE A 1 118 ? 22.985  -5.810  -1.178  1.00 79.80  ? 118 PHE A O   1 
ATOM 959  C CB  . PHE A 1 118 ? 21.435  -8.243  -0.988  1.00 82.32  ? 118 PHE A CB  1 
ATOM 960  C CG  . PHE A 1 118 ? 21.401  -9.739  -0.870  1.00 84.54  ? 118 PHE A CG  1 
ATOM 961  C CD1 . PHE A 1 118 ? 21.022  -10.345 0.327   1.00 84.62  ? 118 PHE A CD1 1 
ATOM 962  C CD2 . PHE A 1 118 ? 21.764  -10.545 -1.942  1.00 85.52  ? 118 PHE A CD2 1 
ATOM 963  C CE1 . PHE A 1 118 ? 21.008  -11.726 0.458   1.00 85.50  ? 118 PHE A CE1 1 
ATOM 964  C CE2 . PHE A 1 118 ? 21.754  -11.931 -1.824  1.00 86.36  ? 118 PHE A CE2 1 
ATOM 965  C CZ  . PHE A 1 118 ? 21.375  -12.523 -0.619  1.00 86.30  ? 118 PHE A CZ  1 
ATOM 966  N N   . GLN A 1 119 ? 22.101  -5.221  0.811   1.00 79.55  ? 119 GLN A N   1 
ATOM 967  C CA  . GLN A 1 119 ? 22.383  -3.796  0.680   1.00 78.46  ? 119 GLN A CA  1 
ATOM 968  C C   . GLN A 1 119 ? 22.024  -3.150  -0.665  1.00 76.76  ? 119 GLN A C   1 
ATOM 969  O O   . GLN A 1 119 ? 22.873  -2.511  -1.283  1.00 76.59  ? 119 GLN A O   1 
ATOM 970  C CB  . GLN A 1 119 ? 23.866  -3.552  0.973   1.00 79.64  ? 119 GLN A CB  1 
ATOM 971  C CG  . GLN A 1 119 ? 24.154  -2.219  1.637   1.00 82.82  ? 119 GLN A CG  1 
ATOM 972  C CD  . GLN A 1 119 ? 23.558  -2.130  3.038   1.00 84.65  ? 119 GLN A CD  1 
ATOM 973  O OE1 . GLN A 1 119 ? 23.921  -2.900  3.931   1.00 85.50  ? 119 GLN A OE1 1 
ATOM 974  N NE2 . GLN A 1 119 ? 22.635  -1.189  3.233   1.00 84.76  ? 119 GLN A NE2 1 
ATOM 975  N N   . ILE A 1 120 ? 20.781  -3.308  -1.120  1.00 74.63  ? 120 ILE A N   1 
ATOM 976  C CA  . ILE A 1 120 ? 20.360  -2.693  -2.381  1.00 72.91  ? 120 ILE A CA  1 
ATOM 977  C C   . ILE A 1 120 ? 19.085  -1.884  -2.175  1.00 70.09  ? 120 ILE A C   1 
ATOM 978  O O   . ILE A 1 120 ? 18.273  -2.213  -1.312  1.00 70.30  ? 120 ILE A O   1 
ATOM 979  C CB  . ILE A 1 120 ? 20.100  -3.739  -3.498  1.00 74.55  ? 120 ILE A CB  1 
ATOM 980  C CG1 . ILE A 1 120 ? 18.854  -4.568  -3.174  1.00 76.19  ? 120 ILE A CG1 1 
ATOM 981  C CG2 . ILE A 1 120 ? 21.316  -4.645  -3.658  1.00 75.76  ? 120 ILE A CG2 1 
ATOM 982  C CD1 . ILE A 1 120 ? 19.010  -5.494  -1.982  1.00 76.90  ? 120 ILE A CD1 1 
ATOM 983  N N   . PRO A 1 121 ? 18.893  -0.814  -2.967  1.00 67.46  ? 121 PRO A N   1 
ATOM 984  C CA  . PRO A 1 121 ? 17.701  0.034   -2.851  1.00 64.95  ? 121 PRO A CA  1 
ATOM 985  C C   . PRO A 1 121 ? 16.382  -0.728  -3.048  1.00 62.98  ? 121 PRO A C   1 
ATOM 986  O O   . PRO A 1 121 ? 16.132  -1.324  -4.100  1.00 62.15  ? 121 PRO A O   1 
ATOM 987  C CB  . PRO A 1 121 ? 17.935  1.102   -3.919  1.00 64.63  ? 121 PRO A CB  1 
ATOM 988  C CG  . PRO A 1 121 ? 18.719  0.375   -4.956  1.00 65.30  ? 121 PRO A CG  1 
ATOM 989  C CD  . PRO A 1 121 ? 19.712  -0.403  -4.122  1.00 66.74  ? 121 PRO A CD  1 
ATOM 990  N N   . LEU A 1 122 ? 15.549  -0.697  -2.014  1.00 60.47  ? 122 LEU A N   1 
ATOM 991  C CA  . LEU A 1 122 ? 14.261  -1.374  -2.024  1.00 57.42  ? 122 LEU A CA  1 
ATOM 992  C C   . LEU A 1 122 ? 13.435  -1.116  -3.282  1.00 57.63  ? 122 LEU A C   1 
ATOM 993  O O   . LEU A 1 122 ? 12.779  -2.022  -3.792  1.00 58.07  ? 122 LEU A O   1 
ATOM 994  C CB  . LEU A 1 122 ? 13.468  -0.966  -0.785  1.00 54.32  ? 122 LEU A CB  1 
ATOM 995  C CG  . LEU A 1 122 ? 12.084  -1.577  -0.579  1.00 53.33  ? 122 LEU A CG  1 
ATOM 996  C CD1 . LEU A 1 122 ? 12.163  -3.092  -0.652  1.00 52.14  ? 122 LEU A CD1 1 
ATOM 997  C CD2 . LEU A 1 122 ? 11.541  -1.131  0.773   1.00 52.14  ? 122 LEU A CD2 1 
ATOM 998  N N   . GLU A 1 123 ? 13.469  0.109   -3.793  1.00 58.24  ? 123 GLU A N   1 
ATOM 999  C CA  . GLU A 1 123 ? 12.689  0.416   -4.985  1.00 58.64  ? 123 GLU A CA  1 
ATOM 1000 C C   . GLU A 1 123 ? 13.142  -0.367  -6.214  1.00 58.23  ? 123 GLU A C   1 
ATOM 1001 O O   . GLU A 1 123 ? 12.363  -0.586  -7.144  1.00 57.71  ? 123 GLU A O   1 
ATOM 1002 C CB  . GLU A 1 123 ? 12.731  1.910   -5.309  1.00 59.56  ? 123 GLU A CB  1 
ATOM 1003 C CG  . GLU A 1 123 ? 11.750  2.256   -6.422  1.00 63.29  ? 123 GLU A CG  1 
ATOM 1004 C CD  . GLU A 1 123 ? 11.716  3.726   -6.783  1.00 65.43  ? 123 GLU A CD  1 
ATOM 1005 O OE1 . GLU A 1 123 ? 11.519  4.566   -5.872  1.00 67.02  ? 123 GLU A OE1 1 
ATOM 1006 O OE2 . GLU A 1 123 ? 11.872  4.039   -7.985  1.00 66.69  ? 123 GLU A OE2 1 
ATOM 1007 N N   . GLU A 1 124 ? 14.401  -0.788  -6.230  1.00 58.15  ? 124 GLU A N   1 
ATOM 1008 C CA  . GLU A 1 124 ? 14.888  -1.531  -7.375  1.00 58.39  ? 124 GLU A CA  1 
ATOM 1009 C C   . GLU A 1 124 ? 14.248  -2.918  -7.390  1.00 56.42  ? 124 GLU A C   1 
ATOM 1010 O O   . GLU A 1 124 ? 13.800  -3.385  -8.440  1.00 55.32  ? 124 GLU A O   1 
ATOM 1011 C CB  . GLU A 1 124 ? 16.412  -1.631  -7.349  1.00 61.48  ? 124 GLU A CB  1 
ATOM 1012 C CG  . GLU A 1 124 ? 16.998  -1.707  -8.748  1.00 67.85  ? 124 GLU A CG  1 
ATOM 1013 C CD  . GLU A 1 124 ? 18.501  -1.905  -8.751  1.00 73.14  ? 124 GLU A CD  1 
ATOM 1014 O OE1 . GLU A 1 124 ? 19.226  -1.001  -8.264  1.00 75.22  ? 124 GLU A OE1 1 
ATOM 1015 O OE2 . GLU A 1 124 ? 18.955  -2.967  -9.241  1.00 75.05  ? 124 GLU A OE2 1 
ATOM 1016 N N   . LEU A 1 125 ? 14.192  -3.562  -6.225  1.00 53.83  ? 125 LEU A N   1 
ATOM 1017 C CA  . LEU A 1 125 ? 13.569  -4.877  -6.103  1.00 51.63  ? 125 LEU A CA  1 
ATOM 1018 C C   . LEU A 1 125 ? 12.101  -4.827  -6.575  1.00 50.93  ? 125 LEU A C   1 
ATOM 1019 O O   . LEU A 1 125 ? 11.643  -5.714  -7.299  1.00 49.13  ? 125 LEU A O   1 
ATOM 1020 C CB  . LEU A 1 125 ? 13.628  -5.352  -4.651  1.00 51.71  ? 125 LEU A CB  1 
ATOM 1021 C CG  . LEU A 1 125 ? 15.031  -5.532  -4.072  1.00 52.17  ? 125 LEU A CG  1 
ATOM 1022 C CD1 . LEU A 1 125 ? 14.953  -5.808  -2.580  1.00 51.79  ? 125 LEU A CD1 1 
ATOM 1023 C CD2 . LEU A 1 125 ? 15.732  -6.666  -4.789  1.00 51.42  ? 125 LEU A CD2 1 
ATOM 1024 N N   . TYR A 1 126 ? 11.370  -3.792  -6.158  1.00 49.06  ? 126 TYR A N   1 
ATOM 1025 C CA  . TYR A 1 126 ? 9.975   -3.635  -6.557  1.00 48.32  ? 126 TYR A CA  1 
ATOM 1026 C C   . TYR A 1 126 ? 9.852   -3.527  -8.065  1.00 49.05  ? 126 TYR A C   1 
ATOM 1027 O O   . TYR A 1 126 ? 8.986   -4.136  -8.684  1.00 48.79  ? 126 TYR A O   1 
ATOM 1028 C CB  . TYR A 1 126 ? 9.361   -2.375  -5.933  1.00 46.51  ? 126 TYR A CB  1 
ATOM 1029 C CG  . TYR A 1 126 ? 8.638   -2.610  -4.625  1.00 43.77  ? 126 TYR A CG  1 
ATOM 1030 C CD1 . TYR A 1 126 ? 9.263   -2.368  -3.403  1.00 42.69  ? 126 TYR A CD1 1 
ATOM 1031 C CD2 . TYR A 1 126 ? 7.334   -3.102  -4.611  1.00 42.46  ? 126 TYR A CD2 1 
ATOM 1032 C CE1 . TYR A 1 126 ? 8.606   -2.615  -2.202  1.00 42.00  ? 126 TYR A CE1 1 
ATOM 1033 C CE2 . TYR A 1 126 ? 6.671   -3.351  -3.421  1.00 40.57  ? 126 TYR A CE2 1 
ATOM 1034 C CZ  . TYR A 1 126 ? 7.309   -3.108  -2.220  1.00 41.85  ? 126 TYR A CZ  1 
ATOM 1035 O OH  . TYR A 1 126 ? 6.648   -3.361  -1.038  1.00 43.00  ? 126 TYR A OH  1 
ATOM 1036 N N   . LYS A 1 127 ? 10.736  -2.735  -8.651  1.00 51.93  ? 127 LYS A N   1 
ATOM 1037 C CA  . LYS A 1 127 ? 10.743  -2.499  -10.087 1.00 54.78  ? 127 LYS A CA  1 
ATOM 1038 C C   . LYS A 1 127 ? 11.214  -3.731  -10.855 1.00 54.66  ? 127 LYS A C   1 
ATOM 1039 O O   . LYS A 1 127 ? 10.776  -3.988  -11.980 1.00 54.18  ? 127 LYS A O   1 
ATOM 1040 C CB  . LYS A 1 127 ? 11.666  -1.312  -10.386 1.00 56.36  ? 127 LYS A CB  1 
ATOM 1041 C CG  . LYS A 1 127 ? 11.483  -0.680  -11.761 1.00 60.44  ? 127 LYS A CG  1 
ATOM 1042 C CD  . LYS A 1 127 ? 12.466  0.473   -11.957 1.00 63.04  ? 127 LYS A CD  1 
ATOM 1043 C CE  . LYS A 1 127 ? 12.349  1.507   -10.833 1.00 64.76  ? 127 LYS A CE  1 
ATOM 1044 N NZ  . LYS A 1 127 ? 13.418  2.552   -10.907 1.00 66.74  ? 127 LYS A NZ  1 
ATOM 1045 N N   . THR A 1 128 ? 12.092  -4.498  -10.220 1.00 54.59  ? 128 THR A N   1 
ATOM 1046 C CA  . THR A 1 128 ? 12.676  -5.679  -10.829 1.00 54.15  ? 128 THR A CA  1 
ATOM 1047 C C   . THR A 1 128 ? 11.973  -7.008  -10.525 1.00 53.45  ? 128 THR A C   1 
ATOM 1048 O O   . THR A 1 128 ? 12.031  -7.939  -11.329 1.00 54.31  ? 128 THR A O   1 
ATOM 1049 C CB  . THR A 1 128 ? 14.163  -5.777  -10.432 1.00 54.94  ? 128 THR A CB  1 
ATOM 1050 O OG1 . THR A 1 128 ? 14.813  -6.742  -11.260 1.00 59.80  ? 128 THR A OG1 1 
ATOM 1051 C CG2 . THR A 1 128 ? 14.312  -6.207  -8.983  1.00 54.98  ? 128 THR A CG2 1 
ATOM 1052 N N   . ILE A 1 129 ? 11.317  -7.109  -9.374  1.00 52.09  ? 129 ILE A N   1 
ATOM 1053 C CA  . ILE A 1 129 ? 10.616  -8.342  -9.020  1.00 50.10  ? 129 ILE A CA  1 
ATOM 1054 C C   . ILE A 1 129 ? 9.124   -8.098  -8.829  1.00 49.44  ? 129 ILE A C   1 
ATOM 1055 O O   . ILE A 1 129 ? 8.316   -8.400  -9.697  1.00 49.49  ? 129 ILE A O   1 
ATOM 1056 C CB  . ILE A 1 129 ? 11.131  -8.945  -7.701  1.00 50.84  ? 129 ILE A CB  1 
ATOM 1057 C CG1 . ILE A 1 129 ? 12.651  -8.833  -7.614  1.00 50.71  ? 129 ILE A CG1 1 
ATOM 1058 C CG2 . ILE A 1 129 ? 10.687  -10.402 -7.600  1.00 50.09  ? 129 ILE A CG2 1 
ATOM 1059 C CD1 . ILE A 1 129 ? 13.369  -9.501  -8.744  1.00 53.77  ? 129 ILE A CD1 1 
ATOM 1060 N N   . ALA A 1 130 ? 8.783   -7.544  -7.672  1.00 48.37  ? 130 ALA A N   1 
ATOM 1061 C CA  . ALA A 1 130 ? 7.410   -7.252  -7.285  1.00 46.37  ? 130 ALA A CA  1 
ATOM 1062 C C   . ALA A 1 130 ? 6.447   -6.735  -8.352  1.00 46.63  ? 130 ALA A C   1 
ATOM 1063 O O   . ALA A 1 130 ? 5.468   -7.409  -8.684  1.00 47.93  ? 130 ALA A O   1 
ATOM 1064 C CB  . ALA A 1 130 ? 7.415   -6.298  -6.109  1.00 44.43  ? 130 ALA A CB  1 
ATOM 1065 N N   . TRP A 1 131 ? 6.691   -5.547  -8.892  1.00 45.96  ? 131 TRP A N   1 
ATOM 1066 C CA  . TRP A 1 131 ? 5.751   -5.023  -9.871  1.00 45.43  ? 131 TRP A CA  1 
ATOM 1067 C C   . TRP A 1 131 ? 5.611   -5.880  -11.114 1.00 47.61  ? 131 TRP A C   1 
ATOM 1068 O O   . TRP A 1 131 ? 4.494   -6.148  -11.551 1.00 49.00  ? 131 TRP A O   1 
ATOM 1069 C CB  . TRP A 1 131 ? 6.078   -3.571  -10.227 1.00 43.82  ? 131 TRP A CB  1 
ATOM 1070 C CG  . TRP A 1 131 ? 5.991   -2.673  -9.018  1.00 42.15  ? 131 TRP A CG  1 
ATOM 1071 C CD1 . TRP A 1 131 ? 5.293   -2.918  -7.865  1.00 39.17  ? 131 TRP A CD1 1 
ATOM 1072 C CD2 . TRP A 1 131 ? 6.698   -1.445  -8.801  1.00 41.54  ? 131 TRP A CD2 1 
ATOM 1073 N NE1 . TRP A 1 131 ? 5.533   -1.931  -6.946  1.00 39.69  ? 131 TRP A NE1 1 
ATOM 1074 C CE2 . TRP A 1 131 ? 6.392   -1.014  -7.491  1.00 40.89  ? 131 TRP A CE2 1 
ATOM 1075 C CE3 . TRP A 1 131 ? 7.564   -0.671  -9.584  1.00 41.92  ? 131 TRP A CE3 1 
ATOM 1076 C CZ2 . TRP A 1 131 ? 6.925   0.156   -6.944  1.00 41.09  ? 131 TRP A CZ2 1 
ATOM 1077 C CZ3 . TRP A 1 131 ? 8.096   0.495   -9.039  1.00 41.78  ? 131 TRP A CZ3 1 
ATOM 1078 C CH2 . TRP A 1 131 ? 7.773   0.894   -7.729  1.00 41.78  ? 131 TRP A CH2 1 
ATOM 1079 N N   . PRO A 1 132 ? 6.730   -6.320  -11.711 1.00 48.92  ? 132 PRO A N   1 
ATOM 1080 C CA  . PRO A 1 132 ? 6.525   -7.155  -12.902 1.00 49.38  ? 132 PRO A CA  1 
ATOM 1081 C C   . PRO A 1 132 ? 5.677   -8.409  -12.601 1.00 49.92  ? 132 PRO A C   1 
ATOM 1082 O O   . PRO A 1 132 ? 4.774   -8.751  -13.371 1.00 50.31  ? 132 PRO A O   1 
ATOM 1083 C CB  . PRO A 1 132 ? 7.954   -7.481  -13.362 1.00 48.48  ? 132 PRO A CB  1 
ATOM 1084 C CG  . PRO A 1 132 ? 8.819   -7.190  -12.147 1.00 48.62  ? 132 PRO A CG  1 
ATOM 1085 C CD  . PRO A 1 132 ? 8.154   -6.000  -11.521 1.00 49.10  ? 132 PRO A CD  1 
ATOM 1086 N N   . LEU A 1 133 ? 5.957   -9.079  -11.483 1.00 49.44  ? 133 LEU A N   1 
ATOM 1087 C CA  . LEU A 1 133 ? 5.199   -10.268 -11.105 1.00 50.33  ? 133 LEU A CA  1 
ATOM 1088 C C   . LEU A 1 133 ? 3.738   -9.898  -10.881 1.00 52.54  ? 133 LEU A C   1 
ATOM 1089 O O   . LEU A 1 133 ? 2.821   -10.658 -11.191 1.00 51.66  ? 133 LEU A O   1 
ATOM 1090 C CB  . LEU A 1 133 ? 5.759   -10.874 -9.819  1.00 47.78  ? 133 LEU A CB  1 
ATOM 1091 C CG  . LEU A 1 133 ? 7.086   -11.618 -9.915  1.00 47.72  ? 133 LEU A CG  1 
ATOM 1092 C CD1 . LEU A 1 133 ? 7.466   -12.159 -8.544  1.00 47.20  ? 133 LEU A CD1 1 
ATOM 1093 C CD2 . LEU A 1 133 ? 6.953   -12.754 -10.920 1.00 47.99  ? 133 LEU A CD2 1 
ATOM 1094 N N   . SER A 1 134 ? 3.538   -8.709  -10.330 1.00 54.48  ? 134 SER A N   1 
ATOM 1095 C CA  . SER A 1 134 ? 2.209   -8.207  -10.038 1.00 55.79  ? 134 SER A CA  1 
ATOM 1096 C C   . SER A 1 134 ? 1.451   -7.951  -11.334 1.00 57.29  ? 134 SER A C   1 
ATOM 1097 O O   . SER A 1 134 ? 0.241   -8.139  -11.417 1.00 57.82  ? 134 SER A O   1 
ATOM 1098 C CB  . SER A 1 134 ? 2.332   -6.914  -9.234  1.00 54.10  ? 134 SER A CB  1 
ATOM 1099 O OG  . SER A 1 134 ? 1.088   -6.535  -8.683  1.00 54.24  ? 134 SER A OG  1 
ATOM 1100 N N   . ARG A 1 135 ? 2.186   -7.526  -12.347 1.00 60.00  ? 135 ARG A N   1 
ATOM 1101 C CA  . ARG A 1 135 ? 1.613   -7.220  -13.643 1.00 62.74  ? 135 ARG A CA  1 
ATOM 1102 C C   . ARG A 1 135 ? 1.092   -8.494  -14.297 1.00 63.94  ? 135 ARG A C   1 
ATOM 1103 O O   . ARG A 1 135 ? 0.125   -8.466  -15.054 1.00 64.63  ? 135 ARG A O   1 
ATOM 1104 C CB  . ARG A 1 135 ? 2.692   -6.583  -14.517 1.00 64.12  ? 135 ARG A CB  1 
ATOM 1105 C CG  . ARG A 1 135 ? 2.241   -5.399  -15.354 1.00 67.14  ? 135 ARG A CG  1 
ATOM 1106 C CD  . ARG A 1 135 ? 3.459   -4.710  -15.959 1.00 69.76  ? 135 ARG A CD  1 
ATOM 1107 N NE  . ARG A 1 135 ? 4.400   -4.284  -14.919 1.00 72.80  ? 135 ARG A NE  1 
ATOM 1108 C CZ  . ARG A 1 135 ? 5.658   -3.909  -15.142 1.00 73.67  ? 135 ARG A CZ  1 
ATOM 1109 N NH1 . ARG A 1 135 ? 6.145   -3.906  -16.378 1.00 74.22  ? 135 ARG A NH1 1 
ATOM 1110 N NH2 . ARG A 1 135 ? 6.433   -3.534  -14.127 1.00 72.80  ? 135 ARG A NH2 1 
ATOM 1111 N N   . LYS A 1 136 ? 1.729   -9.615  -13.986 1.00 65.35  ? 136 LYS A N   1 
ATOM 1112 C CA  . LYS A 1 136 ? 1.360   -10.896 -14.570 1.00 66.95  ? 136 LYS A CA  1 
ATOM 1113 C C   . LYS A 1 136 ? 0.344   -11.699 -13.760 1.00 67.21  ? 136 LYS A C   1 
ATOM 1114 O O   . LYS A 1 136 ? -0.580  -12.275 -14.333 1.00 67.80  ? 136 LYS A O   1 
ATOM 1115 C CB  . LYS A 1 136 ? 2.621   -11.736 -14.771 1.00 68.75  ? 136 LYS A CB  1 
ATOM 1116 C CG  . LYS A 1 136 ? 2.430   -12.996 -15.597 1.00 71.46  ? 136 LYS A CG  1 
ATOM 1117 C CD  . LYS A 1 136 ? 3.687   -13.876 -15.555 1.00 73.69  ? 136 LYS A CD  1 
ATOM 1118 C CE  . LYS A 1 136 ? 4.953   -13.119 -15.981 1.00 74.05  ? 136 LYS A CE  1 
ATOM 1119 N NZ  . LYS A 1 136 ? 6.205   -13.886 -15.687 1.00 74.15  ? 136 LYS A NZ  1 
ATOM 1120 N N   . PHE A 1 137 ? 0.516   -11.744 -12.438 1.00 67.18  ? 137 PHE A N   1 
ATOM 1121 C CA  . PHE A 1 137 ? -0.385  -12.503 -11.566 1.00 65.48  ? 137 PHE A CA  1 
ATOM 1122 C C   . PHE A 1 137 ? -1.337  -11.673 -10.712 1.00 65.03  ? 137 PHE A C   1 
ATOM 1123 O O   . PHE A 1 137 ? -1.898  -12.182 -9.740  1.00 64.53  ? 137 PHE A O   1 
ATOM 1124 C CB  . PHE A 1 137 ? 0.415   -13.419 -10.637 1.00 65.15  ? 137 PHE A CB  1 
ATOM 1125 C CG  . PHE A 1 137 ? 1.307   -14.379 -11.357 1.00 65.90  ? 137 PHE A CG  1 
ATOM 1126 C CD1 . PHE A 1 137 ? 2.578   -13.998 -11.760 1.00 66.79  ? 137 PHE A CD1 1 
ATOM 1127 C CD2 . PHE A 1 137 ? 0.875   -15.669 -11.635 1.00 66.12  ? 137 PHE A CD2 1 
ATOM 1128 C CE1 . PHE A 1 137 ? 3.414   -14.894 -12.433 1.00 67.66  ? 137 PHE A CE1 1 
ATOM 1129 C CE2 . PHE A 1 137 ? 1.699   -16.571 -12.309 1.00 67.72  ? 137 PHE A CE2 1 
ATOM 1130 C CZ  . PHE A 1 137 ? 2.973   -16.183 -12.708 1.00 67.73  ? 137 PHE A CZ  1 
ATOM 1131 N N   . GLY A 1 138 ? -1.511  -10.401 -11.060 1.00 65.24  ? 138 GLY A N   1 
ATOM 1132 C CA  . GLY A 1 138 ? -2.413  -9.546  -10.308 1.00 64.91  ? 138 GLY A CA  1 
ATOM 1133 C C   . GLY A 1 138 ? -1.825  -8.918  -9.061  1.00 65.62  ? 138 GLY A C   1 
ATOM 1134 O O   . GLY A 1 138 ? -1.995  -7.724  -8.830  1.00 67.76  ? 138 GLY A O   1 
ATOM 1135 N N   . HIS A 1 139 ? -1.150  -9.720  -8.248  1.00 65.71  ? 139 HIS A N   1 
ATOM 1136 C CA  . HIS A 1 139 ? -0.532  -9.233  -7.024  1.00 65.83  ? 139 HIS A CA  1 
ATOM 1137 C C   . HIS A 1 139 ? 0.711   -10.075 -6.761  1.00 62.04  ? 139 HIS A C   1 
ATOM 1138 O O   . HIS A 1 139 ? 0.686   -11.295 -6.909  1.00 61.32  ? 139 HIS A O   1 
ATOM 1139 C CB  . HIS A 1 139 ? -1.508  -9.356  -5.850  1.00 70.91  ? 139 HIS A CB  1 
ATOM 1140 C CG  . HIS A 1 139 ? -1.081  -8.611  -4.619  1.00 79.29  ? 139 HIS A CG  1 
ATOM 1141 N ND1 . HIS A 1 139 ? 0.177   -8.736  -4.068  1.00 82.48  ? 139 HIS A ND1 1 
ATOM 1142 C CD2 . HIS A 1 139 ? -1.756  -7.753  -3.818  1.00 81.33  ? 139 HIS A CD2 1 
ATOM 1143 C CE1 . HIS A 1 139 ? 0.256   -7.990  -2.981  1.00 82.97  ? 139 HIS A CE1 1 
ATOM 1144 N NE2 . HIS A 1 139 ? -0.904  -7.383  -2.807  1.00 83.23  ? 139 HIS A NE2 1 
ATOM 1145 N N   . ALA A 1 140 ? 1.799   -9.425  -6.371  1.00 58.50  ? 140 ALA A N   1 
ATOM 1146 C CA  . ALA A 1 140 ? 3.043   -10.130 -6.108  1.00 55.19  ? 140 ALA A CA  1 
ATOM 1147 C C   . ALA A 1 140 ? 2.880   -11.225 -5.060  1.00 53.86  ? 140 ALA A C   1 
ATOM 1148 O O   . ALA A 1 140 ? 3.462   -12.304 -5.184  1.00 53.58  ? 140 ALA A O   1 
ATOM 1149 C CB  . ALA A 1 140 ? 4.117   -9.140  -5.669  1.00 54.15  ? 140 ALA A CB  1 
ATOM 1150 N N   . TYR A 1 141 ? 2.091   -10.946 -4.031  1.00 52.28  ? 141 TYR A N   1 
ATOM 1151 C CA  . TYR A 1 141 ? 1.865   -11.906 -2.956  1.00 51.47  ? 141 TYR A CA  1 
ATOM 1152 C C   . TYR A 1 141 ? 1.425   -13.256 -3.497  1.00 51.74  ? 141 TYR A C   1 
ATOM 1153 O O   . TYR A 1 141 ? 1.864   -14.314 -3.021  1.00 50.48  ? 141 TYR A O   1 
ATOM 1154 C CB  . TYR A 1 141 ? 0.795   -11.386 -2.006  1.00 50.24  ? 141 TYR A CB  1 
ATOM 1155 C CG  . TYR A 1 141 ? 0.452   -12.353 -0.905  1.00 49.83  ? 141 TYR A CG  1 
ATOM 1156 C CD1 . TYR A 1 141 ? 1.246   -12.449 0.232   1.00 49.70  ? 141 TYR A CD1 1 
ATOM 1157 C CD2 . TYR A 1 141 ? -0.667  -13.184 -1.002  1.00 49.98  ? 141 TYR A CD2 1 
ATOM 1158 C CE1 . TYR A 1 141 ? 0.938   -13.345 1.249   1.00 49.96  ? 141 TYR A CE1 1 
ATOM 1159 C CE2 . TYR A 1 141 ? -0.981  -14.087 0.007   1.00 49.68  ? 141 TYR A CE2 1 
ATOM 1160 C CZ  . TYR A 1 141 ? -0.173  -14.159 1.130   1.00 49.75  ? 141 TYR A CZ  1 
ATOM 1161 O OH  . TYR A 1 141 ? -0.471  -15.045 2.140   1.00 52.96  ? 141 TYR A OH  1 
ATOM 1162 N N   . GLU A 1 142 ? 0.539   -13.208 -4.487  1.00 52.75  ? 142 GLU A N   1 
ATOM 1163 C CA  . GLU A 1 142 ? 0.020   -14.415 -5.104  1.00 53.70  ? 142 GLU A CA  1 
ATOM 1164 C C   . GLU A 1 142 ? 1.148   -15.140 -5.813  1.00 52.61  ? 142 GLU A C   1 
ATOM 1165 O O   . GLU A 1 142 ? 1.304   -16.350 -5.660  1.00 52.84  ? 142 GLU A O   1 
ATOM 1166 C CB  . GLU A 1 142 ? -1.104  -14.068 -6.082  1.00 56.02  ? 142 GLU A CB  1 
ATOM 1167 C CG  . GLU A 1 142 ? -2.387  -14.853 -5.816  1.00 60.88  ? 142 GLU A CG  1 
ATOM 1168 C CD  . GLU A 1 142 ? -2.880  -14.707 -4.373  1.00 64.51  ? 142 GLU A CD  1 
ATOM 1169 O OE1 . GLU A 1 142 ? -3.333  -13.601 -3.995  1.00 65.62  ? 142 GLU A OE1 1 
ATOM 1170 O OE2 . GLU A 1 142 ? -2.809  -15.700 -3.612  1.00 66.54  ? 142 GLU A OE2 1 
ATOM 1171 N N   . ALA A 1 143 ? 1.942   -14.394 -6.576  1.00 51.42  ? 143 ALA A N   1 
ATOM 1172 C CA  . ALA A 1 143 ? 3.069   -14.971 -7.301  1.00 49.69  ? 143 ALA A CA  1 
ATOM 1173 C C   . ALA A 1 143 ? 4.005   -15.680 -6.331  1.00 48.78  ? 143 ALA A C   1 
ATOM 1174 O O   . ALA A 1 143 ? 4.456   -16.784 -6.594  1.00 48.39  ? 143 ALA A O   1 
ATOM 1175 C CB  . ALA A 1 143 ? 3.820   -13.886 -8.055  1.00 48.45  ? 143 ALA A CB  1 
ATOM 1176 N N   . PHE A 1 144 ? 4.291   -15.040 -5.204  1.00 48.90  ? 144 PHE A N   1 
ATOM 1177 C CA  . PHE A 1 144 ? 5.172   -15.633 -4.208  1.00 50.36  ? 144 PHE A CA  1 
ATOM 1178 C C   . PHE A 1 144 ? 4.641   -16.979 -3.736  1.00 51.65  ? 144 PHE A C   1 
ATOM 1179 O O   . PHE A 1 144 ? 5.392   -17.949 -3.665  1.00 52.34  ? 144 PHE A O   1 
ATOM 1180 C CB  . PHE A 1 144 ? 5.350   -14.686 -3.012  1.00 49.63  ? 144 PHE A CB  1 
ATOM 1181 C CG  . PHE A 1 144 ? 6.258   -13.510 -3.292  1.00 49.55  ? 144 PHE A CG  1 
ATOM 1182 C CD1 . PHE A 1 144 ? 6.621   -13.178 -4.599  1.00 49.46  ? 144 PHE A CD1 1 
ATOM 1183 C CD2 . PHE A 1 144 ? 6.748   -12.732 -2.248  1.00 49.84  ? 144 PHE A CD2 1 
ATOM 1184 C CE1 . PHE A 1 144 ? 7.458   -12.088 -4.860  1.00 49.32  ? 144 PHE A CE1 1 
ATOM 1185 C CE2 . PHE A 1 144 ? 7.587   -11.636 -2.500  1.00 49.96  ? 144 PHE A CE2 1 
ATOM 1186 C CZ  . PHE A 1 144 ? 7.941   -11.317 -3.810  1.00 48.21  ? 144 PHE A CZ  1 
ATOM 1187 N N   . LYS A 1 145 ? 3.351   -17.041 -3.411  1.00 53.66  ? 145 LYS A N   1 
ATOM 1188 C CA  . LYS A 1 145 ? 2.740   -18.294 -2.964  1.00 54.17  ? 145 LYS A CA  1 
ATOM 1189 C C   . LYS A 1 145 ? 2.793   -19.339 -4.075  1.00 54.14  ? 145 LYS A C   1 
ATOM 1190 O O   . LYS A 1 145 ? 3.065   -20.517 -3.831  1.00 54.14  ? 145 LYS A O   1 
ATOM 1191 C CB  . LYS A 1 145 ? 1.280   -18.068 -2.564  1.00 55.53  ? 145 LYS A CB  1 
ATOM 1192 C CG  . LYS A 1 145 ? 1.073   -17.812 -1.086  1.00 59.02  ? 145 LYS A CG  1 
ATOM 1193 C CD  . LYS A 1 145 ? -0.394  -17.587 -0.758  1.00 62.44  ? 145 LYS A CD  1 
ATOM 1194 C CE  . LYS A 1 145 ? -1.239  -18.815 -1.068  1.00 64.84  ? 145 LYS A CE  1 
ATOM 1195 N NZ  . LYS A 1 145 ? -2.691  -18.590 -0.775  1.00 67.19  ? 145 LYS A NZ  1 
ATOM 1196 N N   . LEU A 1 146 ? 2.533   -18.893 -5.298  1.00 53.32  ? 146 LEU A N   1 
ATOM 1197 C CA  . LEU A 1 146 ? 2.538   -19.779 -6.446  1.00 54.50  ? 146 LEU A CA  1 
ATOM 1198 C C   . LEU A 1 146 ? 3.930   -20.331 -6.698  1.00 56.28  ? 146 LEU A C   1 
ATOM 1199 O O   . LEU A 1 146 ? 4.093   -21.498 -7.049  1.00 57.39  ? 146 LEU A O   1 
ATOM 1200 C CB  . LEU A 1 146 ? 2.065   -19.027 -7.687  1.00 53.50  ? 146 LEU A CB  1 
ATOM 1201 C CG  . LEU A 1 146 ? 1.132   -19.816 -8.602  1.00 53.06  ? 146 LEU A CG  1 
ATOM 1202 C CD1 . LEU A 1 146 ? 0.935   -19.061 -9.906  1.00 52.15  ? 146 LEU A CD1 1 
ATOM 1203 C CD2 . LEU A 1 146 ? 1.719   -21.186 -8.863  1.00 52.61  ? 146 LEU A CD2 1 
ATOM 1204 N N   . SER A 1 147 ? 4.933   -19.477 -6.522  1.00 58.07  ? 147 SER A N   1 
ATOM 1205 C CA  . SER A 1 147 ? 6.322   -19.859 -6.742  1.00 58.31  ? 147 SER A CA  1 
ATOM 1206 C C   . SER A 1 147 ? 6.721   -21.022 -5.846  1.00 59.10  ? 147 SER A C   1 
ATOM 1207 O O   . SER A 1 147 ? 7.499   -21.879 -6.260  1.00 59.84  ? 147 SER A O   1 
ATOM 1208 C CB  . SER A 1 147 ? 7.251   -18.672 -6.475  1.00 58.23  ? 147 SER A CB  1 
ATOM 1209 O OG  . SER A 1 147 ? 7.327   -18.394 -5.086  1.00 58.68  ? 147 SER A OG  1 
ATOM 1210 N N   . ILE A 1 148 ? 6.198   -21.043 -4.621  1.00 59.21  ? 148 ILE A N   1 
ATOM 1211 C CA  . ILE A 1 148 ? 6.504   -22.113 -3.674  1.00 59.70  ? 148 ILE A CA  1 
ATOM 1212 C C   . ILE A 1 148 ? 6.260   -23.496 -4.271  1.00 60.36  ? 148 ILE A C   1 
ATOM 1213 O O   . ILE A 1 148 ? 6.990   -24.444 -3.983  1.00 60.86  ? 148 ILE A O   1 
ATOM 1214 C CB  . ILE A 1 148 ? 5.641   -22.007 -2.396  1.00 59.66  ? 148 ILE A CB  1 
ATOM 1215 C CG1 . ILE A 1 148 ? 6.091   -20.812 -1.557  1.00 60.38  ? 148 ILE A CG1 1 
ATOM 1216 C CG2 . ILE A 1 148 ? 5.737   -23.297 -1.589  1.00 57.66  ? 148 ILE A CG2 1 
ATOM 1217 C CD1 . ILE A 1 148 ? 5.314   -20.648 -0.259  1.00 60.49  ? 148 ILE A CD1 1 
ATOM 1218 N N   . ILE A 1 149 ? 5.234   -23.597 -5.111  1.00 60.21  ? 149 ILE A N   1 
ATOM 1219 C CA  . ILE A 1 149 ? 4.866   -24.863 -5.722  1.00 59.62  ? 149 ILE A CA  1 
ATOM 1220 C C   . ILE A 1 149 ? 5.093   -24.879 -7.238  1.00 60.14  ? 149 ILE A C   1 
ATOM 1221 O O   . ILE A 1 149 ? 4.719   -25.831 -7.918  1.00 60.56  ? 149 ILE A O   1 
ATOM 1222 C CB  . ILE A 1 149 ? 3.371   -25.191 -5.369  1.00 58.92  ? 149 ILE A CB  1 
ATOM 1223 C CG1 . ILE A 1 149 ? 3.257   -26.642 -4.915  1.00 60.62  ? 149 ILE A CG1 1 
ATOM 1224 C CG2 . ILE A 1 149 ? 2.443   -24.904 -6.540  1.00 57.29  ? 149 ILE A CG2 1 
ATOM 1225 C CD1 . ILE A 1 149 ? 3.950   -26.921 -3.585  1.00 61.82  ? 149 ILE A CD1 1 
ATOM 1226 N N   . ASP A 1 150 ? 5.729   -23.835 -7.764  1.00 60.30  ? 150 ASP A N   1 
ATOM 1227 C CA  . ASP A 1 150 ? 5.980   -23.746 -9.202  1.00 61.51  ? 150 ASP A CA  1 
ATOM 1228 C C   . ASP A 1 150 ? 7.083   -22.732 -9.555  1.00 63.81  ? 150 ASP A C   1 
ATOM 1229 O O   . ASP A 1 150 ? 6.903   -21.520 -9.417  1.00 64.93  ? 150 ASP A O   1 
ATOM 1230 C CB  . ASP A 1 150 ? 4.673   -23.386 -9.921  1.00 59.53  ? 150 ASP A CB  1 
ATOM 1231 C CG  . ASP A 1 150 ? 4.862   -23.159 -11.408 1.00 58.60  ? 150 ASP A CG  1 
ATOM 1232 O OD1 . ASP A 1 150 ? 5.970   -23.421 -11.919 1.00 57.92  ? 150 ASP A OD1 1 
ATOM 1233 O OD2 . ASP A 1 150 ? 3.897   -22.721 -12.071 1.00 56.55  ? 150 ASP A OD2 1 
ATOM 1234 N N   . GLU A 1 151 ? 8.218   -23.241 -10.027 1.00 65.72  ? 151 GLU A N   1 
ATOM 1235 C CA  . GLU A 1 151 ? 9.365   -22.412 -10.395 1.00 66.84  ? 151 GLU A CA  1 
ATOM 1236 C C   . GLU A 1 151 ? 9.140   -21.546 -11.631 1.00 66.81  ? 151 GLU A C   1 
ATOM 1237 O O   . GLU A 1 151 ? 9.722   -20.471 -11.746 1.00 66.67  ? 151 GLU A O   1 
ATOM 1238 C CB  . GLU A 1 151 ? 10.595  -23.298 -10.622 1.00 69.12  ? 151 GLU A CB  1 
ATOM 1239 C CG  . GLU A 1 151 ? 11.041  -24.093 -9.396  1.00 73.90  ? 151 GLU A CG  1 
ATOM 1240 C CD  . GLU A 1 151 ? 12.057  -23.350 -8.535  1.00 76.22  ? 151 GLU A CD  1 
ATOM 1241 O OE1 . GLU A 1 151 ? 11.796  -22.181 -8.164  1.00 78.68  ? 151 GLU A OE1 1 
ATOM 1242 O OE2 . GLU A 1 151 ? 13.119  -23.942 -8.225  1.00 76.71  ? 151 GLU A OE2 1 
ATOM 1243 N N   . THR A 1 152 ? 8.303   -22.010 -12.555 1.00 66.95  ? 152 THR A N   1 
ATOM 1244 C CA  . THR A 1 152 ? 8.032   -21.265 -13.784 1.00 67.15  ? 152 THR A CA  1 
ATOM 1245 C C   . THR A 1 152 ? 7.648   -19.801 -13.544 1.00 66.82  ? 152 THR A C   1 
ATOM 1246 O O   . THR A 1 152 ? 7.667   -18.988 -14.467 1.00 66.26  ? 152 THR A O   1 
ATOM 1247 C CB  . THR A 1 152 ? 6.903   -21.929 -14.606 1.00 67.59  ? 152 THR A CB  1 
ATOM 1248 O OG1 . THR A 1 152 ? 6.925   -21.420 -15.946 1.00 68.87  ? 152 THR A OG1 1 
ATOM 1249 C CG2 . THR A 1 152 ? 5.545   -21.607 -14.008 1.00 67.54  ? 152 THR A CG2 1 
ATOM 1250 N N   . VAL A 1 153 ? 7.284   -19.475 -12.308 1.00 66.99  ? 153 VAL A N   1 
ATOM 1251 C CA  . VAL A 1 153 ? 6.897   -18.114 -11.941 1.00 66.92  ? 153 VAL A CA  1 
ATOM 1252 C C   . VAL A 1 153 ? 8.025   -17.118 -12.227 1.00 66.66  ? 153 VAL A C   1 
ATOM 1253 O O   . VAL A 1 153 ? 7.825   -16.112 -12.913 1.00 66.11  ? 153 VAL A O   1 
ATOM 1254 C CB  . VAL A 1 153 ? 6.539   -18.038 -10.435 1.00 67.16  ? 153 VAL A CB  1 
ATOM 1255 C CG1 . VAL A 1 153 ? 6.252   -16.612 -10.037 1.00 67.12  ? 153 VAL A CG1 1 
ATOM 1256 C CG2 . VAL A 1 153 ? 5.330   -18.906 -10.141 1.00 68.21  ? 153 VAL A CG2 1 
ATOM 1257 N N   . TRP A 1 154 ? 9.206   -17.423 -11.696 1.00 66.21  ? 154 TRP A N   1 
ATOM 1258 C CA  . TRP A 1 154 ? 10.403  -16.601 -11.837 1.00 66.05  ? 154 TRP A CA  1 
ATOM 1259 C C   . TRP A 1 154 ? 10.892  -16.392 -13.268 1.00 68.69  ? 154 TRP A C   1 
ATOM 1260 O O   . TRP A 1 154 ? 11.830  -15.638 -13.514 1.00 68.65  ? 154 TRP A O   1 
ATOM 1261 C CB  . TRP A 1 154 ? 11.517  -17.228 -11.025 1.00 61.85  ? 154 TRP A CB  1 
ATOM 1262 C CG  . TRP A 1 154 ? 11.163  -17.411 -9.601  1.00 59.40  ? 154 TRP A CG  1 
ATOM 1263 C CD1 . TRP A 1 154 ? 11.193  -18.575 -8.896  1.00 58.68  ? 154 TRP A CD1 1 
ATOM 1264 C CD2 . TRP A 1 154 ? 10.814  -16.382 -8.669  1.00 58.64  ? 154 TRP A CD2 1 
ATOM 1265 N NE1 . TRP A 1 154 ? 10.893  -18.338 -7.574  1.00 58.15  ? 154 TRP A NE1 1 
ATOM 1266 C CE2 . TRP A 1 154 ? 10.656  -16.999 -7.407  1.00 58.38  ? 154 TRP A CE2 1 
ATOM 1267 C CE3 . TRP A 1 154 ? 10.624  -14.996 -8.776  1.00 56.71  ? 154 TRP A CE3 1 
ATOM 1268 C CZ2 . TRP A 1 154 ? 10.316  -16.277 -6.255  1.00 56.62  ? 154 TRP A CZ2 1 
ATOM 1269 C CZ3 . TRP A 1 154 ? 10.287  -14.282 -7.634  1.00 56.87  ? 154 TRP A CZ3 1 
ATOM 1270 C CH2 . TRP A 1 154 ? 10.137  -14.926 -6.387  1.00 55.95  ? 154 TRP A CH2 1 
ATOM 1271 N N   . GLU A 1 155 ? 10.258  -17.074 -14.208 1.00 72.66  ? 155 GLU A N   1 
ATOM 1272 C CA  . GLU A 1 155 ? 10.617  -16.969 -15.616 1.00 75.72  ? 155 GLU A CA  1 
ATOM 1273 C C   . GLU A 1 155 ? 10.392  -15.546 -16.127 1.00 76.67  ? 155 GLU A C   1 
ATOM 1274 O O   . GLU A 1 155 ? 9.285   -15.014 -16.041 1.00 77.66  ? 155 GLU A O   1 
ATOM 1275 C CB  . GLU A 1 155 ? 9.764   -17.957 -16.412 1.00 78.76  ? 155 GLU A CB  1 
ATOM 1276 C CG  . GLU A 1 155 ? 9.875   -17.866 -17.914 1.00 81.79  ? 155 GLU A CG  1 
ATOM 1277 C CD  . GLU A 1 155 ? 8.635   -18.419 -18.593 1.00 82.76  ? 155 GLU A CD  1 
ATOM 1278 O OE1 . GLU A 1 155 ? 7.562   -17.788 -18.467 1.00 83.01  ? 155 GLU A OE1 1 
ATOM 1279 O OE2 . GLU A 1 155 ? 8.727   -19.484 -19.239 1.00 82.29  ? 155 GLU A OE2 1 
ATOM 1280 N N   . GLY A 1 156 ? 11.448  -14.935 -16.655 1.00 76.95  ? 156 GLY A N   1 
ATOM 1281 C CA  . GLY A 1 156 ? 11.340  -13.583 -17.173 1.00 77.11  ? 156 GLY A CA  1 
ATOM 1282 C C   . GLY A 1 156 ? 11.892  -12.539 -16.219 1.00 77.15  ? 156 GLY A C   1 
ATOM 1283 O O   . GLY A 1 156 ? 12.423  -11.516 -16.644 1.00 76.95  ? 156 GLY A O   1 
ATOM 1284 N N   . ILE A 1 157 ? 11.766  -12.799 -14.923 1.00 77.56  ? 157 ILE A N   1 
ATOM 1285 C CA  . ILE A 1 157 ? 12.251  -11.878 -13.906 1.00 77.89  ? 157 ILE A CA  1 
ATOM 1286 C C   . ILE A 1 157 ? 13.774  -11.844 -13.835 1.00 78.87  ? 157 ILE A C   1 
ATOM 1287 O O   . ILE A 1 157 ? 14.421  -12.859 -13.570 1.00 79.16  ? 157 ILE A O   1 
ATOM 1288 C CB  . ILE A 1 157 ? 11.668  -12.240 -12.510 1.00 77.15  ? 157 ILE A CB  1 
ATOM 1289 C CG1 . ILE A 1 157 ? 10.322  -11.535 -12.312 1.00 76.60  ? 157 ILE A CG1 1 
ATOM 1290 C CG2 . ILE A 1 157 ? 12.634  -11.837 -11.404 1.00 76.13  ? 157 ILE A CG2 1 
ATOM 1291 C CD1 . ILE A 1 157 ? 9.293   -11.834 -13.378 1.00 76.15  ? 157 ILE A CD1 1 
ATOM 1292 N N   . GLU A 1 158 ? 14.336  -10.664 -14.077 1.00 79.75  ? 158 GLU A N   1 
ATOM 1293 C CA  . GLU A 1 158 ? 15.779  -10.468 -14.037 1.00 80.18  ? 158 GLU A CA  1 
ATOM 1294 C C   . GLU A 1 158 ? 16.122  -9.651  -12.801 1.00 79.64  ? 158 GLU A C   1 
ATOM 1295 O O   . GLU A 1 158 ? 16.166  -8.426  -12.851 1.00 78.85  ? 158 GLU A O   1 
ATOM 1296 C CB  . GLU A 1 158 ? 16.237  -9.721  -15.287 1.00 81.91  ? 158 GLU A CB  1 
ATOM 1297 C CG  . GLU A 1 158 ? 15.837  -10.395 -16.584 1.00 85.24  ? 158 GLU A CG  1 
ATOM 1298 C CD  . GLU A 1 158 ? 16.215  -9.583  -17.807 1.00 87.33  ? 158 GLU A CD  1 
ATOM 1299 O OE1 . GLU A 1 158 ? 15.887  -10.020 -18.933 1.00 88.44  ? 158 GLU A OE1 1 
ATOM 1300 O OE2 . GLU A 1 158 ? 16.839  -8.510  -17.642 1.00 87.61  ? 158 GLU A OE2 1 
ATOM 1301 N N   . PRO A 1 159 ? 16.381  -10.324 -11.673 1.00 79.89  ? 159 PRO A N   1 
ATOM 1302 C CA  . PRO A 1 159 ? 16.718  -9.640  -10.421 1.00 80.67  ? 159 PRO A CA  1 
ATOM 1303 C C   . PRO A 1 159 ? 17.976  -8.792  -10.542 1.00 82.05  ? 159 PRO A C   1 
ATOM 1304 O O   . PRO A 1 159 ? 18.663  -8.829  -11.560 1.00 82.01  ? 159 PRO A O   1 
ATOM 1305 C CB  . PRO A 1 159 ? 16.900  -10.795 -9.445  1.00 80.15  ? 159 PRO A CB  1 
ATOM 1306 C CG  . PRO A 1 159 ? 17.487  -11.859 -10.317 1.00 79.80  ? 159 PRO A CG  1 
ATOM 1307 C CD  . PRO A 1 159 ? 16.612  -11.774 -11.553 1.00 79.37  ? 159 PRO A CD  1 
ATOM 1308 N N   . PRO A 1 160 ? 18.292  -8.009  -9.501  1.00 83.63  ? 160 PRO A N   1 
ATOM 1309 C CA  . PRO A 1 160 ? 19.498  -7.180  -9.562  1.00 84.62  ? 160 PRO A CA  1 
ATOM 1310 C C   . PRO A 1 160 ? 20.742  -8.073  -9.653  1.00 85.44  ? 160 PRO A C   1 
ATOM 1311 O O   . PRO A 1 160 ? 21.783  -7.669  -10.176 1.00 85.91  ? 160 PRO A O   1 
ATOM 1312 C CB  . PRO A 1 160 ? 19.433  -6.384  -8.257  1.00 84.17  ? 160 PRO A CB  1 
ATOM 1313 C CG  . PRO A 1 160 ? 18.733  -7.333  -7.327  1.00 83.74  ? 160 PRO A CG  1 
ATOM 1314 C CD  . PRO A 1 160 ? 17.618  -7.864  -8.199  1.00 83.50  ? 160 PRO A CD  1 
ATOM 1315 N N   . SER A 1 161 ? 20.610  -9.295  -9.141  1.00 85.95  ? 161 SER A N   1 
ATOM 1316 C CA  . SER A 1 161 ? 21.687  -10.279 -9.153  1.00 86.12  ? 161 SER A CA  1 
ATOM 1317 C C   . SER A 1 161 ? 21.097  -11.633 -8.779  1.00 86.45  ? 161 SER A C   1 
ATOM 1318 O O   . SER A 1 161 ? 20.407  -11.757 -7.766  1.00 86.42  ? 161 SER A O   1 
ATOM 1319 C CB  . SER A 1 161 ? 22.770  -9.907  -8.140  1.00 85.90  ? 161 SER A CB  1 
ATOM 1320 O OG  . SER A 1 161 ? 22.292  -10.052 -6.815  1.00 85.71  ? 161 SER A OG  1 
ATOM 1321 N N   . LYS A 1 162 ? 21.367  -12.643 -9.598  1.00 86.82  ? 162 LYS A N   1 
ATOM 1322 C CA  . LYS A 1 162 ? 20.853  -13.981 -9.339  1.00 87.66  ? 162 LYS A CA  1 
ATOM 1323 C C   . LYS A 1 162 ? 20.969  -14.347 -7.862  1.00 87.58  ? 162 LYS A C   1 
ATOM 1324 O O   . LYS A 1 162 ? 20.198  -15.155 -7.345  1.00 87.51  ? 162 LYS A O   1 
ATOM 1325 C CB  . LYS A 1 162 ? 21.611  -15.012 -10.182 1.00 88.03  ? 162 LYS A CB  1 
ATOM 1326 C CG  . LYS A 1 162 ? 21.380  -16.449 -9.738  1.00 89.24  ? 162 LYS A CG  1 
ATOM 1327 C CD  . LYS A 1 162 ? 22.214  -17.440 -10.531 1.00 90.10  ? 162 LYS A CD  1 
ATOM 1328 C CE  . LYS A 1 162 ? 22.198  -18.812 -9.865  1.00 90.73  ? 162 LYS A CE  1 
ATOM 1329 N NZ  . LYS A 1 162 ? 20.812  -19.315 -9.621  1.00 90.38  ? 162 LYS A NZ  1 
ATOM 1330 N N   . ASP A 1 163 ? 21.932  -13.737 -7.182  1.00 87.56  ? 163 ASP A N   1 
ATOM 1331 C CA  . ASP A 1 163 ? 22.164  -14.012 -5.773  1.00 87.34  ? 163 ASP A CA  1 
ATOM 1332 C C   . ASP A 1 163 ? 20.975  -13.642 -4.891  1.00 86.36  ? 163 ASP A C   1 
ATOM 1333 O O   . ASP A 1 163 ? 20.608  -14.394 -3.987  1.00 86.46  ? 163 ASP A O   1 
ATOM 1334 C CB  . ASP A 1 163 ? 23.407  -13.260 -5.299  1.00 88.70  ? 163 ASP A CB  1 
ATOM 1335 C CG  . ASP A 1 163 ? 24.151  -13.999 -4.208  1.00 89.76  ? 163 ASP A CG  1 
ATOM 1336 O OD1 . ASP A 1 163 ? 23.538  -14.298 -3.159  1.00 89.47  ? 163 ASP A OD1 1 
ATOM 1337 O OD2 . ASP A 1 163 ? 25.353  -14.284 -4.404  1.00 90.80  ? 163 ASP A OD2 1 
ATOM 1338 N N   . VAL A 1 164 ? 20.378  -12.483 -5.154  1.00 85.43  ? 164 VAL A N   1 
ATOM 1339 C CA  . VAL A 1 164 ? 19.234  -12.011 -4.374  1.00 84.00  ? 164 VAL A CA  1 
ATOM 1340 C C   . VAL A 1 164 ? 18.009  -12.884 -4.619  1.00 82.72  ? 164 VAL A C   1 
ATOM 1341 O O   . VAL A 1 164 ? 17.305  -13.265 -3.681  1.00 81.79  ? 164 VAL A O   1 
ATOM 1342 C CB  . VAL A 1 164 ? 18.871  -10.554 -4.736  1.00 84.10  ? 164 VAL A CB  1 
ATOM 1343 C CG1 . VAL A 1 164 ? 17.788  -10.043 -3.802  1.00 84.27  ? 164 VAL A CG1 1 
ATOM 1344 C CG2 . VAL A 1 164 ? 20.102  -9.673  -4.653  1.00 84.14  ? 164 VAL A CG2 1 
ATOM 1345 N N   . LEU A 1 165 ? 17.765  -13.198 -5.887  1.00 81.66  ? 165 LEU A N   1 
ATOM 1346 C CA  . LEU A 1 165 ? 16.631  -14.024 -6.266  1.00 81.09  ? 165 LEU A CA  1 
ATOM 1347 C C   . LEU A 1 165 ? 16.635  -15.338 -5.491  1.00 81.20  ? 165 LEU A C   1 
ATOM 1348 O O   . LEU A 1 165 ? 15.577  -15.836 -5.106  1.00 81.04  ? 165 LEU A O   1 
ATOM 1349 C CB  . LEU A 1 165 ? 16.665  -14.308 -7.766  1.00 80.56  ? 165 LEU A CB  1 
ATOM 1350 C CG  . LEU A 1 165 ? 15.319  -14.182 -8.476  1.00 80.87  ? 165 LEU A CG  1 
ATOM 1351 C CD1 . LEU A 1 165 ? 15.463  -14.619 -9.925  1.00 80.49  ? 165 LEU A CD1 1 
ATOM 1352 C CD2 . LEU A 1 165 ? 14.284  -15.029 -7.762  1.00 80.65  ? 165 LEU A CD2 1 
ATOM 1353 N N   . ASP A 1 166 ? 17.823  -15.895 -5.263  1.00 81.01  ? 166 ASP A N   1 
ATOM 1354 C CA  . ASP A 1 166 ? 17.942  -17.146 -4.517  1.00 80.48  ? 166 ASP A CA  1 
ATOM 1355 C C   . ASP A 1 166 ? 17.560  -16.928 -3.056  1.00 79.34  ? 166 ASP A C   1 
ATOM 1356 O O   . ASP A 1 166 ? 16.792  -17.702 -2.484  1.00 79.63  ? 166 ASP A O   1 
ATOM 1357 C CB  . ASP A 1 166 ? 19.374  -17.703 -4.586  1.00 81.32  ? 166 ASP A CB  1 
ATOM 1358 C CG  . ASP A 1 166 ? 19.749  -18.195 -5.975  1.00 82.75  ? 166 ASP A CG  1 
ATOM 1359 O OD1 . ASP A 1 166 ? 18.927  -18.898 -6.604  1.00 83.13  ? 166 ASP A OD1 1 
ATOM 1360 O OD2 . ASP A 1 166 ? 20.873  -17.890 -6.434  1.00 83.27  ? 166 ASP A OD2 1 
ATOM 1361 N N   . GLU A 1 167 ? 18.101  -15.874 -2.455  1.00 77.71  ? 167 GLU A N   1 
ATOM 1362 C CA  . GLU A 1 167 ? 17.805  -15.568 -1.063  1.00 77.01  ? 167 GLU A CA  1 
ATOM 1363 C C   . GLU A 1 167 ? 16.305  -15.360 -0.899  1.00 76.27  ? 167 GLU A C   1 
ATOM 1364 O O   . GLU A 1 167 ? 15.737  -15.651 0.156   1.00 75.89  ? 167 GLU A O   1 
ATOM 1365 C CB  . GLU A 1 167 ? 18.558  -14.312 -0.631  1.00 77.93  ? 167 GLU A CB  1 
ATOM 1366 C CG  . GLU A 1 167 ? 18.327  -13.905 0.817   1.00 80.17  ? 167 GLU A CG  1 
ATOM 1367 C CD  . GLU A 1 167 ? 18.694  -15.000 1.804   1.00 81.88  ? 167 GLU A CD  1 
ATOM 1368 O OE1 . GLU A 1 167 ? 19.810  -15.553 1.692   1.00 82.86  ? 167 GLU A OE1 1 
ATOM 1369 O OE2 . GLU A 1 167 ? 17.869  -15.302 2.697   1.00 81.88  ? 167 GLU A OE2 1 
ATOM 1370 N N   . LEU A 1 168 ? 15.670  -14.860 -1.955  1.00 75.02  ? 168 LEU A N   1 
ATOM 1371 C CA  . LEU A 1 168 ? 14.229  -14.613 -1.956  1.00 73.83  ? 168 LEU A CA  1 
ATOM 1372 C C   . LEU A 1 168 ? 13.476  -15.942 -2.022  1.00 73.05  ? 168 LEU A C   1 
ATOM 1373 O O   . LEU A 1 168 ? 12.643  -16.236 -1.161  1.00 71.43  ? 168 LEU A O   1 
ATOM 1374 C CB  . LEU A 1 168 ? 13.851  -13.735 -3.151  1.00 73.09  ? 168 LEU A CB  1 
ATOM 1375 C CG  . LEU A 1 168 ? 12.386  -13.327 -3.290  1.00 72.09  ? 168 LEU A CG  1 
ATOM 1376 C CD1 . LEU A 1 168 ? 11.963  -12.507 -2.085  1.00 70.65  ? 168 LEU A CD1 1 
ATOM 1377 C CD2 . LEU A 1 168 ? 12.205  -12.534 -4.576  1.00 72.75  ? 168 LEU A CD2 1 
ATOM 1378 N N   . LYS A 1 169 ? 13.775  -16.739 -3.048  1.00 73.13  ? 169 LYS A N   1 
ATOM 1379 C CA  . LYS A 1 169 ? 13.145  -18.046 -3.218  1.00 73.33  ? 169 LYS A CA  1 
ATOM 1380 C C   . LYS A 1 169 ? 13.276  -18.801 -1.906  1.00 74.75  ? 169 LYS A C   1 
ATOM 1381 O O   . LYS A 1 169 ? 12.341  -19.450 -1.443  1.00 75.62  ? 169 LYS A O   1 
ATOM 1382 C CB  . LYS A 1 169 ? 13.850  -18.858 -4.303  1.00 71.02  ? 169 LYS A CB  1 
ATOM 1383 C CG  . LYS A 1 169 ? 13.824  -18.267 -5.696  1.00 70.38  ? 169 LYS A CG  1 
ATOM 1384 C CD  . LYS A 1 169 ? 14.542  -19.207 -6.653  1.00 70.06  ? 169 LYS A CD  1 
ATOM 1385 C CE  . LYS A 1 169 ? 14.606  -18.658 -8.065  1.00 70.44  ? 169 LYS A CE  1 
ATOM 1386 N NZ  . LYS A 1 169 ? 15.303  -19.612 -8.981  1.00 69.70  ? 169 LYS A NZ  1 
ATOM 1387 N N   . ASN A 1 170 ? 14.458  -18.703 -1.315  1.00 76.35  ? 170 ASN A N   1 
ATOM 1388 C CA  . ASN A 1 170 ? 14.762  -19.366 -0.058  1.00 78.40  ? 170 ASN A CA  1 
ATOM 1389 C C   . ASN A 1 170 ? 13.947  -18.820 1.119   1.00 78.73  ? 170 ASN A C   1 
ATOM 1390 O O   . ASN A 1 170 ? 13.415  -19.581 1.926   1.00 77.57  ? 170 ASN A O   1 
ATOM 1391 C CB  . ASN A 1 170 ? 16.260  -19.228 0.230   1.00 80.69  ? 170 ASN A CB  1 
ATOM 1392 C CG  . ASN A 1 170 ? 16.658  -19.826 1.565   1.00 82.58  ? 170 ASN A CG  1 
ATOM 1393 O OD1 . ASN A 1 170 ? 16.508  -21.030 1.786   1.00 83.31  ? 170 ASN A OD1 1 
ATOM 1394 N ND2 . ASN A 1 170 ? 17.166  -18.987 2.467   1.00 83.15  ? 170 ASN A ND2 1 
ATOM 1395 N N   . TYR A 1 171 ? 13.849  -17.498 1.209   1.00 80.57  ? 171 TYR A N   1 
ATOM 1396 C CA  . TYR A 1 171 ? 13.123  -16.864 2.305   1.00 82.36  ? 171 TYR A CA  1 
ATOM 1397 C C   . TYR A 1 171 ? 11.621  -17.127 2.271   1.00 83.10  ? 171 TYR A C   1 
ATOM 1398 O O   . TYR A 1 171 ? 11.002  -17.359 3.313   1.00 82.31  ? 171 TYR A O   1 
ATOM 1399 C CB  . TYR A 1 171 ? 13.391  -15.356 2.299   1.00 82.80  ? 171 TYR A CB  1 
ATOM 1400 C CG  . TYR A 1 171 ? 12.809  -14.618 3.484   1.00 83.63  ? 171 TYR A CG  1 
ATOM 1401 C CD1 . TYR A 1 171 ? 11.476  -14.203 3.491   1.00 83.94  ? 171 TYR A CD1 1 
ATOM 1402 C CD2 . TYR A 1 171 ? 13.591  -14.333 4.602   1.00 84.08  ? 171 TYR A CD2 1 
ATOM 1403 C CE1 . TYR A 1 171 ? 10.941  -13.516 4.582   1.00 84.36  ? 171 TYR A CE1 1 
ATOM 1404 C CE2 . TYR A 1 171 ? 13.066  -13.650 5.699   1.00 84.60  ? 171 TYR A CE2 1 
ATOM 1405 C CZ  . TYR A 1 171 ? 11.741  -13.244 5.681   1.00 84.61  ? 171 TYR A CZ  1 
ATOM 1406 O OH  . TYR A 1 171 ? 11.224  -12.560 6.757   1.00 84.38  ? 171 TYR A OH  1 
ATOM 1407 N N   . ILE A 1 172 ? 11.039  -17.090 1.075   1.00 84.12  ? 172 ILE A N   1 
ATOM 1408 C CA  . ILE A 1 172 ? 9.609   -17.327 0.913   1.00 84.87  ? 172 ILE A CA  1 
ATOM 1409 C C   . ILE A 1 172 ? 9.224   -18.706 1.445   1.00 86.43  ? 172 ILE A C   1 
ATOM 1410 O O   . ILE A 1 172 ? 8.128   -18.891 1.975   1.00 86.37  ? 172 ILE A O   1 
ATOM 1411 C CB  . ILE A 1 172 ? 9.189   -17.223 -0.576  1.00 83.64  ? 172 ILE A CB  1 
ATOM 1412 C CG1 . ILE A 1 172 ? 9.394   -15.792 -1.073  1.00 82.54  ? 172 ILE A CG1 1 
ATOM 1413 C CG2 . ILE A 1 172 ? 7.731   -17.619 -0.743  1.00 83.18  ? 172 ILE A CG2 1 
ATOM 1414 C CD1 . ILE A 1 172 ? 9.007   -15.585 -2.520  1.00 81.61  ? 172 ILE A CD1 1 
ATOM 1415 N N   . SER A 1 173 ? 10.141  -19.663 1.312   1.00 88.60  ? 173 SER A N   1 
ATOM 1416 C CA  . SER A 1 173 ? 9.918   -21.036 1.766   1.00 90.96  ? 173 SER A CA  1 
ATOM 1417 C C   . SER A 1 173 ? 9.582   -21.147 3.256   1.00 92.95  ? 173 SER A C   1 
ATOM 1418 O O   . SER A 1 173 ? 8.505   -21.627 3.621   1.00 93.55  ? 173 SER A O   1 
ATOM 1419 C CB  . SER A 1 173 ? 11.147  -21.888 1.458   1.00 90.18  ? 173 SER A CB  1 
ATOM 1420 O OG  . SER A 1 173 ? 11.431  -21.863 0.071   1.00 90.22  ? 173 SER A OG  1 
ATOM 1421 N N   . LYS A 1 174 ? 10.504  -20.715 4.112   1.00 94.94  ? 174 LYS A N   1 
ATOM 1422 C CA  . LYS A 1 174 ? 10.277  -20.773 5.555   1.00 96.94  ? 174 LYS A CA  1 
ATOM 1423 C C   . LYS A 1 174 ? 9.101   -19.886 5.975   1.00 97.55  ? 174 LYS A C   1 
ATOM 1424 O O   . LYS A 1 174 ? 8.974   -18.750 5.510   1.00 97.81  ? 174 LYS A O   1 
ATOM 1425 C CB  . LYS A 1 174 ? 11.539  -20.345 6.315   1.00 97.71  ? 174 LYS A CB  1 
ATOM 1426 C CG  . LYS A 1 174 ? 11.343  -20.250 7.830   1.00 98.91  ? 174 LYS A CG  1 
ATOM 1427 C CD  . LYS A 1 174 ? 10.820  -21.563 8.416   1.00 99.63  ? 174 LYS A CD  1 
ATOM 1428 C CE  . LYS A 1 174 ? 10.472  -21.422 9.892   1.00 99.71  ? 174 LYS A CE  1 
ATOM 1429 N NZ  . LYS A 1 174 ? 9.393   -20.415 10.122  1.00 100.25 ? 174 LYS A NZ  1 
ATOM 1430 N N   . ARG A 1 175 ? 8.250   -20.418 6.856   1.00 97.90  ? 175 ARG A N   1 
ATOM 1431 C CA  . ARG A 1 175 ? 7.076   -19.701 7.366   1.00 97.99  ? 175 ARG A CA  1 
ATOM 1432 C C   . ARG A 1 175 ? 5.999   -19.506 6.291   1.00 98.39  ? 175 ARG A C   1 
ATOM 1433 O O   . ARG A 1 175 ? 4.856   -19.967 6.512   1.00 98.61  ? 175 ARG A O   1 
ATOM 1434 C CB  . ARG A 1 175 ? 7.499   -18.341 7.946   1.00 97.16  ? 175 ARG A CB  1 
ATOM 1435 C CG  . ARG A 1 175 ? 6.372   -17.495 8.541   1.00 95.88  ? 175 ARG A CG  1 
ATOM 1436 C CD  . ARG A 1 175 ? 5.698   -18.169 9.735   1.00 95.05  ? 175 ARG A CD  1 
ATOM 1437 N NE  . ARG A 1 175 ? 4.715   -19.173 9.336   0.50 93.88  ? 175 ARG A NE  1 
ATOM 1438 C CZ  . ARG A 1 175 ? 3.587   -18.900 8.685   0.50 93.30  ? 175 ARG A CZ  1 
ATOM 1439 N NH1 . ARG A 1 175 ? 3.294   -17.649 8.354   0.50 92.55  ? 175 ARG A NH1 1 
ATOM 1440 N NH2 . ARG A 1 175 ? 2.751   -19.878 8.365   0.50 93.15  ? 175 ARG A NH2 1 
ATOM 1441 O OXT . ARG A 1 175 ? 6.303   -18.898 5.239   1.00 98.49  ? 175 ARG A OXT 1 
# 
